data_1G3W
# 
_entry.id   1G3W 
# 
_audit_conform.dict_name       mmcif_pdbx.dic 
_audit_conform.dict_version    5.385 
_audit_conform.dict_location   http://mmcif.pdb.org/dictionaries/ascii/mmcif_pdbx.dic 
# 
loop_
_database_2.database_id 
_database_2.database_code 
_database_2.pdbx_database_accession 
_database_2.pdbx_DOI 
PDB   1G3W         pdb_00001g3w 10.2210/pdb1g3w/pdb 
RCSB  RCSB012200   ?            ?                   
WWPDB D_1000012200 ?            ?                   
# 
loop_
_pdbx_audit_revision_history.ordinal 
_pdbx_audit_revision_history.data_content_type 
_pdbx_audit_revision_history.major_revision 
_pdbx_audit_revision_history.minor_revision 
_pdbx_audit_revision_history.revision_date 
1 'Structure model' 1 0 2001-10-25 
2 'Structure model' 1 1 2008-04-27 
3 'Structure model' 1 2 2011-07-13 
4 'Structure model' 1 3 2017-10-04 
5 'Structure model' 1 4 2018-04-04 
6 'Structure model' 1 5 2021-10-27 
7 'Structure model' 1 6 2024-02-07 
# 
_pdbx_audit_revision_details.ordinal             1 
_pdbx_audit_revision_details.revision_ordinal    1 
_pdbx_audit_revision_details.data_content_type   'Structure model' 
_pdbx_audit_revision_details.provider            repository 
_pdbx_audit_revision_details.type                'Initial release' 
_pdbx_audit_revision_details.description         ? 
_pdbx_audit_revision_details.details             ? 
# 
loop_
_pdbx_audit_revision_group.ordinal 
_pdbx_audit_revision_group.revision_ordinal 
_pdbx_audit_revision_group.data_content_type 
_pdbx_audit_revision_group.group 
1 2 'Structure model' 'Version format compliance' 
2 3 'Structure model' 'Version format compliance' 
3 4 'Structure model' 'Refinement description'    
4 5 'Structure model' 'Data collection'           
5 6 'Structure model' 'Database references'       
6 6 'Structure model' 'Derived calculations'      
7 7 'Structure model' 'Data collection'           
# 
loop_
_pdbx_audit_revision_category.ordinal 
_pdbx_audit_revision_category.revision_ordinal 
_pdbx_audit_revision_category.data_content_type 
_pdbx_audit_revision_category.category 
1  4 'Structure model' software               
2  5 'Structure model' diffrn_source          
3  6 'Structure model' database_2             
4  6 'Structure model' pdbx_struct_conn_angle 
5  6 'Structure model' struct_conn            
6  6 'Structure model' struct_ref_seq_dif     
7  6 'Structure model' struct_sheet           
8  6 'Structure model' struct_site            
9  7 'Structure model' chem_comp_atom         
10 7 'Structure model' chem_comp_bond         
# 
loop_
_pdbx_audit_revision_item.ordinal 
_pdbx_audit_revision_item.revision_ordinal 
_pdbx_audit_revision_item.data_content_type 
_pdbx_audit_revision_item.item 
1  5 'Structure model' '_diffrn_source.type'                         
2  6 'Structure model' '_database_2.pdbx_DOI'                        
3  6 'Structure model' '_database_2.pdbx_database_accession'         
4  6 'Structure model' '_pdbx_struct_conn_angle.ptnr1_auth_comp_id'  
5  6 'Structure model' '_pdbx_struct_conn_angle.ptnr1_auth_seq_id'   
6  6 'Structure model' '_pdbx_struct_conn_angle.ptnr1_label_asym_id' 
7  6 'Structure model' '_pdbx_struct_conn_angle.ptnr1_label_atom_id' 
8  6 'Structure model' '_pdbx_struct_conn_angle.ptnr1_label_comp_id' 
9  6 'Structure model' '_pdbx_struct_conn_angle.ptnr1_label_seq_id'  
10 6 'Structure model' '_pdbx_struct_conn_angle.ptnr3_auth_comp_id'  
11 6 'Structure model' '_pdbx_struct_conn_angle.ptnr3_auth_seq_id'   
12 6 'Structure model' '_pdbx_struct_conn_angle.ptnr3_label_asym_id' 
13 6 'Structure model' '_pdbx_struct_conn_angle.ptnr3_label_atom_id' 
14 6 'Structure model' '_pdbx_struct_conn_angle.ptnr3_label_comp_id' 
15 6 'Structure model' '_pdbx_struct_conn_angle.ptnr3_label_seq_id'  
16 6 'Structure model' '_pdbx_struct_conn_angle.value'               
17 6 'Structure model' '_struct_conn.pdbx_dist_value'                
18 6 'Structure model' '_struct_conn.ptnr1_auth_comp_id'             
19 6 'Structure model' '_struct_conn.ptnr1_auth_seq_id'              
20 6 'Structure model' '_struct_conn.ptnr1_label_asym_id'            
21 6 'Structure model' '_struct_conn.ptnr1_label_atom_id'            
22 6 'Structure model' '_struct_conn.ptnr1_label_comp_id'            
23 6 'Structure model' '_struct_conn.ptnr1_label_seq_id'             
24 6 'Structure model' '_struct_conn.ptnr2_auth_comp_id'             
25 6 'Structure model' '_struct_conn.ptnr2_auth_seq_id'              
26 6 'Structure model' '_struct_conn.ptnr2_label_asym_id'            
27 6 'Structure model' '_struct_conn.ptnr2_label_atom_id'            
28 6 'Structure model' '_struct_conn.ptnr2_label_comp_id'            
29 6 'Structure model' '_struct_conn.ptnr2_label_seq_id'             
30 6 'Structure model' '_struct_ref_seq_dif.details'                 
31 6 'Structure model' '_struct_sheet.number_strands'                
32 6 'Structure model' '_struct_site.pdbx_auth_asym_id'              
33 6 'Structure model' '_struct_site.pdbx_auth_comp_id'              
34 6 'Structure model' '_struct_site.pdbx_auth_seq_id'               
# 
_pdbx_database_status.status_code                     REL 
_pdbx_database_status.entry_id                        1G3W 
_pdbx_database_status.recvd_initial_deposition_date   2000-10-25 
_pdbx_database_status.deposit_site                    RCSB 
_pdbx_database_status.process_site                    RCSB 
_pdbx_database_status.status_code_sf                  REL 
_pdbx_database_status.SG_entry                        . 
_pdbx_database_status.pdb_format_compatible           Y 
_pdbx_database_status.status_code_mr                  ? 
_pdbx_database_status.status_code_cs                  ? 
_pdbx_database_status.methods_development_category    ? 
_pdbx_database_status.status_code_nmr_data            ? 
# 
loop_
_pdbx_database_related.db_name 
_pdbx_database_related.db_id 
_pdbx_database_related.details 
_pdbx_database_related.content_type 
PDB 1fwz 'DxtR E20A mutant'                          unspecified 
PDB 1g3s 'DxtR C102S mutant in P 31 2 1 space group' unspecified 
PDB 1g3t 'DxtR C102S mutant in P 32 2 1 space group' unspecified 
PDB 1g3y 'DxtR R80A mutant'                          unspecified 
# 
loop_
_audit_author.name 
_audit_author.pdbx_ordinal 
'Pohl, E.'               1 
'Goranson-Siekierke, J.' 2 
'Holmes, R.K.'           3 
'Hol, W.G.J.'            4 
# 
_citation.id                        primary 
_citation.title                     
'Structures of three diphtheria toxin repressor (DtxR) variants with decreased repressor activity.' 
_citation.journal_abbrev            'Acta Crystallogr.,Sect.D' 
_citation.journal_volume            57 
_citation.page_first                619 
_citation.page_last                 627 
_citation.year                      2001 
_citation.journal_id_ASTM           ABCRE6 
_citation.country                   DK 
_citation.journal_id_ISSN           0907-4449 
_citation.journal_id_CSD            0766 
_citation.book_publisher            ? 
_citation.pdbx_database_id_PubMed   11320302 
_citation.pdbx_database_id_DOI      10.1107/S090744490100230X 
# 
loop_
_citation_author.citation_id 
_citation_author.name 
_citation_author.ordinal 
_citation_author.identifier_ORCID 
primary 'Pohl, E.'               1 ? 
primary 'Goranson-Siekierke, J.' 2 ? 
primary 'Choi, M.K.'             3 ? 
primary 'Roosild, T.'            4 ? 
primary 'Holmes, R.K.'           5 ? 
primary 'Hol, W.G.'              6 ? 
# 
loop_
_entity.id 
_entity.type 
_entity.src_method 
_entity.pdbx_description 
_entity.formula_weight 
_entity.pdbx_number_of_molecules 
_entity.pdbx_ec 
_entity.pdbx_mutation 
_entity.pdbx_fragment 
_entity.details 
1 polymer     man 'DIPHTHERIA TOXIN REPRESSOR' 25333.730 1  ? C102 ? ? 
2 non-polymer syn 'CADMIUM ION'                112.411   1  ? ?    ? ? 
3 non-polymer syn 'SULFATE ION'                96.063    1  ? ?    ? ? 
4 water       nat water                        18.015    71 ? ?    ? ? 
# 
_entity_name_com.entity_id   1 
_entity_name_com.name        DTXR 
# 
_entity_poly.entity_id                      1 
_entity_poly.type                           'polypeptide(L)' 
_entity_poly.nstd_linkage                   no 
_entity_poly.nstd_monomer                   no 
_entity_poly.pdbx_seq_one_letter_code       
;MKDLVDTTEMYLRTIYELEEEGVTPLRARIAERLEQSGPTVSQTVARMERDGLVVVASDRSLQMTPTGRTLATAVMRKHR
LAERLLTDIIGLDINKVHDEASRWEHVMSDEVERRLVKVLKDVSRSPFGNPIPGLDELGVGNSDAAAPGTRVIDAATSMP
RKVRIVQINEIFQVETDQFTQLLDADIRVGSEVEIVDRDGHITLSHNGKDVELLDDLAHTIRIEEL
;
_entity_poly.pdbx_seq_one_letter_code_can   
;MKDLVDTTEMYLRTIYELEEEGVTPLRARIAERLEQSGPTVSQTVARMERDGLVVVASDRSLQMTPTGRTLATAVMRKHR
LAERLLTDIIGLDINKVHDEASRWEHVMSDEVERRLVKVLKDVSRSPFGNPIPGLDELGVGNSDAAAPGTRVIDAATSMP
RKVRIVQINEIFQVETDQFTQLLDADIRVGSEVEIVDRDGHITLSHNGKDVELLDDLAHTIRIEEL
;
_entity_poly.pdbx_strand_id                 A 
_entity_poly.pdbx_target_identifier         ? 
# 
loop_
_pdbx_entity_nonpoly.entity_id 
_pdbx_entity_nonpoly.name 
_pdbx_entity_nonpoly.comp_id 
2 'CADMIUM ION' CD  
3 'SULFATE ION' SO4 
4 water         HOH 
# 
loop_
_entity_poly_seq.entity_id 
_entity_poly_seq.num 
_entity_poly_seq.mon_id 
_entity_poly_seq.hetero 
1 1   MET n 
1 2   LYS n 
1 3   ASP n 
1 4   LEU n 
1 5   VAL n 
1 6   ASP n 
1 7   THR n 
1 8   THR n 
1 9   GLU n 
1 10  MET n 
1 11  TYR n 
1 12  LEU n 
1 13  ARG n 
1 14  THR n 
1 15  ILE n 
1 16  TYR n 
1 17  GLU n 
1 18  LEU n 
1 19  GLU n 
1 20  GLU n 
1 21  GLU n 
1 22  GLY n 
1 23  VAL n 
1 24  THR n 
1 25  PRO n 
1 26  LEU n 
1 27  ARG n 
1 28  ALA n 
1 29  ARG n 
1 30  ILE n 
1 31  ALA n 
1 32  GLU n 
1 33  ARG n 
1 34  LEU n 
1 35  GLU n 
1 36  GLN n 
1 37  SER n 
1 38  GLY n 
1 39  PRO n 
1 40  THR n 
1 41  VAL n 
1 42  SER n 
1 43  GLN n 
1 44  THR n 
1 45  VAL n 
1 46  ALA n 
1 47  ARG n 
1 48  MET n 
1 49  GLU n 
1 50  ARG n 
1 51  ASP n 
1 52  GLY n 
1 53  LEU n 
1 54  VAL n 
1 55  VAL n 
1 56  VAL n 
1 57  ALA n 
1 58  SER n 
1 59  ASP n 
1 60  ARG n 
1 61  SER n 
1 62  LEU n 
1 63  GLN n 
1 64  MET n 
1 65  THR n 
1 66  PRO n 
1 67  THR n 
1 68  GLY n 
1 69  ARG n 
1 70  THR n 
1 71  LEU n 
1 72  ALA n 
1 73  THR n 
1 74  ALA n 
1 75  VAL n 
1 76  MET n 
1 77  ARG n 
1 78  LYS n 
1 79  HIS n 
1 80  ARG n 
1 81  LEU n 
1 82  ALA n 
1 83  GLU n 
1 84  ARG n 
1 85  LEU n 
1 86  LEU n 
1 87  THR n 
1 88  ASP n 
1 89  ILE n 
1 90  ILE n 
1 91  GLY n 
1 92  LEU n 
1 93  ASP n 
1 94  ILE n 
1 95  ASN n 
1 96  LYS n 
1 97  VAL n 
1 98  HIS n 
1 99  ASP n 
1 100 GLU n 
1 101 ALA n 
1 102 SER n 
1 103 ARG n 
1 104 TRP n 
1 105 GLU n 
1 106 HIS n 
1 107 VAL n 
1 108 MET n 
1 109 SER n 
1 110 ASP n 
1 111 GLU n 
1 112 VAL n 
1 113 GLU n 
1 114 ARG n 
1 115 ARG n 
1 116 LEU n 
1 117 VAL n 
1 118 LYS n 
1 119 VAL n 
1 120 LEU n 
1 121 LYS n 
1 122 ASP n 
1 123 VAL n 
1 124 SER n 
1 125 ARG n 
1 126 SER n 
1 127 PRO n 
1 128 PHE n 
1 129 GLY n 
1 130 ASN n 
1 131 PRO n 
1 132 ILE n 
1 133 PRO n 
1 134 GLY n 
1 135 LEU n 
1 136 ASP n 
1 137 GLU n 
1 138 LEU n 
1 139 GLY n 
1 140 VAL n 
1 141 GLY n 
1 142 ASN n 
1 143 SER n 
1 144 ASP n 
1 145 ALA n 
1 146 ALA n 
1 147 ALA n 
1 148 PRO n 
1 149 GLY n 
1 150 THR n 
1 151 ARG n 
1 152 VAL n 
1 153 ILE n 
1 154 ASP n 
1 155 ALA n 
1 156 ALA n 
1 157 THR n 
1 158 SER n 
1 159 MET n 
1 160 PRO n 
1 161 ARG n 
1 162 LYS n 
1 163 VAL n 
1 164 ARG n 
1 165 ILE n 
1 166 VAL n 
1 167 GLN n 
1 168 ILE n 
1 169 ASN n 
1 170 GLU n 
1 171 ILE n 
1 172 PHE n 
1 173 GLN n 
1 174 VAL n 
1 175 GLU n 
1 176 THR n 
1 177 ASP n 
1 178 GLN n 
1 179 PHE n 
1 180 THR n 
1 181 GLN n 
1 182 LEU n 
1 183 LEU n 
1 184 ASP n 
1 185 ALA n 
1 186 ASP n 
1 187 ILE n 
1 188 ARG n 
1 189 VAL n 
1 190 GLY n 
1 191 SER n 
1 192 GLU n 
1 193 VAL n 
1 194 GLU n 
1 195 ILE n 
1 196 VAL n 
1 197 ASP n 
1 198 ARG n 
1 199 ASP n 
1 200 GLY n 
1 201 HIS n 
1 202 ILE n 
1 203 THR n 
1 204 LEU n 
1 205 SER n 
1 206 HIS n 
1 207 ASN n 
1 208 GLY n 
1 209 LYS n 
1 210 ASP n 
1 211 VAL n 
1 212 GLU n 
1 213 LEU n 
1 214 LEU n 
1 215 ASP n 
1 216 ASP n 
1 217 LEU n 
1 218 ALA n 
1 219 HIS n 
1 220 THR n 
1 221 ILE n 
1 222 ARG n 
1 223 ILE n 
1 224 GLU n 
1 225 GLU n 
1 226 LEU n 
# 
_entity_src_gen.entity_id                          1 
_entity_src_gen.pdbx_src_id                        1 
_entity_src_gen.pdbx_alt_source_flag               sample 
_entity_src_gen.pdbx_seq_type                      ? 
_entity_src_gen.pdbx_beg_seq_num                   ? 
_entity_src_gen.pdbx_end_seq_num                   ? 
_entity_src_gen.gene_src_common_name               ? 
_entity_src_gen.gene_src_genus                     Corynebacterium 
_entity_src_gen.pdbx_gene_src_gene                 ? 
_entity_src_gen.gene_src_species                   ? 
_entity_src_gen.gene_src_strain                    ? 
_entity_src_gen.gene_src_tissue                    ? 
_entity_src_gen.gene_src_tissue_fraction           ? 
_entity_src_gen.gene_src_details                   ? 
_entity_src_gen.pdbx_gene_src_fragment             ? 
_entity_src_gen.pdbx_gene_src_scientific_name      'Corynebacterium diphtheriae' 
_entity_src_gen.pdbx_gene_src_ncbi_taxonomy_id     1717 
_entity_src_gen.pdbx_gene_src_variant              ? 
_entity_src_gen.pdbx_gene_src_cell_line            ? 
_entity_src_gen.pdbx_gene_src_atcc                 ? 
_entity_src_gen.pdbx_gene_src_organ                ? 
_entity_src_gen.pdbx_gene_src_organelle            ? 
_entity_src_gen.pdbx_gene_src_cell                 ? 
_entity_src_gen.pdbx_gene_src_cellular_location    ? 
_entity_src_gen.host_org_common_name               ? 
_entity_src_gen.pdbx_host_org_scientific_name      'Escherichia coli' 
_entity_src_gen.pdbx_host_org_ncbi_taxonomy_id     562 
_entity_src_gen.host_org_genus                     Escherichia 
_entity_src_gen.pdbx_host_org_gene                 ? 
_entity_src_gen.pdbx_host_org_organ                ? 
_entity_src_gen.host_org_species                   ? 
_entity_src_gen.pdbx_host_org_tissue               ? 
_entity_src_gen.pdbx_host_org_tissue_fraction      ? 
_entity_src_gen.pdbx_host_org_strain               ? 
_entity_src_gen.pdbx_host_org_variant              ? 
_entity_src_gen.pdbx_host_org_cell_line            ? 
_entity_src_gen.pdbx_host_org_atcc                 ? 
_entity_src_gen.pdbx_host_org_culture_collection   ? 
_entity_src_gen.pdbx_host_org_cell                 ? 
_entity_src_gen.pdbx_host_org_organelle            ? 
_entity_src_gen.pdbx_host_org_cellular_location    ? 
_entity_src_gen.pdbx_host_org_vector_type          ? 
_entity_src_gen.pdbx_host_org_vector               ? 
_entity_src_gen.host_org_details                   ? 
_entity_src_gen.expression_system_id               ? 
_entity_src_gen.plasmid_name                       ? 
_entity_src_gen.plasmid_details                    ? 
_entity_src_gen.pdbx_description                   ? 
# 
loop_
_chem_comp.id 
_chem_comp.type 
_chem_comp.mon_nstd_flag 
_chem_comp.name 
_chem_comp.pdbx_synonyms 
_chem_comp.formula 
_chem_comp.formula_weight 
ALA 'L-peptide linking' y ALANINE         ? 'C3 H7 N O2'     89.093  
ARG 'L-peptide linking' y ARGININE        ? 'C6 H15 N4 O2 1' 175.209 
ASN 'L-peptide linking' y ASPARAGINE      ? 'C4 H8 N2 O3'    132.118 
ASP 'L-peptide linking' y 'ASPARTIC ACID' ? 'C4 H7 N O4'     133.103 
CD  non-polymer         . 'CADMIUM ION'   ? 'Cd 2'           112.411 
CYS 'L-peptide linking' y CYSTEINE        ? 'C3 H7 N O2 S'   121.158 
GLN 'L-peptide linking' y GLUTAMINE       ? 'C5 H10 N2 O3'   146.144 
GLU 'L-peptide linking' y 'GLUTAMIC ACID' ? 'C5 H9 N O4'     147.129 
GLY 'peptide linking'   y GLYCINE         ? 'C2 H5 N O2'     75.067  
HIS 'L-peptide linking' y HISTIDINE       ? 'C6 H10 N3 O2 1' 156.162 
HOH non-polymer         . WATER           ? 'H2 O'           18.015  
ILE 'L-peptide linking' y ISOLEUCINE      ? 'C6 H13 N O2'    131.173 
LEU 'L-peptide linking' y LEUCINE         ? 'C6 H13 N O2'    131.173 
LYS 'L-peptide linking' y LYSINE          ? 'C6 H15 N2 O2 1' 147.195 
MET 'L-peptide linking' y METHIONINE      ? 'C5 H11 N O2 S'  149.211 
PHE 'L-peptide linking' y PHENYLALANINE   ? 'C9 H11 N O2'    165.189 
PRO 'L-peptide linking' y PROLINE         ? 'C5 H9 N O2'     115.130 
SER 'L-peptide linking' y SERINE          ? 'C3 H7 N O3'     105.093 
SO4 non-polymer         . 'SULFATE ION'   ? 'O4 S -2'        96.063  
THR 'L-peptide linking' y THREONINE       ? 'C4 H9 N O3'     119.119 
TRP 'L-peptide linking' y TRYPTOPHAN      ? 'C11 H12 N2 O2'  204.225 
TYR 'L-peptide linking' y TYROSINE        ? 'C9 H11 N O3'    181.189 
VAL 'L-peptide linking' y VALINE          ? 'C5 H11 N O2'    117.146 
# 
loop_
_pdbx_poly_seq_scheme.asym_id 
_pdbx_poly_seq_scheme.entity_id 
_pdbx_poly_seq_scheme.seq_id 
_pdbx_poly_seq_scheme.mon_id 
_pdbx_poly_seq_scheme.ndb_seq_num 
_pdbx_poly_seq_scheme.pdb_seq_num 
_pdbx_poly_seq_scheme.auth_seq_num 
_pdbx_poly_seq_scheme.pdb_mon_id 
_pdbx_poly_seq_scheme.auth_mon_id 
_pdbx_poly_seq_scheme.pdb_strand_id 
_pdbx_poly_seq_scheme.pdb_ins_code 
_pdbx_poly_seq_scheme.hetero 
A 1 1   MET 1   1   ?   ?   ?   A . n 
A 1 2   LYS 2   2   ?   ?   ?   A . n 
A 1 3   ASP 3   3   ?   ?   ?   A . n 
A 1 4   LEU 4   4   4   LEU LEU A . n 
A 1 5   VAL 5   5   5   VAL VAL A . n 
A 1 6   ASP 6   6   6   ASP ASP A . n 
A 1 7   THR 7   7   7   THR THR A . n 
A 1 8   THR 8   8   8   THR THR A . n 
A 1 9   GLU 9   9   9   GLU GLU A . n 
A 1 10  MET 10  10  10  MET MET A . n 
A 1 11  TYR 11  11  11  TYR TYR A . n 
A 1 12  LEU 12  12  12  LEU LEU A . n 
A 1 13  ARG 13  13  13  ARG ARG A . n 
A 1 14  THR 14  14  14  THR THR A . n 
A 1 15  ILE 15  15  15  ILE ILE A . n 
A 1 16  TYR 16  16  16  TYR TYR A . n 
A 1 17  GLU 17  17  17  GLU GLU A . n 
A 1 18  LEU 18  18  18  LEU LEU A . n 
A 1 19  GLU 19  19  19  GLU GLU A . n 
A 1 20  GLU 20  20  20  GLU GLU A . n 
A 1 21  GLU 21  21  21  GLU GLU A . n 
A 1 22  GLY 22  22  22  GLY GLY A . n 
A 1 23  VAL 23  23  23  VAL VAL A . n 
A 1 24  THR 24  24  24  THR THR A . n 
A 1 25  PRO 25  25  25  PRO PRO A . n 
A 1 26  LEU 26  26  26  LEU LEU A . n 
A 1 27  ARG 27  27  27  ARG ARG A . n 
A 1 28  ALA 28  28  28  ALA ALA A . n 
A 1 29  ARG 29  29  29  ARG ARG A . n 
A 1 30  ILE 30  30  30  ILE ILE A . n 
A 1 31  ALA 31  31  31  ALA ALA A . n 
A 1 32  GLU 32  32  32  GLU GLU A . n 
A 1 33  ARG 33  33  33  ARG ARG A . n 
A 1 34  LEU 34  34  34  LEU LEU A . n 
A 1 35  GLU 35  35  35  GLU GLU A . n 
A 1 36  GLN 36  36  36  GLN GLN A . n 
A 1 37  SER 37  37  37  SER SER A . n 
A 1 38  GLY 38  38  38  GLY GLY A . n 
A 1 39  PRO 39  39  39  PRO PRO A . n 
A 1 40  THR 40  40  40  THR THR A . n 
A 1 41  VAL 41  41  41  VAL VAL A . n 
A 1 42  SER 42  42  42  SER SER A . n 
A 1 43  GLN 43  43  43  GLN GLN A . n 
A 1 44  THR 44  44  44  THR THR A . n 
A 1 45  VAL 45  45  45  VAL VAL A . n 
A 1 46  ALA 46  46  46  ALA ALA A . n 
A 1 47  ARG 47  47  47  ARG ARG A . n 
A 1 48  MET 48  48  48  MET MET A . n 
A 1 49  GLU 49  49  49  GLU GLU A . n 
A 1 50  ARG 50  50  50  ARG ARG A . n 
A 1 51  ASP 51  51  51  ASP ASP A . n 
A 1 52  GLY 52  52  52  GLY GLY A . n 
A 1 53  LEU 53  53  53  LEU LEU A . n 
A 1 54  VAL 54  54  54  VAL VAL A . n 
A 1 55  VAL 55  55  55  VAL VAL A . n 
A 1 56  VAL 56  56  56  VAL VAL A . n 
A 1 57  ALA 57  57  57  ALA ALA A . n 
A 1 58  SER 58  58  58  SER SER A . n 
A 1 59  ASP 59  59  59  ASP ASP A . n 
A 1 60  ARG 60  60  60  ARG ALA A . n 
A 1 61  SER 61  61  61  SER SER A . n 
A 1 62  LEU 62  62  62  LEU LEU A . n 
A 1 63  GLN 63  63  63  GLN GLN A . n 
A 1 64  MET 64  64  64  MET MET A . n 
A 1 65  THR 65  65  65  THR THR A . n 
A 1 66  PRO 66  66  66  PRO PRO A . n 
A 1 67  THR 67  67  67  THR THR A . n 
A 1 68  GLY 68  68  68  GLY GLY A . n 
A 1 69  ARG 69  69  69  ARG ARG A . n 
A 1 70  THR 70  70  70  THR THR A . n 
A 1 71  LEU 71  71  71  LEU LEU A . n 
A 1 72  ALA 72  72  72  ALA ALA A . n 
A 1 73  THR 73  73  73  THR THR A . n 
A 1 74  ALA 74  74  74  ALA ALA A . n 
A 1 75  VAL 75  75  75  VAL VAL A . n 
A 1 76  MET 76  76  76  MET MET A . n 
A 1 77  ARG 77  77  77  ARG ARG A . n 
A 1 78  LYS 78  78  78  LYS LYS A . n 
A 1 79  HIS 79  79  79  HIS HIS A . n 
A 1 80  ARG 80  80  80  ARG ARG A . n 
A 1 81  LEU 81  81  81  LEU LEU A . n 
A 1 82  ALA 82  82  82  ALA ALA A . n 
A 1 83  GLU 83  83  83  GLU GLU A . n 
A 1 84  ARG 84  84  84  ARG ARG A . n 
A 1 85  LEU 85  85  85  LEU LEU A . n 
A 1 86  LEU 86  86  86  LEU LEU A . n 
A 1 87  THR 87  87  87  THR THR A . n 
A 1 88  ASP 88  88  88  ASP ASP A . n 
A 1 89  ILE 89  89  89  ILE ILE A . n 
A 1 90  ILE 90  90  90  ILE ILE A . n 
A 1 91  GLY 91  91  91  GLY GLY A . n 
A 1 92  LEU 92  92  92  LEU LEU A . n 
A 1 93  ASP 93  93  93  ASP ASP A . n 
A 1 94  ILE 94  94  94  ILE ILE A . n 
A 1 95  ASN 95  95  95  ASN ASN A . n 
A 1 96  LYS 96  96  96  LYS LYS A . n 
A 1 97  VAL 97  97  97  VAL VAL A . n 
A 1 98  HIS 98  98  98  HIS HIS A . n 
A 1 99  ASP 99  99  99  ASP ASP A . n 
A 1 100 GLU 100 100 100 GLU GLU A . n 
A 1 101 ALA 101 101 101 ALA ALA A . n 
A 1 102 SER 102 102 102 SER SER A . n 
A 1 103 ARG 103 103 103 ARG ARG A . n 
A 1 104 TRP 104 104 104 TRP TRP A . n 
A 1 105 GLU 105 105 105 GLU GLU A . n 
A 1 106 HIS 106 106 106 HIS HIS A . n 
A 1 107 VAL 107 107 107 VAL VAL A . n 
A 1 108 MET 108 108 108 MET MET A . n 
A 1 109 SER 109 109 109 SER SER A . n 
A 1 110 ASP 110 110 110 ASP ASP A . n 
A 1 111 GLU 111 111 111 GLU GLU A . n 
A 1 112 VAL 112 112 112 VAL VAL A . n 
A 1 113 GLU 113 113 113 GLU GLU A . n 
A 1 114 ARG 114 114 114 ARG ARG A . n 
A 1 115 ARG 115 115 115 ARG ARG A . n 
A 1 116 LEU 116 116 116 LEU LEU A . n 
A 1 117 VAL 117 117 117 VAL VAL A . n 
A 1 118 LYS 118 118 118 LYS LYS A . n 
A 1 119 VAL 119 119 119 VAL VAL A . n 
A 1 120 LEU 120 120 120 LEU LEU A . n 
A 1 121 LYS 121 121 121 LYS ALA A . n 
A 1 122 ASP 122 122 122 ASP ASP A . n 
A 1 123 VAL 123 123 123 VAL VAL A . n 
A 1 124 SER 124 124 124 SER SER A . n 
A 1 125 ARG 125 125 125 ARG ARG A . n 
A 1 126 SER 126 126 126 SER SER A . n 
A 1 127 PRO 127 127 127 PRO PRO A . n 
A 1 128 PHE 128 128 128 PHE PHE A . n 
A 1 129 GLY 129 129 129 GLY GLY A . n 
A 1 130 ASN 130 130 130 ASN ASN A . n 
A 1 131 PRO 131 131 131 PRO PRO A . n 
A 1 132 ILE 132 132 132 ILE ILE A . n 
A 1 133 PRO 133 133 133 PRO PRO A . n 
A 1 134 GLY 134 134 134 GLY GLY A . n 
A 1 135 LEU 135 135 135 LEU LEU A . n 
A 1 136 ASP 136 136 136 ASP ASP A . n 
A 1 137 GLU 137 137 137 GLU GLU A . n 
A 1 138 LEU 138 138 138 LEU LEU A . n 
A 1 139 GLY 139 139 139 GLY GLY A . n 
A 1 140 VAL 140 140 140 VAL VAL A . n 
A 1 141 GLY 141 141 ?   ?   ?   A . n 
A 1 142 ASN 142 142 ?   ?   ?   A . n 
A 1 143 SER 143 143 ?   ?   ?   A . n 
A 1 144 ASP 144 144 ?   ?   ?   A . n 
A 1 145 ALA 145 145 ?   ?   ?   A . n 
A 1 146 ALA 146 146 ?   ?   ?   A . n 
A 1 147 ALA 147 147 ?   ?   ?   A . n 
A 1 148 PRO 148 148 148 PRO ALA A . n 
A 1 149 GLY 149 149 149 GLY GLY A . n 
A 1 150 THR 150 150 150 THR THR A . n 
A 1 151 ARG 151 151 151 ARG ALA A . n 
A 1 152 VAL 152 152 152 VAL VAL A . n 
A 1 153 ILE 153 153 153 ILE ILE A . n 
A 1 154 ASP 154 154 154 ASP ASP A . n 
A 1 155 ALA 155 155 155 ALA ALA A . n 
A 1 156 ALA 156 156 156 ALA ALA A . n 
A 1 157 THR 157 157 157 THR ALA A . n 
A 1 158 SER 158 158 158 SER ALA A . n 
A 1 159 MET 159 159 159 MET ALA A . n 
A 1 160 PRO 160 160 160 PRO PRO A . n 
A 1 161 ARG 161 161 161 ARG ALA A . n 
A 1 162 LYS 162 162 162 LYS ALA A . n 
A 1 163 VAL 163 163 163 VAL VAL A . n 
A 1 164 ARG 164 164 164 ARG ALA A . n 
A 1 165 ILE 165 165 165 ILE ILE A . n 
A 1 166 VAL 166 166 166 VAL VAL A . n 
A 1 167 GLN 167 167 167 GLN GLN A . n 
A 1 168 ILE 168 168 168 ILE ILE A . n 
A 1 169 ASN 169 169 169 ASN ASN A . n 
A 1 170 GLU 170 170 170 GLU GLU A . n 
A 1 171 ILE 171 171 171 ILE ILE A . n 
A 1 172 PHE 172 172 172 PHE PHE A . n 
A 1 173 GLN 173 173 173 GLN GLN A . n 
A 1 174 VAL 174 174 174 VAL VAL A . n 
A 1 175 GLU 175 175 175 GLU GLU A . n 
A 1 176 THR 176 176 176 THR THR A . n 
A 1 177 ASP 177 177 177 ASP ASP A . n 
A 1 178 GLN 178 178 178 GLN GLN A . n 
A 1 179 PHE 179 179 179 PHE PHE A . n 
A 1 180 THR 180 180 180 THR THR A . n 
A 1 181 GLN 181 181 181 GLN GLN A . n 
A 1 182 LEU 182 182 182 LEU LEU A . n 
A 1 183 LEU 183 183 183 LEU LEU A . n 
A 1 184 ASP 184 184 184 ASP ASP A . n 
A 1 185 ALA 185 185 185 ALA ALA A . n 
A 1 186 ASP 186 186 186 ASP ASP A . n 
A 1 187 ILE 187 187 187 ILE ILE A . n 
A 1 188 ARG 188 188 188 ARG ALA A . n 
A 1 189 VAL 189 189 189 VAL VAL A . n 
A 1 190 GLY 190 190 190 GLY GLY A . n 
A 1 191 SER 191 191 191 SER SER A . n 
A 1 192 GLU 192 192 192 GLU GLU A . n 
A 1 193 VAL 193 193 193 VAL ALA A . n 
A 1 194 GLU 194 194 194 GLU ALA A . n 
A 1 195 ILE 195 195 195 ILE ALA A . n 
A 1 196 VAL 196 196 196 VAL ALA A . n 
A 1 197 ASP 197 197 197 ASP ALA A . n 
A 1 198 ARG 198 198 ?   ?   ?   A . n 
A 1 199 ASP 199 199 ?   ?   ?   A . n 
A 1 200 GLY 200 200 ?   ?   ?   A . n 
A 1 201 HIS 201 201 201 HIS GLY A . n 
A 1 202 ILE 202 202 202 ILE ILE A . n 
A 1 203 THR 203 203 203 THR THR A . n 
A 1 204 LEU 204 204 204 LEU LEU A . n 
A 1 205 SER 205 205 205 SER SER A . n 
A 1 206 HIS 206 206 206 HIS HIS A . n 
A 1 207 ASN 207 207 207 ASN ALA A . n 
A 1 208 GLY 208 208 208 GLY GLY A . n 
A 1 209 LYS 209 209 209 LYS ALA A . n 
A 1 210 ASP 210 210 210 ASP ASP A . n 
A 1 211 VAL 211 211 211 VAL VAL A . n 
A 1 212 GLU 212 212 212 GLU GLU A . n 
A 1 213 LEU 213 213 213 LEU LEU A . n 
A 1 214 LEU 214 214 214 LEU LEU A . n 
A 1 215 ASP 215 215 215 ASP ASP A . n 
A 1 216 ASP 216 216 216 ASP ASP A . n 
A 1 217 LEU 217 217 217 LEU LEU A . n 
A 1 218 ALA 218 218 218 ALA ALA A . n 
A 1 219 HIS 219 219 219 HIS HIS A . n 
A 1 220 THR 220 220 220 THR THR A . n 
A 1 221 ILE 221 221 221 ILE ILE A . n 
A 1 222 ARG 222 222 222 ARG ARG A . n 
A 1 223 ILE 223 223 223 ILE ILE A . n 
A 1 224 GLU 224 224 224 GLU ALA A . n 
A 1 225 GLU 225 225 ?   ?   ?   A . n 
A 1 226 LEU 226 226 ?   ?   ?   A . n 
# 
loop_
_pdbx_nonpoly_scheme.asym_id 
_pdbx_nonpoly_scheme.entity_id 
_pdbx_nonpoly_scheme.mon_id 
_pdbx_nonpoly_scheme.ndb_seq_num 
_pdbx_nonpoly_scheme.pdb_seq_num 
_pdbx_nonpoly_scheme.auth_seq_num 
_pdbx_nonpoly_scheme.pdb_mon_id 
_pdbx_nonpoly_scheme.auth_mon_id 
_pdbx_nonpoly_scheme.pdb_strand_id 
_pdbx_nonpoly_scheme.pdb_ins_code 
B 2 CD  1  290 290 CD  CD  A . 
C 3 SO4 1  303 303 SO4 SO4 A . 
D 4 HOH 1  401 401 HOH TIP A . 
D 4 HOH 2  403 403 HOH TIP A . 
D 4 HOH 3  404 404 HOH TIP A . 
D 4 HOH 4  405 405 HOH TIP A . 
D 4 HOH 5  406 406 HOH TIP A . 
D 4 HOH 6  407 407 HOH TIP A . 
D 4 HOH 7  408 408 HOH TIP A . 
D 4 HOH 8  409 409 HOH TIP A . 
D 4 HOH 9  410 410 HOH TIP A . 
D 4 HOH 10 411 411 HOH TIP A . 
D 4 HOH 11 412 412 HOH TIP A . 
D 4 HOH 12 413 413 HOH TIP A . 
D 4 HOH 13 414 414 HOH TIP A . 
D 4 HOH 14 415 415 HOH TIP A . 
D 4 HOH 15 416 416 HOH TIP A . 
D 4 HOH 16 418 418 HOH TIP A . 
D 4 HOH 17 419 419 HOH TIP A . 
D 4 HOH 18 420 420 HOH TIP A . 
D 4 HOH 19 421 421 HOH TIP A . 
D 4 HOH 20 422 422 HOH TIP A . 
D 4 HOH 21 423 423 HOH TIP A . 
D 4 HOH 22 424 424 HOH TIP A . 
D 4 HOH 23 425 425 HOH TIP A . 
D 4 HOH 24 426 426 HOH TIP A . 
D 4 HOH 25 427 427 HOH TIP A . 
D 4 HOH 26 428 428 HOH TIP A . 
D 4 HOH 27 429 429 HOH TIP A . 
D 4 HOH 28 430 430 HOH TIP A . 
D 4 HOH 29 431 431 HOH TIP A . 
D 4 HOH 30 432 432 HOH TIP A . 
D 4 HOH 31 433 433 HOH TIP A . 
D 4 HOH 32 434 434 HOH TIP A . 
D 4 HOH 33 435 435 HOH TIP A . 
D 4 HOH 34 436 436 HOH TIP A . 
D 4 HOH 35 437 437 HOH TIP A . 
D 4 HOH 36 438 438 HOH TIP A . 
D 4 HOH 37 439 439 HOH TIP A . 
D 4 HOH 38 440 440 HOH TIP A . 
D 4 HOH 39 441 441 HOH TIP A . 
D 4 HOH 40 442 442 HOH TIP A . 
D 4 HOH 41 443 443 HOH TIP A . 
D 4 HOH 42 444 444 HOH TIP A . 
D 4 HOH 43 445 445 HOH TIP A . 
D 4 HOH 44 446 446 HOH TIP A . 
D 4 HOH 45 447 447 HOH TIP A . 
D 4 HOH 46 448 448 HOH TIP A . 
D 4 HOH 47 449 449 HOH TIP A . 
D 4 HOH 48 450 450 HOH TIP A . 
D 4 HOH 49 451 451 HOH TIP A . 
D 4 HOH 50 452 452 HOH TIP A . 
D 4 HOH 51 453 453 HOH TIP A . 
D 4 HOH 52 454 454 HOH TIP A . 
D 4 HOH 53 455 455 HOH TIP A . 
D 4 HOH 54 456 456 HOH TIP A . 
D 4 HOH 55 457 457 HOH TIP A . 
D 4 HOH 56 458 458 HOH TIP A . 
D 4 HOH 57 459 459 HOH TIP A . 
D 4 HOH 58 460 460 HOH TIP A . 
D 4 HOH 59 461 461 HOH TIP A . 
D 4 HOH 60 463 463 HOH TIP A . 
D 4 HOH 61 464 464 HOH TIP A . 
D 4 HOH 62 465 465 HOH TIP A . 
D 4 HOH 63 466 466 HOH TIP A . 
D 4 HOH 64 467 467 HOH TIP A . 
D 4 HOH 65 468 468 HOH TIP A . 
D 4 HOH 66 469 469 HOH TIP A . 
D 4 HOH 67 470 470 HOH TIP A . 
D 4 HOH 68 471 471 HOH TIP A . 
D 4 HOH 69 472 472 HOH TIP A . 
D 4 HOH 70 473 473 HOH TIP A . 
D 4 HOH 71 474 474 HOH TIP A . 
# 
loop_
_pdbx_unobs_or_zero_occ_atoms.id 
_pdbx_unobs_or_zero_occ_atoms.PDB_model_num 
_pdbx_unobs_or_zero_occ_atoms.polymer_flag 
_pdbx_unobs_or_zero_occ_atoms.occupancy_flag 
_pdbx_unobs_or_zero_occ_atoms.auth_asym_id 
_pdbx_unobs_or_zero_occ_atoms.auth_comp_id 
_pdbx_unobs_or_zero_occ_atoms.auth_seq_id 
_pdbx_unobs_or_zero_occ_atoms.PDB_ins_code 
_pdbx_unobs_or_zero_occ_atoms.auth_atom_id 
_pdbx_unobs_or_zero_occ_atoms.label_alt_id 
_pdbx_unobs_or_zero_occ_atoms.label_asym_id 
_pdbx_unobs_or_zero_occ_atoms.label_comp_id 
_pdbx_unobs_or_zero_occ_atoms.label_seq_id 
_pdbx_unobs_or_zero_occ_atoms.label_atom_id 
1  1 Y 1 A ARG 60  ? CG  ? A ARG 60  CG  
2  1 Y 1 A ARG 60  ? CD  ? A ARG 60  CD  
3  1 Y 1 A ARG 60  ? NE  ? A ARG 60  NE  
4  1 Y 1 A ARG 60  ? CZ  ? A ARG 60  CZ  
5  1 Y 1 A ARG 60  ? NH1 ? A ARG 60  NH1 
6  1 Y 1 A ARG 60  ? NH2 ? A ARG 60  NH2 
7  1 Y 1 A LYS 121 ? CG  ? A LYS 121 CG  
8  1 Y 1 A LYS 121 ? CD  ? A LYS 121 CD  
9  1 Y 1 A LYS 121 ? CE  ? A LYS 121 CE  
10 1 Y 1 A LYS 121 ? NZ  ? A LYS 121 NZ  
11 1 Y 1 A PRO 148 ? CG  ? A PRO 148 CG  
12 1 Y 1 A PRO 148 ? CD  ? A PRO 148 CD  
13 1 Y 1 A ARG 151 ? CG  ? A ARG 151 CG  
14 1 Y 1 A ARG 151 ? CD  ? A ARG 151 CD  
15 1 Y 1 A ARG 151 ? NE  ? A ARG 151 NE  
16 1 Y 1 A ARG 151 ? CZ  ? A ARG 151 CZ  
17 1 Y 1 A ARG 151 ? NH1 ? A ARG 151 NH1 
18 1 Y 1 A ARG 151 ? NH2 ? A ARG 151 NH2 
19 1 Y 1 A THR 157 ? OG1 ? A THR 157 OG1 
20 1 Y 1 A THR 157 ? CG2 ? A THR 157 CG2 
21 1 Y 1 A SER 158 ? OG  ? A SER 158 OG  
22 1 Y 1 A MET 159 ? CG  ? A MET 159 CG  
23 1 Y 1 A MET 159 ? SD  ? A MET 159 SD  
24 1 Y 1 A MET 159 ? CE  ? A MET 159 CE  
25 1 Y 1 A ARG 161 ? CG  ? A ARG 161 CG  
26 1 Y 1 A ARG 161 ? CD  ? A ARG 161 CD  
27 1 Y 1 A ARG 161 ? NE  ? A ARG 161 NE  
28 1 Y 1 A ARG 161 ? CZ  ? A ARG 161 CZ  
29 1 Y 1 A ARG 161 ? NH1 ? A ARG 161 NH1 
30 1 Y 1 A ARG 161 ? NH2 ? A ARG 161 NH2 
31 1 Y 1 A LYS 162 ? CG  ? A LYS 162 CG  
32 1 Y 1 A LYS 162 ? CD  ? A LYS 162 CD  
33 1 Y 1 A LYS 162 ? CE  ? A LYS 162 CE  
34 1 Y 1 A LYS 162 ? NZ  ? A LYS 162 NZ  
35 1 Y 1 A ARG 164 ? CG  ? A ARG 164 CG  
36 1 Y 1 A ARG 164 ? CD  ? A ARG 164 CD  
37 1 Y 1 A ARG 164 ? NE  ? A ARG 164 NE  
38 1 Y 1 A ARG 164 ? CZ  ? A ARG 164 CZ  
39 1 Y 1 A ARG 164 ? NH1 ? A ARG 164 NH1 
40 1 Y 1 A ARG 164 ? NH2 ? A ARG 164 NH2 
41 1 Y 1 A ARG 188 ? CG  ? A ARG 188 CG  
42 1 Y 1 A ARG 188 ? CD  ? A ARG 188 CD  
43 1 Y 1 A ARG 188 ? NE  ? A ARG 188 NE  
44 1 Y 1 A ARG 188 ? CZ  ? A ARG 188 CZ  
45 1 Y 1 A ARG 188 ? NH1 ? A ARG 188 NH1 
46 1 Y 1 A ARG 188 ? NH2 ? A ARG 188 NH2 
47 1 Y 1 A VAL 193 ? CG1 ? A VAL 193 CG1 
48 1 Y 1 A VAL 193 ? CG2 ? A VAL 193 CG2 
49 1 Y 1 A GLU 194 ? CG  ? A GLU 194 CG  
50 1 Y 1 A GLU 194 ? CD  ? A GLU 194 CD  
51 1 Y 1 A GLU 194 ? OE1 ? A GLU 194 OE1 
52 1 Y 1 A GLU 194 ? OE2 ? A GLU 194 OE2 
53 1 Y 1 A ILE 195 ? CG1 ? A ILE 195 CG1 
54 1 Y 1 A ILE 195 ? CG2 ? A ILE 195 CG2 
55 1 Y 1 A ILE 195 ? CD1 ? A ILE 195 CD1 
56 1 Y 1 A VAL 196 ? CG1 ? A VAL 196 CG1 
57 1 Y 1 A VAL 196 ? CG2 ? A VAL 196 CG2 
58 1 Y 1 A ASP 197 ? CG  ? A ASP 197 CG  
59 1 Y 1 A ASP 197 ? OD1 ? A ASP 197 OD1 
60 1 Y 1 A ASP 197 ? OD2 ? A ASP 197 OD2 
61 1 Y 1 A HIS 201 ? CB  ? A HIS 201 CB  
62 1 Y 1 A HIS 201 ? CG  ? A HIS 201 CG  
63 1 Y 1 A HIS 201 ? ND1 ? A HIS 201 ND1 
64 1 Y 1 A HIS 201 ? CD2 ? A HIS 201 CD2 
65 1 Y 1 A HIS 201 ? CE1 ? A HIS 201 CE1 
66 1 Y 1 A HIS 201 ? NE2 ? A HIS 201 NE2 
67 1 Y 1 A ASN 207 ? CG  ? A ASN 207 CG  
68 1 Y 1 A ASN 207 ? OD1 ? A ASN 207 OD1 
69 1 Y 1 A ASN 207 ? ND2 ? A ASN 207 ND2 
70 1 Y 1 A LYS 209 ? CG  ? A LYS 209 CG  
71 1 Y 1 A LYS 209 ? CD  ? A LYS 209 CD  
72 1 Y 1 A LYS 209 ? CE  ? A LYS 209 CE  
73 1 Y 1 A LYS 209 ? NZ  ? A LYS 209 NZ  
74 1 Y 1 A GLU 224 ? CG  ? A GLU 224 CG  
75 1 Y 1 A GLU 224 ? CD  ? A GLU 224 CD  
76 1 Y 1 A GLU 224 ? OE1 ? A GLU 224 OE1 
77 1 Y 1 A GLU 224 ? OE2 ? A GLU 224 OE2 
# 
loop_
_software.name 
_software.classification 
_software.version 
_software.citation_id 
_software.pdbx_ordinal 
AMoRE     phasing        .     ? 1 
X-PLOR    refinement     3.851 ? 2 
SCALEPACK 'data scaling' .     ? 3 
# 
_cell.entry_id           1G3W 
_cell.length_a           63.5 
_cell.length_b           63.5 
_cell.length_c           110.0 
_cell.angle_alpha        90 
_cell.angle_beta         90 
_cell.angle_gamma        120 
_cell.Z_PDB              6 
_cell.pdbx_unique_axis   ? 
# 
_symmetry.entry_id                         1G3W 
_symmetry.space_group_name_H-M             'P 31 2 1' 
_symmetry.pdbx_full_space_group_name_H-M   ? 
_symmetry.cell_setting                     ? 
_symmetry.Int_Tables_number                152 
# 
_exptl.entry_id          1G3W 
_exptl.method            'X-RAY DIFFRACTION' 
_exptl.crystals_number   1 
# 
_exptl_crystal.id                    1 
_exptl_crystal.density_meas          ? 
_exptl_crystal.density_Matthews      2.53 
_exptl_crystal.density_percent_sol   51.31 
_exptl_crystal.description           ? 
# 
_exptl_crystal_grow.crystal_id      1 
_exptl_crystal_grow.method          'VAPOR DIFFUSION, HANGING DROP' 
_exptl_crystal_grow.temp            298 
_exptl_crystal_grow.temp_details    ? 
_exptl_crystal_grow.pH              8.5 
_exptl_crystal_grow.pdbx_details    'Ammonium sulfate, glycerol, CdCl2, pH 8.5, VAPOR DIFFUSION, HANGING DROP, temperature 298K' 
_exptl_crystal_grow.pdbx_pH_range   . 
# 
_diffrn.id                     1 
_diffrn.ambient_temp           293 
_diffrn.ambient_temp_details   ? 
_diffrn.crystal_id             1 
# 
_diffrn_detector.diffrn_id              1 
_diffrn_detector.detector               'IMAGE PLATE' 
_diffrn_detector.type                   'RIGAKU RAXIS II' 
_diffrn_detector.pdbx_collection_date   1996-10-11 
_diffrn_detector.details                mirrors 
# 
_diffrn_radiation.diffrn_id                        1 
_diffrn_radiation.wavelength_id                    1 
_diffrn_radiation.pdbx_monochromatic_or_laue_m_l   M 
_diffrn_radiation.monochromator                    mirrors 
_diffrn_radiation.pdbx_diffrn_protocol             'SINGLE WAVELENGTH' 
_diffrn_radiation.pdbx_scattering_type             x-ray 
# 
_diffrn_radiation_wavelength.id           1 
_diffrn_radiation_wavelength.wavelength   1.5418 
_diffrn_radiation_wavelength.wt           1.0 
# 
_diffrn_source.diffrn_id                   1 
_diffrn_source.source                      'ROTATING ANODE' 
_diffrn_source.type                        'RIGAKU RU200' 
_diffrn_source.pdbx_synchrotron_site       ? 
_diffrn_source.pdbx_synchrotron_beamline   ? 
_diffrn_source.pdbx_wavelength             ? 
_diffrn_source.pdbx_wavelength_list        1.5418 
# 
_reflns.entry_id                     1G3W 
_reflns.observed_criterion_sigma_I   0 
_reflns.observed_criterion_sigma_F   0 
_reflns.d_resolution_low             99 
_reflns.d_resolution_high            2.5 
_reflns.number_obs                   ? 
_reflns.number_all                   ? 
_reflns.percent_possible_obs         ? 
_reflns.pdbx_Rmerge_I_obs            0.0500000 
_reflns.pdbx_Rsym_value              ? 
_reflns.pdbx_netI_over_sigmaI        ? 
_reflns.B_iso_Wilson_estimate        50 
_reflns.pdbx_redundancy              ? 
_reflns.R_free_details               ? 
_reflns.limit_h_max                  ? 
_reflns.limit_h_min                  ? 
_reflns.limit_k_max                  ? 
_reflns.limit_k_min                  ? 
_reflns.limit_l_max                  ? 
_reflns.limit_l_min                  ? 
_reflns.observed_criterion_F_max     ? 
_reflns.observed_criterion_F_min     ? 
_reflns.pdbx_diffrn_id               1 
_reflns.pdbx_ordinal                 1 
# 
_refine.entry_id                                 1G3W 
_refine.ls_number_reflns_obs                     8115 
_refine.ls_number_reflns_all                     8899 
_refine.pdbx_ls_sigma_I                          ? 
_refine.pdbx_ls_sigma_F                          2 
_refine.pdbx_data_cutoff_high_absF               ? 
_refine.pdbx_data_cutoff_low_absF                ? 
_refine.ls_d_res_low                             8 
_refine.ls_d_res_high                            2.4 
_refine.ls_percent_reflns_obs                    ? 
_refine.ls_R_factor_obs                          ? 
_refine.ls_R_factor_all                          ? 
_refine.ls_R_factor_R_work                       0.1800000 
_refine.ls_R_factor_R_free                       0.2590000 
_refine.ls_R_factor_R_free_error                 ? 
_refine.ls_R_factor_R_free_error_details         ? 
_refine.ls_percent_reflns_R_free                 ? 
_refine.ls_number_reflns_R_free                  467 
_refine.ls_number_parameters                     ? 
_refine.ls_number_restraints                     ? 
_refine.occupancy_min                            ? 
_refine.occupancy_max                            ? 
_refine.B_iso_mean                               ? 
_refine.aniso_B[1][1]                            ? 
_refine.aniso_B[2][2]                            ? 
_refine.aniso_B[3][3]                            ? 
_refine.aniso_B[1][2]                            ? 
_refine.aniso_B[1][3]                            ? 
_refine.aniso_B[2][3]                            ? 
_refine.solvent_model_details                    ? 
_refine.solvent_model_param_ksol                 ? 
_refine.solvent_model_param_bsol                 ? 
_refine.pdbx_ls_cross_valid_method               ? 
_refine.details                                  ? 
_refine.pdbx_starting_model                      ? 
_refine.pdbx_method_to_determine_struct          'MOLECULAR REPLACEMENT' 
_refine.pdbx_isotropic_thermal_model             ? 
_refine.pdbx_stereochemistry_target_values       'Engh & Huber' 
_refine.pdbx_stereochem_target_val_spec_case     ? 
_refine.pdbx_R_Free_selection_details            random 
_refine.pdbx_overall_ESU_R_Free                  ? 
_refine.overall_SU_B                             ? 
_refine.ls_redundancy_reflns_obs                 ? 
_refine.B_iso_min                                ? 
_refine.B_iso_max                                ? 
_refine.overall_SU_ML                            ? 
_refine.pdbx_overall_ESU_R                       ? 
_refine.pdbx_data_cutoff_high_rms_absF           ? 
_refine.correlation_coeff_Fo_to_Fc               ? 
_refine.correlation_coeff_Fo_to_Fc_free          ? 
_refine.overall_SU_R_Cruickshank_DPI             ? 
_refine.overall_SU_R_free                        ? 
_refine.pdbx_refine_id                           'X-RAY DIFFRACTION' 
_refine.pdbx_diffrn_id                           1 
_refine.pdbx_TLS_residual_ADP_flag               ? 
_refine.pdbx_solvent_vdw_probe_radii             ? 
_refine.pdbx_solvent_ion_probe_radii             ? 
_refine.pdbx_solvent_shrinkage_radii             ? 
_refine.pdbx_overall_phase_error                 ? 
_refine.pdbx_overall_SU_R_free_Cruickshank_DPI   ? 
_refine.pdbx_overall_SU_R_Blow_DPI               ? 
_refine.pdbx_overall_SU_R_free_Blow_DPI          ? 
# 
_refine_hist.pdbx_refine_id                   'X-RAY DIFFRACTION' 
_refine_hist.cycle_id                         LAST 
_refine_hist.pdbx_number_atoms_protein        1938 
_refine_hist.pdbx_number_atoms_nucleic_acid   0 
_refine_hist.pdbx_number_atoms_ligand         6 
_refine_hist.number_atoms_solvent             213 
_refine_hist.number_atoms_total               2157 
_refine_hist.d_res_high                       2.4 
_refine_hist.d_res_low                        8 
# 
loop_
_refine_ls_restr.type 
_refine_ls_restr.dev_ideal 
_refine_ls_restr.dev_ideal_target 
_refine_ls_restr.weight 
_refine_ls_restr.number 
_refine_ls_restr.pdbx_refine_id 
_refine_ls_restr.pdbx_restraint_function 
x_bond_d    0.010 ? ? ? 'X-RAY DIFFRACTION' ? 
x_angle_deg 1.6   ? ? ? 'X-RAY DIFFRACTION' ? 
# 
_struct.entry_id                  1G3W 
_struct.title                     'CD-CYS102SER DTXR' 
_struct.pdbx_model_details        ? 
_struct.pdbx_CASP_flag            ? 
_struct.pdbx_model_type_details   ? 
# 
_struct_keywords.entry_id        1G3W 
_struct_keywords.pdbx_keywords   'GENE REGULATION' 
_struct_keywords.text            'DNA binding protein, iron binding protein, iron dependent regulator, GENE REGULATION' 
# 
loop_
_struct_asym.id 
_struct_asym.pdbx_blank_PDB_chainid_flag 
_struct_asym.pdbx_modified 
_struct_asym.entity_id 
_struct_asym.details 
A N N 1 ? 
B N N 2 ? 
C N N 3 ? 
D N N 4 ? 
# 
_struct_ref.id                         1 
_struct_ref.db_name                    UNP 
_struct_ref.db_code                    DTXR_CORDI 
_struct_ref.entity_id                  1 
_struct_ref.pdbx_seq_one_letter_code   
;MKDLVDTTEMYLRTIYELEEEGVTPLRARIAERLEQSGPTVSQTVARMERDGLVVVASDRSLQMTPTGRTLATAVMRKHR
LAERLLTDIIGLDINKVHDEACRWEHVMSDEVERRLVKVLKDVSRSPFGNPIPGLDELGVGNSDAAAPGTRVIDAATSMP
RKVRIVQINEIFQVETDQFTQLLDADIRVGSEVEIVDRDGHITLSHNGKDVELLDDLAHTIRIEEL
;
_struct_ref.pdbx_align_begin           1 
_struct_ref.pdbx_db_accession          P33120 
_struct_ref.pdbx_db_isoform            ? 
# 
_struct_ref_seq.align_id                      1 
_struct_ref_seq.ref_id                        1 
_struct_ref_seq.pdbx_PDB_id_code              1G3W 
_struct_ref_seq.pdbx_strand_id                A 
_struct_ref_seq.seq_align_beg                 1 
_struct_ref_seq.pdbx_seq_align_beg_ins_code   ? 
_struct_ref_seq.seq_align_end                 226 
_struct_ref_seq.pdbx_seq_align_end_ins_code   ? 
_struct_ref_seq.pdbx_db_accession             P33120 
_struct_ref_seq.db_align_beg                  1 
_struct_ref_seq.pdbx_db_align_beg_ins_code    ? 
_struct_ref_seq.db_align_end                  226 
_struct_ref_seq.pdbx_db_align_end_ins_code    ? 
_struct_ref_seq.pdbx_auth_seq_align_beg       1 
_struct_ref_seq.pdbx_auth_seq_align_end       226 
# 
_struct_ref_seq_dif.align_id                     1 
_struct_ref_seq_dif.pdbx_pdb_id_code             1G3W 
_struct_ref_seq_dif.mon_id                       SER 
_struct_ref_seq_dif.pdbx_pdb_strand_id           A 
_struct_ref_seq_dif.seq_num                      102 
_struct_ref_seq_dif.pdbx_pdb_ins_code            ? 
_struct_ref_seq_dif.pdbx_seq_db_name             UNP 
_struct_ref_seq_dif.pdbx_seq_db_accession_code   P33120 
_struct_ref_seq_dif.db_mon_id                    CYS 
_struct_ref_seq_dif.pdbx_seq_db_seq_num          102 
_struct_ref_seq_dif.details                      'engineered mutation' 
_struct_ref_seq_dif.pdbx_auth_seq_num            102 
_struct_ref_seq_dif.pdbx_ordinal                 1 
# 
_pdbx_struct_assembly.id                   1 
_pdbx_struct_assembly.details              author_defined_assembly 
_pdbx_struct_assembly.method_details       ? 
_pdbx_struct_assembly.oligomeric_details   dimeric 
_pdbx_struct_assembly.oligomeric_count     2 
# 
_pdbx_struct_assembly_gen.assembly_id       1 
_pdbx_struct_assembly_gen.oper_expression   1,2 
_pdbx_struct_assembly_gen.asym_id_list      A,B,C,D 
# 
loop_
_pdbx_struct_oper_list.id 
_pdbx_struct_oper_list.type 
_pdbx_struct_oper_list.name 
_pdbx_struct_oper_list.symmetry_operation 
_pdbx_struct_oper_list.matrix[1][1] 
_pdbx_struct_oper_list.matrix[1][2] 
_pdbx_struct_oper_list.matrix[1][3] 
_pdbx_struct_oper_list.vector[1] 
_pdbx_struct_oper_list.matrix[2][1] 
_pdbx_struct_oper_list.matrix[2][2] 
_pdbx_struct_oper_list.matrix[2][3] 
_pdbx_struct_oper_list.vector[2] 
_pdbx_struct_oper_list.matrix[3][1] 
_pdbx_struct_oper_list.matrix[3][2] 
_pdbx_struct_oper_list.matrix[3][3] 
_pdbx_struct_oper_list.vector[3] 
1 'identity operation'         1_555 x,y,z  1.0000000000  0.0000000000  0.0000000000 0.0000000000  0.0000000000  1.0000000000  0.0000000000  0.0000000000  0.0000000000 0.0000000000  1.0000000000 0.0000000000 
2 'crystal symmetry operation' 4_555 y,x,-z -0.8385315574 -0.3223005582 0.4393030588 25.5704421632 -0.3223005582 -0.3566690301 -0.8768748789 19.5974868043 0.4393030588 -0.8768748789 0.1952005875 4.9793904656 
# 
loop_
_struct_conf.conf_type_id 
_struct_conf.id 
_struct_conf.pdbx_PDB_helix_id 
_struct_conf.beg_label_comp_id 
_struct_conf.beg_label_asym_id 
_struct_conf.beg_label_seq_id 
_struct_conf.pdbx_beg_PDB_ins_code 
_struct_conf.end_label_comp_id 
_struct_conf.end_label_asym_id 
_struct_conf.end_label_seq_id 
_struct_conf.pdbx_end_PDB_ins_code 
_struct_conf.beg_auth_comp_id 
_struct_conf.beg_auth_asym_id 
_struct_conf.beg_auth_seq_id 
_struct_conf.end_auth_comp_id 
_struct_conf.end_auth_asym_id 
_struct_conf.end_auth_seq_id 
_struct_conf.pdbx_PDB_helix_class 
_struct_conf.details 
_struct_conf.pdbx_PDB_helix_length 
HELX_P HELX_P1  1  ASP A 6   ? GLY A 22  ? ASP A 6   GLY A 22  1 ? 17 
HELX_P HELX_P2  2  LEU A 26  ? GLU A 35  ? LEU A 26  GLU A 35  1 ? 10 
HELX_P HELX_P3  3  SER A 37  ? ASP A 51  ? SER A 37  ASP A 51  1 ? 15 
HELX_P HELX_P4  4  THR A 65  ? ILE A 89  ? THR A 65  ILE A 89  1 ? 25 
HELX_P HELX_P5  5  LYS A 96  ? GLU A 105 ? LYS A 96  GLU A 105 1 ? 10 
HELX_P HELX_P6  6  SER A 109 ? LEU A 120 ? SER A 109 LEU A 120 1 ? 12 
HELX_P HELX_P7  7  GLY A 134 ? GLY A 139 ? GLY A 134 GLY A 139 5 ? 6  
HELX_P HELX_P8  8  ASN A 169 ? GLN A 173 ? ASN A 169 GLN A 173 5 ? 5  
HELX_P HELX_P9  9  ASP A 177 ? ALA A 185 ? ASP A 177 ALA A 185 1 ? 9  
HELX_P HELX_P10 10 LEU A 214 ? ILE A 221 ? LEU A 214 ILE A 221 1 ? 8  
# 
_struct_conf_type.id          HELX_P 
_struct_conf_type.criteria    ? 
_struct_conf_type.reference   ? 
# 
loop_
_struct_conn.id 
_struct_conn.conn_type_id 
_struct_conn.pdbx_leaving_atom_flag 
_struct_conn.pdbx_PDB_id 
_struct_conn.ptnr1_label_asym_id 
_struct_conn.ptnr1_label_comp_id 
_struct_conn.ptnr1_label_seq_id 
_struct_conn.ptnr1_label_atom_id 
_struct_conn.pdbx_ptnr1_label_alt_id 
_struct_conn.pdbx_ptnr1_PDB_ins_code 
_struct_conn.pdbx_ptnr1_standard_comp_id 
_struct_conn.ptnr1_symmetry 
_struct_conn.ptnr2_label_asym_id 
_struct_conn.ptnr2_label_comp_id 
_struct_conn.ptnr2_label_seq_id 
_struct_conn.ptnr2_label_atom_id 
_struct_conn.pdbx_ptnr2_label_alt_id 
_struct_conn.pdbx_ptnr2_PDB_ins_code 
_struct_conn.ptnr1_auth_asym_id 
_struct_conn.ptnr1_auth_comp_id 
_struct_conn.ptnr1_auth_seq_id 
_struct_conn.ptnr2_auth_asym_id 
_struct_conn.ptnr2_auth_comp_id 
_struct_conn.ptnr2_auth_seq_id 
_struct_conn.ptnr2_symmetry 
_struct_conn.pdbx_ptnr3_label_atom_id 
_struct_conn.pdbx_ptnr3_label_seq_id 
_struct_conn.pdbx_ptnr3_label_comp_id 
_struct_conn.pdbx_ptnr3_label_asym_id 
_struct_conn.pdbx_ptnr3_label_alt_id 
_struct_conn.pdbx_ptnr3_PDB_ins_code 
_struct_conn.details 
_struct_conn.pdbx_dist_value 
_struct_conn.pdbx_value_order 
_struct_conn.pdbx_role 
metalc1 metalc ? ? A HIS 79 NE2 ? ? ? 1_555 B CD  . CD ? ? A HIS 79  A CD  290 1_555 ? ? ? ? ? ? ? 2.467 ? ? 
metalc2 metalc ? ? A GLU 83 OE2 ? ? ? 1_555 B CD  . CD ? ? A GLU 83  A CD  290 1_555 ? ? ? ? ? ? ? 2.267 ? ? 
metalc3 metalc ? ? A HIS 98 ND1 ? ? ? 1_555 B CD  . CD ? ? A HIS 98  A CD  290 1_555 ? ? ? ? ? ? ? 2.333 ? ? 
metalc4 metalc ? ? B CD  .  CD  ? ? ? 1_555 C SO4 . S  ? ? A CD  290 A SO4 303 1_555 ? ? ? ? ? ? ? 2.675 ? ? 
metalc5 metalc ? ? B CD  .  CD  ? ? ? 1_555 C SO4 . O3 ? ? A CD  290 A SO4 303 1_555 ? ? ? ? ? ? ? 1.881 ? ? 
metalc6 metalc ? ? B CD  .  CD  ? ? ? 1_555 C SO4 . O2 ? ? A CD  290 A SO4 303 1_555 ? ? ? ? ? ? ? 2.533 ? ? 
metalc7 metalc ? ? B CD  .  CD  ? ? ? 1_555 D HOH . O  ? ? A CD  290 A HOH 469 1_555 ? ? ? ? ? ? ? 2.425 ? ? 
# 
_struct_conn_type.id          metalc 
_struct_conn_type.criteria    ? 
_struct_conn_type.reference   ? 
# 
loop_
_pdbx_struct_conn_angle.id 
_pdbx_struct_conn_angle.ptnr1_label_atom_id 
_pdbx_struct_conn_angle.ptnr1_label_alt_id 
_pdbx_struct_conn_angle.ptnr1_label_asym_id 
_pdbx_struct_conn_angle.ptnr1_label_comp_id 
_pdbx_struct_conn_angle.ptnr1_label_seq_id 
_pdbx_struct_conn_angle.ptnr1_auth_atom_id 
_pdbx_struct_conn_angle.ptnr1_auth_asym_id 
_pdbx_struct_conn_angle.ptnr1_auth_comp_id 
_pdbx_struct_conn_angle.ptnr1_auth_seq_id 
_pdbx_struct_conn_angle.ptnr1_PDB_ins_code 
_pdbx_struct_conn_angle.ptnr1_symmetry 
_pdbx_struct_conn_angle.ptnr2_label_atom_id 
_pdbx_struct_conn_angle.ptnr2_label_alt_id 
_pdbx_struct_conn_angle.ptnr2_label_asym_id 
_pdbx_struct_conn_angle.ptnr2_label_comp_id 
_pdbx_struct_conn_angle.ptnr2_label_seq_id 
_pdbx_struct_conn_angle.ptnr2_auth_atom_id 
_pdbx_struct_conn_angle.ptnr2_auth_asym_id 
_pdbx_struct_conn_angle.ptnr2_auth_comp_id 
_pdbx_struct_conn_angle.ptnr2_auth_seq_id 
_pdbx_struct_conn_angle.ptnr2_PDB_ins_code 
_pdbx_struct_conn_angle.ptnr2_symmetry 
_pdbx_struct_conn_angle.ptnr3_label_atom_id 
_pdbx_struct_conn_angle.ptnr3_label_alt_id 
_pdbx_struct_conn_angle.ptnr3_label_asym_id 
_pdbx_struct_conn_angle.ptnr3_label_comp_id 
_pdbx_struct_conn_angle.ptnr3_label_seq_id 
_pdbx_struct_conn_angle.ptnr3_auth_atom_id 
_pdbx_struct_conn_angle.ptnr3_auth_asym_id 
_pdbx_struct_conn_angle.ptnr3_auth_comp_id 
_pdbx_struct_conn_angle.ptnr3_auth_seq_id 
_pdbx_struct_conn_angle.ptnr3_PDB_ins_code 
_pdbx_struct_conn_angle.ptnr3_symmetry 
_pdbx_struct_conn_angle.value 
_pdbx_struct_conn_angle.value_esd 
1  NE2 ? A HIS 79 ? A HIS 79  ? 1_555 CD ? B CD . ? A CD 290 ? 1_555 OE2 ? A GLU 83 ? A GLU 83  ? 1_555 87.7  ? 
2  NE2 ? A HIS 79 ? A HIS 79  ? 1_555 CD ? B CD . ? A CD 290 ? 1_555 ND1 ? A HIS 98 ? A HIS 98  ? 1_555 102.0 ? 
3  OE2 ? A GLU 83 ? A GLU 83  ? 1_555 CD ? B CD . ? A CD 290 ? 1_555 ND1 ? A HIS 98 ? A HIS 98  ? 1_555 100.4 ? 
4  NE2 ? A HIS 79 ? A HIS 79  ? 1_555 CD ? B CD . ? A CD 290 ? 1_555 S   ? C SO4 .  ? A SO4 303 ? 1_555 89.7  ? 
5  OE2 ? A GLU 83 ? A GLU 83  ? 1_555 CD ? B CD . ? A CD 290 ? 1_555 S   ? C SO4 .  ? A SO4 303 ? 1_555 141.5 ? 
6  ND1 ? A HIS 98 ? A HIS 98  ? 1_555 CD ? B CD . ? A CD 290 ? 1_555 S   ? C SO4 .  ? A SO4 303 ? 1_555 117.7 ? 
7  NE2 ? A HIS 79 ? A HIS 79  ? 1_555 CD ? B CD . ? A CD 290 ? 1_555 O3  ? C SO4 .  ? A SO4 303 ? 1_555 83.9  ? 
8  OE2 ? A GLU 83 ? A GLU 83  ? 1_555 CD ? B CD . ? A CD 290 ? 1_555 O3  ? C SO4 .  ? A SO4 303 ? 1_555 169.9 ? 
9  ND1 ? A HIS 98 ? A HIS 98  ? 1_555 CD ? B CD . ? A CD 290 ? 1_555 O3  ? C SO4 .  ? A SO4 303 ? 1_555 86.9  ? 
10 S   ? C SO4 .  ? A SO4 303 ? 1_555 CD ? B CD . ? A CD 290 ? 1_555 O3  ? C SO4 .  ? A SO4 303 ? 1_555 33.3  ? 
11 NE2 ? A HIS 79 ? A HIS 79  ? 1_555 CD ? B CD . ? A CD 290 ? 1_555 O2  ? C SO4 .  ? A SO4 303 ? 1_555 86.1  ? 
12 OE2 ? A GLU 83 ? A GLU 83  ? 1_555 CD ? B CD . ? A CD 290 ? 1_555 O2  ? C SO4 .  ? A SO4 303 ? 1_555 107.7 ? 
13 ND1 ? A HIS 98 ? A HIS 98  ? 1_555 CD ? B CD . ? A CD 290 ? 1_555 O2  ? C SO4 .  ? A SO4 303 ? 1_555 151.1 ? 
14 S   ? C SO4 .  ? A SO4 303 ? 1_555 CD ? B CD . ? A CD 290 ? 1_555 O2  ? C SO4 .  ? A SO4 303 ? 1_555 33.8  ? 
15 O3  ? C SO4 .  ? A SO4 303 ? 1_555 CD ? B CD . ? A CD 290 ? 1_555 O2  ? C SO4 .  ? A SO4 303 ? 1_555 66.2  ? 
16 NE2 ? A HIS 79 ? A HIS 79  ? 1_555 CD ? B CD . ? A CD 290 ? 1_555 O   ? D HOH .  ? A HOH 469 ? 1_555 167.6 ? 
17 OE2 ? A GLU 83 ? A GLU 83  ? 1_555 CD ? B CD . ? A CD 290 ? 1_555 O   ? D HOH .  ? A HOH 469 ? 1_555 99.0  ? 
18 ND1 ? A HIS 98 ? A HIS 98  ? 1_555 CD ? B CD . ? A CD 290 ? 1_555 O   ? D HOH .  ? A HOH 469 ? 1_555 87.1  ? 
19 S   ? C SO4 .  ? A SO4 303 ? 1_555 CD ? B CD . ? A CD 290 ? 1_555 O   ? D HOH .  ? A HOH 469 ? 1_555 78.5  ? 
20 O3  ? C SO4 .  ? A SO4 303 ? 1_555 CD ? B CD . ? A CD 290 ? 1_555 O   ? D HOH .  ? A HOH 469 ? 1_555 88.3  ? 
21 O2  ? C SO4 .  ? A SO4 303 ? 1_555 CD ? B CD . ? A CD 290 ? 1_555 O   ? D HOH .  ? A HOH 469 ? 1_555 81.9  ? 
# 
loop_
_struct_sheet.id 
_struct_sheet.type 
_struct_sheet.number_strands 
_struct_sheet.details 
A ? 2 ? 
B ? 4 ? 
# 
loop_
_struct_sheet_order.sheet_id 
_struct_sheet_order.range_id_1 
_struct_sheet_order.range_id_2 
_struct_sheet_order.offset 
_struct_sheet_order.sense 
A 1 2 ? anti-parallel 
B 1 2 ? anti-parallel 
B 2 3 ? anti-parallel 
B 3 4 ? anti-parallel 
# 
loop_
_struct_sheet_range.sheet_id 
_struct_sheet_range.id 
_struct_sheet_range.beg_label_comp_id 
_struct_sheet_range.beg_label_asym_id 
_struct_sheet_range.beg_label_seq_id 
_struct_sheet_range.pdbx_beg_PDB_ins_code 
_struct_sheet_range.end_label_comp_id 
_struct_sheet_range.end_label_asym_id 
_struct_sheet_range.end_label_seq_id 
_struct_sheet_range.pdbx_end_PDB_ins_code 
_struct_sheet_range.beg_auth_comp_id 
_struct_sheet_range.beg_auth_asym_id 
_struct_sheet_range.beg_auth_seq_id 
_struct_sheet_range.end_auth_comp_id 
_struct_sheet_range.end_auth_asym_id 
_struct_sheet_range.end_auth_seq_id 
A 1 VAL A 54  ? VAL A 56  ? VAL A 54  VAL A 56  
A 2 LEU A 62  ? MET A 64  ? LEU A 62  MET A 64  
B 1 ASP A 210 ? GLU A 212 ? ASP A 210 GLU A 212 
B 2 THR A 203 ? SER A 205 ? THR A 203 SER A 205 
B 3 GLU A 192 ? VAL A 196 ? GLU A 192 VAL A 196 
B 4 ARG A 222 ? ILE A 223 ? ARG A 222 ILE A 223 
# 
loop_
_pdbx_struct_sheet_hbond.sheet_id 
_pdbx_struct_sheet_hbond.range_id_1 
_pdbx_struct_sheet_hbond.range_id_2 
_pdbx_struct_sheet_hbond.range_1_label_atom_id 
_pdbx_struct_sheet_hbond.range_1_label_comp_id 
_pdbx_struct_sheet_hbond.range_1_label_asym_id 
_pdbx_struct_sheet_hbond.range_1_label_seq_id 
_pdbx_struct_sheet_hbond.range_1_PDB_ins_code 
_pdbx_struct_sheet_hbond.range_1_auth_atom_id 
_pdbx_struct_sheet_hbond.range_1_auth_comp_id 
_pdbx_struct_sheet_hbond.range_1_auth_asym_id 
_pdbx_struct_sheet_hbond.range_1_auth_seq_id 
_pdbx_struct_sheet_hbond.range_2_label_atom_id 
_pdbx_struct_sheet_hbond.range_2_label_comp_id 
_pdbx_struct_sheet_hbond.range_2_label_asym_id 
_pdbx_struct_sheet_hbond.range_2_label_seq_id 
_pdbx_struct_sheet_hbond.range_2_PDB_ins_code 
_pdbx_struct_sheet_hbond.range_2_auth_atom_id 
_pdbx_struct_sheet_hbond.range_2_auth_comp_id 
_pdbx_struct_sheet_hbond.range_2_auth_asym_id 
_pdbx_struct_sheet_hbond.range_2_auth_seq_id 
A 1 2 O VAL A 55  ? O VAL A 55  N GLN A 63  ? N GLN A 63  
B 1 2 N VAL A 211 ? N VAL A 211 O LEU A 204 ? O LEU A 204 
B 2 3 N SER A 205 ? N SER A 205 O GLU A 194 ? O GLU A 194 
B 3 4 N VAL A 166 ? N VAL A 166 O ARG A 222 ? O ARG A 222 
# 
loop_
_struct_site.id 
_struct_site.pdbx_evidence_code 
_struct_site.pdbx_auth_asym_id 
_struct_site.pdbx_auth_comp_id 
_struct_site.pdbx_auth_seq_id 
_struct_site.pdbx_auth_ins_code 
_struct_site.pdbx_num_residues 
_struct_site.details 
AC1 Software A CD  290 ? 5  'BINDING SITE FOR RESIDUE CD A 290'  
AC2 Software A SO4 303 ? 10 'BINDING SITE FOR RESIDUE SO4 A 303' 
# 
loop_
_struct_site_gen.id 
_struct_site_gen.site_id 
_struct_site_gen.pdbx_num_res 
_struct_site_gen.label_comp_id 
_struct_site_gen.label_asym_id 
_struct_site_gen.label_seq_id 
_struct_site_gen.pdbx_auth_ins_code 
_struct_site_gen.auth_comp_id 
_struct_site_gen.auth_asym_id 
_struct_site_gen.auth_seq_id 
_struct_site_gen.label_atom_id 
_struct_site_gen.label_alt_id 
_struct_site_gen.symmetry 
_struct_site_gen.details 
1  AC1 5  HIS A 79 ? HIS A 79  . ? 1_555 ? 
2  AC1 5  GLU A 83 ? GLU A 83  . ? 1_555 ? 
3  AC1 5  HIS A 98 ? HIS A 98  . ? 1_555 ? 
4  AC1 5  SO4 C .  ? SO4 A 303 . ? 1_555 ? 
5  AC1 5  HOH D .  ? HOH A 469 . ? 1_555 ? 
6  AC2 10 GLU A 17 ? GLU A 17  . ? 1_555 ? 
7  AC2 10 MET A 76 ? MET A 76  . ? 1_555 ? 
8  AC2 10 HIS A 79 ? HIS A 79  . ? 1_555 ? 
9  AC2 10 ARG A 80 ? ARG A 80  . ? 1_555 ? 
10 AC2 10 GLU A 83 ? GLU A 83  . ? 1_555 ? 
11 AC2 10 HIS A 98 ? HIS A 98  . ? 1_555 ? 
12 AC2 10 CD  B .  ? CD  A 290 . ? 1_555 ? 
13 AC2 10 HOH D .  ? HOH A 436 . ? 1_555 ? 
14 AC2 10 HOH D .  ? HOH A 452 . ? 1_555 ? 
15 AC2 10 HOH D .  ? HOH A 469 . ? 1_555 ? 
# 
loop_
_pdbx_validate_torsion.id 
_pdbx_validate_torsion.PDB_model_num 
_pdbx_validate_torsion.auth_comp_id 
_pdbx_validate_torsion.auth_asym_id 
_pdbx_validate_torsion.auth_seq_id 
_pdbx_validate_torsion.PDB_ins_code 
_pdbx_validate_torsion.label_alt_id 
_pdbx_validate_torsion.phi 
_pdbx_validate_torsion.psi 
1 1 GLU A 137 ? ? -65.58  1.44    
2 1 ALA A 156 ? ? -61.23  64.54   
3 1 VAL A 193 ? ? -117.93 -163.37 
4 1 ASN A 207 ? ? 70.38   38.19   
# 
loop_
_pdbx_unobs_or_zero_occ_residues.id 
_pdbx_unobs_or_zero_occ_residues.PDB_model_num 
_pdbx_unobs_or_zero_occ_residues.polymer_flag 
_pdbx_unobs_or_zero_occ_residues.occupancy_flag 
_pdbx_unobs_or_zero_occ_residues.auth_asym_id 
_pdbx_unobs_or_zero_occ_residues.auth_comp_id 
_pdbx_unobs_or_zero_occ_residues.auth_seq_id 
_pdbx_unobs_or_zero_occ_residues.PDB_ins_code 
_pdbx_unobs_or_zero_occ_residues.label_asym_id 
_pdbx_unobs_or_zero_occ_residues.label_comp_id 
_pdbx_unobs_or_zero_occ_residues.label_seq_id 
1  1 Y 1 A MET 1   ? A MET 1   
2  1 Y 1 A LYS 2   ? A LYS 2   
3  1 Y 1 A ASP 3   ? A ASP 3   
4  1 Y 1 A GLY 141 ? A GLY 141 
5  1 Y 1 A ASN 142 ? A ASN 142 
6  1 Y 1 A SER 143 ? A SER 143 
7  1 Y 1 A ASP 144 ? A ASP 144 
8  1 Y 1 A ALA 145 ? A ALA 145 
9  1 Y 1 A ALA 146 ? A ALA 146 
10 1 Y 1 A ALA 147 ? A ALA 147 
11 1 Y 1 A ARG 198 ? A ARG 198 
12 1 Y 1 A ASP 199 ? A ASP 199 
13 1 Y 1 A GLY 200 ? A GLY 200 
14 1 Y 1 A GLU 225 ? A GLU 225 
15 1 Y 1 A LEU 226 ? A LEU 226 
# 
loop_
_chem_comp_atom.comp_id 
_chem_comp_atom.atom_id 
_chem_comp_atom.type_symbol 
_chem_comp_atom.pdbx_aromatic_flag 
_chem_comp_atom.pdbx_stereo_config 
_chem_comp_atom.pdbx_ordinal 
ALA N    N  N N 1   
ALA CA   C  N S 2   
ALA C    C  N N 3   
ALA O    O  N N 4   
ALA CB   C  N N 5   
ALA OXT  O  N N 6   
ALA H    H  N N 7   
ALA H2   H  N N 8   
ALA HA   H  N N 9   
ALA HB1  H  N N 10  
ALA HB2  H  N N 11  
ALA HB3  H  N N 12  
ALA HXT  H  N N 13  
ARG N    N  N N 14  
ARG CA   C  N S 15  
ARG C    C  N N 16  
ARG O    O  N N 17  
ARG CB   C  N N 18  
ARG CG   C  N N 19  
ARG CD   C  N N 20  
ARG NE   N  N N 21  
ARG CZ   C  N N 22  
ARG NH1  N  N N 23  
ARG NH2  N  N N 24  
ARG OXT  O  N N 25  
ARG H    H  N N 26  
ARG H2   H  N N 27  
ARG HA   H  N N 28  
ARG HB2  H  N N 29  
ARG HB3  H  N N 30  
ARG HG2  H  N N 31  
ARG HG3  H  N N 32  
ARG HD2  H  N N 33  
ARG HD3  H  N N 34  
ARG HE   H  N N 35  
ARG HH11 H  N N 36  
ARG HH12 H  N N 37  
ARG HH21 H  N N 38  
ARG HH22 H  N N 39  
ARG HXT  H  N N 40  
ASN N    N  N N 41  
ASN CA   C  N S 42  
ASN C    C  N N 43  
ASN O    O  N N 44  
ASN CB   C  N N 45  
ASN CG   C  N N 46  
ASN OD1  O  N N 47  
ASN ND2  N  N N 48  
ASN OXT  O  N N 49  
ASN H    H  N N 50  
ASN H2   H  N N 51  
ASN HA   H  N N 52  
ASN HB2  H  N N 53  
ASN HB3  H  N N 54  
ASN HD21 H  N N 55  
ASN HD22 H  N N 56  
ASN HXT  H  N N 57  
ASP N    N  N N 58  
ASP CA   C  N S 59  
ASP C    C  N N 60  
ASP O    O  N N 61  
ASP CB   C  N N 62  
ASP CG   C  N N 63  
ASP OD1  O  N N 64  
ASP OD2  O  N N 65  
ASP OXT  O  N N 66  
ASP H    H  N N 67  
ASP H2   H  N N 68  
ASP HA   H  N N 69  
ASP HB2  H  N N 70  
ASP HB3  H  N N 71  
ASP HD2  H  N N 72  
ASP HXT  H  N N 73  
CD  CD   CD N N 74  
CYS N    N  N N 75  
CYS CA   C  N R 76  
CYS C    C  N N 77  
CYS O    O  N N 78  
CYS CB   C  N N 79  
CYS SG   S  N N 80  
CYS OXT  O  N N 81  
CYS H    H  N N 82  
CYS H2   H  N N 83  
CYS HA   H  N N 84  
CYS HB2  H  N N 85  
CYS HB3  H  N N 86  
CYS HG   H  N N 87  
CYS HXT  H  N N 88  
GLN N    N  N N 89  
GLN CA   C  N S 90  
GLN C    C  N N 91  
GLN O    O  N N 92  
GLN CB   C  N N 93  
GLN CG   C  N N 94  
GLN CD   C  N N 95  
GLN OE1  O  N N 96  
GLN NE2  N  N N 97  
GLN OXT  O  N N 98  
GLN H    H  N N 99  
GLN H2   H  N N 100 
GLN HA   H  N N 101 
GLN HB2  H  N N 102 
GLN HB3  H  N N 103 
GLN HG2  H  N N 104 
GLN HG3  H  N N 105 
GLN HE21 H  N N 106 
GLN HE22 H  N N 107 
GLN HXT  H  N N 108 
GLU N    N  N N 109 
GLU CA   C  N S 110 
GLU C    C  N N 111 
GLU O    O  N N 112 
GLU CB   C  N N 113 
GLU CG   C  N N 114 
GLU CD   C  N N 115 
GLU OE1  O  N N 116 
GLU OE2  O  N N 117 
GLU OXT  O  N N 118 
GLU H    H  N N 119 
GLU H2   H  N N 120 
GLU HA   H  N N 121 
GLU HB2  H  N N 122 
GLU HB3  H  N N 123 
GLU HG2  H  N N 124 
GLU HG3  H  N N 125 
GLU HE2  H  N N 126 
GLU HXT  H  N N 127 
GLY N    N  N N 128 
GLY CA   C  N N 129 
GLY C    C  N N 130 
GLY O    O  N N 131 
GLY OXT  O  N N 132 
GLY H    H  N N 133 
GLY H2   H  N N 134 
GLY HA2  H  N N 135 
GLY HA3  H  N N 136 
GLY HXT  H  N N 137 
HIS N    N  N N 138 
HIS CA   C  N S 139 
HIS C    C  N N 140 
HIS O    O  N N 141 
HIS CB   C  N N 142 
HIS CG   C  Y N 143 
HIS ND1  N  Y N 144 
HIS CD2  C  Y N 145 
HIS CE1  C  Y N 146 
HIS NE2  N  Y N 147 
HIS OXT  O  N N 148 
HIS H    H  N N 149 
HIS H2   H  N N 150 
HIS HA   H  N N 151 
HIS HB2  H  N N 152 
HIS HB3  H  N N 153 
HIS HD1  H  N N 154 
HIS HD2  H  N N 155 
HIS HE1  H  N N 156 
HIS HE2  H  N N 157 
HIS HXT  H  N N 158 
HOH O    O  N N 159 
HOH H1   H  N N 160 
HOH H2   H  N N 161 
ILE N    N  N N 162 
ILE CA   C  N S 163 
ILE C    C  N N 164 
ILE O    O  N N 165 
ILE CB   C  N S 166 
ILE CG1  C  N N 167 
ILE CG2  C  N N 168 
ILE CD1  C  N N 169 
ILE OXT  O  N N 170 
ILE H    H  N N 171 
ILE H2   H  N N 172 
ILE HA   H  N N 173 
ILE HB   H  N N 174 
ILE HG12 H  N N 175 
ILE HG13 H  N N 176 
ILE HG21 H  N N 177 
ILE HG22 H  N N 178 
ILE HG23 H  N N 179 
ILE HD11 H  N N 180 
ILE HD12 H  N N 181 
ILE HD13 H  N N 182 
ILE HXT  H  N N 183 
LEU N    N  N N 184 
LEU CA   C  N S 185 
LEU C    C  N N 186 
LEU O    O  N N 187 
LEU CB   C  N N 188 
LEU CG   C  N N 189 
LEU CD1  C  N N 190 
LEU CD2  C  N N 191 
LEU OXT  O  N N 192 
LEU H    H  N N 193 
LEU H2   H  N N 194 
LEU HA   H  N N 195 
LEU HB2  H  N N 196 
LEU HB3  H  N N 197 
LEU HG   H  N N 198 
LEU HD11 H  N N 199 
LEU HD12 H  N N 200 
LEU HD13 H  N N 201 
LEU HD21 H  N N 202 
LEU HD22 H  N N 203 
LEU HD23 H  N N 204 
LEU HXT  H  N N 205 
LYS N    N  N N 206 
LYS CA   C  N S 207 
LYS C    C  N N 208 
LYS O    O  N N 209 
LYS CB   C  N N 210 
LYS CG   C  N N 211 
LYS CD   C  N N 212 
LYS CE   C  N N 213 
LYS NZ   N  N N 214 
LYS OXT  O  N N 215 
LYS H    H  N N 216 
LYS H2   H  N N 217 
LYS HA   H  N N 218 
LYS HB2  H  N N 219 
LYS HB3  H  N N 220 
LYS HG2  H  N N 221 
LYS HG3  H  N N 222 
LYS HD2  H  N N 223 
LYS HD3  H  N N 224 
LYS HE2  H  N N 225 
LYS HE3  H  N N 226 
LYS HZ1  H  N N 227 
LYS HZ2  H  N N 228 
LYS HZ3  H  N N 229 
LYS HXT  H  N N 230 
MET N    N  N N 231 
MET CA   C  N S 232 
MET C    C  N N 233 
MET O    O  N N 234 
MET CB   C  N N 235 
MET CG   C  N N 236 
MET SD   S  N N 237 
MET CE   C  N N 238 
MET OXT  O  N N 239 
MET H    H  N N 240 
MET H2   H  N N 241 
MET HA   H  N N 242 
MET HB2  H  N N 243 
MET HB3  H  N N 244 
MET HG2  H  N N 245 
MET HG3  H  N N 246 
MET HE1  H  N N 247 
MET HE2  H  N N 248 
MET HE3  H  N N 249 
MET HXT  H  N N 250 
PHE N    N  N N 251 
PHE CA   C  N S 252 
PHE C    C  N N 253 
PHE O    O  N N 254 
PHE CB   C  N N 255 
PHE CG   C  Y N 256 
PHE CD1  C  Y N 257 
PHE CD2  C  Y N 258 
PHE CE1  C  Y N 259 
PHE CE2  C  Y N 260 
PHE CZ   C  Y N 261 
PHE OXT  O  N N 262 
PHE H    H  N N 263 
PHE H2   H  N N 264 
PHE HA   H  N N 265 
PHE HB2  H  N N 266 
PHE HB3  H  N N 267 
PHE HD1  H  N N 268 
PHE HD2  H  N N 269 
PHE HE1  H  N N 270 
PHE HE2  H  N N 271 
PHE HZ   H  N N 272 
PHE HXT  H  N N 273 
PRO N    N  N N 274 
PRO CA   C  N S 275 
PRO C    C  N N 276 
PRO O    O  N N 277 
PRO CB   C  N N 278 
PRO CG   C  N N 279 
PRO CD   C  N N 280 
PRO OXT  O  N N 281 
PRO H    H  N N 282 
PRO HA   H  N N 283 
PRO HB2  H  N N 284 
PRO HB3  H  N N 285 
PRO HG2  H  N N 286 
PRO HG3  H  N N 287 
PRO HD2  H  N N 288 
PRO HD3  H  N N 289 
PRO HXT  H  N N 290 
SER N    N  N N 291 
SER CA   C  N S 292 
SER C    C  N N 293 
SER O    O  N N 294 
SER CB   C  N N 295 
SER OG   O  N N 296 
SER OXT  O  N N 297 
SER H    H  N N 298 
SER H2   H  N N 299 
SER HA   H  N N 300 
SER HB2  H  N N 301 
SER HB3  H  N N 302 
SER HG   H  N N 303 
SER HXT  H  N N 304 
SO4 S    S  N N 305 
SO4 O1   O  N N 306 
SO4 O2   O  N N 307 
SO4 O3   O  N N 308 
SO4 O4   O  N N 309 
THR N    N  N N 310 
THR CA   C  N S 311 
THR C    C  N N 312 
THR O    O  N N 313 
THR CB   C  N R 314 
THR OG1  O  N N 315 
THR CG2  C  N N 316 
THR OXT  O  N N 317 
THR H    H  N N 318 
THR H2   H  N N 319 
THR HA   H  N N 320 
THR HB   H  N N 321 
THR HG1  H  N N 322 
THR HG21 H  N N 323 
THR HG22 H  N N 324 
THR HG23 H  N N 325 
THR HXT  H  N N 326 
TRP N    N  N N 327 
TRP CA   C  N S 328 
TRP C    C  N N 329 
TRP O    O  N N 330 
TRP CB   C  N N 331 
TRP CG   C  Y N 332 
TRP CD1  C  Y N 333 
TRP CD2  C  Y N 334 
TRP NE1  N  Y N 335 
TRP CE2  C  Y N 336 
TRP CE3  C  Y N 337 
TRP CZ2  C  Y N 338 
TRP CZ3  C  Y N 339 
TRP CH2  C  Y N 340 
TRP OXT  O  N N 341 
TRP H    H  N N 342 
TRP H2   H  N N 343 
TRP HA   H  N N 344 
TRP HB2  H  N N 345 
TRP HB3  H  N N 346 
TRP HD1  H  N N 347 
TRP HE1  H  N N 348 
TRP HE3  H  N N 349 
TRP HZ2  H  N N 350 
TRP HZ3  H  N N 351 
TRP HH2  H  N N 352 
TRP HXT  H  N N 353 
TYR N    N  N N 354 
TYR CA   C  N S 355 
TYR C    C  N N 356 
TYR O    O  N N 357 
TYR CB   C  N N 358 
TYR CG   C  Y N 359 
TYR CD1  C  Y N 360 
TYR CD2  C  Y N 361 
TYR CE1  C  Y N 362 
TYR CE2  C  Y N 363 
TYR CZ   C  Y N 364 
TYR OH   O  N N 365 
TYR OXT  O  N N 366 
TYR H    H  N N 367 
TYR H2   H  N N 368 
TYR HA   H  N N 369 
TYR HB2  H  N N 370 
TYR HB3  H  N N 371 
TYR HD1  H  N N 372 
TYR HD2  H  N N 373 
TYR HE1  H  N N 374 
TYR HE2  H  N N 375 
TYR HH   H  N N 376 
TYR HXT  H  N N 377 
VAL N    N  N N 378 
VAL CA   C  N S 379 
VAL C    C  N N 380 
VAL O    O  N N 381 
VAL CB   C  N N 382 
VAL CG1  C  N N 383 
VAL CG2  C  N N 384 
VAL OXT  O  N N 385 
VAL H    H  N N 386 
VAL H2   H  N N 387 
VAL HA   H  N N 388 
VAL HB   H  N N 389 
VAL HG11 H  N N 390 
VAL HG12 H  N N 391 
VAL HG13 H  N N 392 
VAL HG21 H  N N 393 
VAL HG22 H  N N 394 
VAL HG23 H  N N 395 
VAL HXT  H  N N 396 
# 
loop_
_chem_comp_bond.comp_id 
_chem_comp_bond.atom_id_1 
_chem_comp_bond.atom_id_2 
_chem_comp_bond.value_order 
_chem_comp_bond.pdbx_aromatic_flag 
_chem_comp_bond.pdbx_stereo_config 
_chem_comp_bond.pdbx_ordinal 
ALA N   CA   sing N N 1   
ALA N   H    sing N N 2   
ALA N   H2   sing N N 3   
ALA CA  C    sing N N 4   
ALA CA  CB   sing N N 5   
ALA CA  HA   sing N N 6   
ALA C   O    doub N N 7   
ALA C   OXT  sing N N 8   
ALA CB  HB1  sing N N 9   
ALA CB  HB2  sing N N 10  
ALA CB  HB3  sing N N 11  
ALA OXT HXT  sing N N 12  
ARG N   CA   sing N N 13  
ARG N   H    sing N N 14  
ARG N   H2   sing N N 15  
ARG CA  C    sing N N 16  
ARG CA  CB   sing N N 17  
ARG CA  HA   sing N N 18  
ARG C   O    doub N N 19  
ARG C   OXT  sing N N 20  
ARG CB  CG   sing N N 21  
ARG CB  HB2  sing N N 22  
ARG CB  HB3  sing N N 23  
ARG CG  CD   sing N N 24  
ARG CG  HG2  sing N N 25  
ARG CG  HG3  sing N N 26  
ARG CD  NE   sing N N 27  
ARG CD  HD2  sing N N 28  
ARG CD  HD3  sing N N 29  
ARG NE  CZ   sing N N 30  
ARG NE  HE   sing N N 31  
ARG CZ  NH1  sing N N 32  
ARG CZ  NH2  doub N N 33  
ARG NH1 HH11 sing N N 34  
ARG NH1 HH12 sing N N 35  
ARG NH2 HH21 sing N N 36  
ARG NH2 HH22 sing N N 37  
ARG OXT HXT  sing N N 38  
ASN N   CA   sing N N 39  
ASN N   H    sing N N 40  
ASN N   H2   sing N N 41  
ASN CA  C    sing N N 42  
ASN CA  CB   sing N N 43  
ASN CA  HA   sing N N 44  
ASN C   O    doub N N 45  
ASN C   OXT  sing N N 46  
ASN CB  CG   sing N N 47  
ASN CB  HB2  sing N N 48  
ASN CB  HB3  sing N N 49  
ASN CG  OD1  doub N N 50  
ASN CG  ND2  sing N N 51  
ASN ND2 HD21 sing N N 52  
ASN ND2 HD22 sing N N 53  
ASN OXT HXT  sing N N 54  
ASP N   CA   sing N N 55  
ASP N   H    sing N N 56  
ASP N   H2   sing N N 57  
ASP CA  C    sing N N 58  
ASP CA  CB   sing N N 59  
ASP CA  HA   sing N N 60  
ASP C   O    doub N N 61  
ASP C   OXT  sing N N 62  
ASP CB  CG   sing N N 63  
ASP CB  HB2  sing N N 64  
ASP CB  HB3  sing N N 65  
ASP CG  OD1  doub N N 66  
ASP CG  OD2  sing N N 67  
ASP OD2 HD2  sing N N 68  
ASP OXT HXT  sing N N 69  
CYS N   CA   sing N N 70  
CYS N   H    sing N N 71  
CYS N   H2   sing N N 72  
CYS CA  C    sing N N 73  
CYS CA  CB   sing N N 74  
CYS CA  HA   sing N N 75  
CYS C   O    doub N N 76  
CYS C   OXT  sing N N 77  
CYS CB  SG   sing N N 78  
CYS CB  HB2  sing N N 79  
CYS CB  HB3  sing N N 80  
CYS SG  HG   sing N N 81  
CYS OXT HXT  sing N N 82  
GLN N   CA   sing N N 83  
GLN N   H    sing N N 84  
GLN N   H2   sing N N 85  
GLN CA  C    sing N N 86  
GLN CA  CB   sing N N 87  
GLN CA  HA   sing N N 88  
GLN C   O    doub N N 89  
GLN C   OXT  sing N N 90  
GLN CB  CG   sing N N 91  
GLN CB  HB2  sing N N 92  
GLN CB  HB3  sing N N 93  
GLN CG  CD   sing N N 94  
GLN CG  HG2  sing N N 95  
GLN CG  HG3  sing N N 96  
GLN CD  OE1  doub N N 97  
GLN CD  NE2  sing N N 98  
GLN NE2 HE21 sing N N 99  
GLN NE2 HE22 sing N N 100 
GLN OXT HXT  sing N N 101 
GLU N   CA   sing N N 102 
GLU N   H    sing N N 103 
GLU N   H2   sing N N 104 
GLU CA  C    sing N N 105 
GLU CA  CB   sing N N 106 
GLU CA  HA   sing N N 107 
GLU C   O    doub N N 108 
GLU C   OXT  sing N N 109 
GLU CB  CG   sing N N 110 
GLU CB  HB2  sing N N 111 
GLU CB  HB3  sing N N 112 
GLU CG  CD   sing N N 113 
GLU CG  HG2  sing N N 114 
GLU CG  HG3  sing N N 115 
GLU CD  OE1  doub N N 116 
GLU CD  OE2  sing N N 117 
GLU OE2 HE2  sing N N 118 
GLU OXT HXT  sing N N 119 
GLY N   CA   sing N N 120 
GLY N   H    sing N N 121 
GLY N   H2   sing N N 122 
GLY CA  C    sing N N 123 
GLY CA  HA2  sing N N 124 
GLY CA  HA3  sing N N 125 
GLY C   O    doub N N 126 
GLY C   OXT  sing N N 127 
GLY OXT HXT  sing N N 128 
HIS N   CA   sing N N 129 
HIS N   H    sing N N 130 
HIS N   H2   sing N N 131 
HIS CA  C    sing N N 132 
HIS CA  CB   sing N N 133 
HIS CA  HA   sing N N 134 
HIS C   O    doub N N 135 
HIS C   OXT  sing N N 136 
HIS CB  CG   sing N N 137 
HIS CB  HB2  sing N N 138 
HIS CB  HB3  sing N N 139 
HIS CG  ND1  sing Y N 140 
HIS CG  CD2  doub Y N 141 
HIS ND1 CE1  doub Y N 142 
HIS ND1 HD1  sing N N 143 
HIS CD2 NE2  sing Y N 144 
HIS CD2 HD2  sing N N 145 
HIS CE1 NE2  sing Y N 146 
HIS CE1 HE1  sing N N 147 
HIS NE2 HE2  sing N N 148 
HIS OXT HXT  sing N N 149 
HOH O   H1   sing N N 150 
HOH O   H2   sing N N 151 
ILE N   CA   sing N N 152 
ILE N   H    sing N N 153 
ILE N   H2   sing N N 154 
ILE CA  C    sing N N 155 
ILE CA  CB   sing N N 156 
ILE CA  HA   sing N N 157 
ILE C   O    doub N N 158 
ILE C   OXT  sing N N 159 
ILE CB  CG1  sing N N 160 
ILE CB  CG2  sing N N 161 
ILE CB  HB   sing N N 162 
ILE CG1 CD1  sing N N 163 
ILE CG1 HG12 sing N N 164 
ILE CG1 HG13 sing N N 165 
ILE CG2 HG21 sing N N 166 
ILE CG2 HG22 sing N N 167 
ILE CG2 HG23 sing N N 168 
ILE CD1 HD11 sing N N 169 
ILE CD1 HD12 sing N N 170 
ILE CD1 HD13 sing N N 171 
ILE OXT HXT  sing N N 172 
LEU N   CA   sing N N 173 
LEU N   H    sing N N 174 
LEU N   H2   sing N N 175 
LEU CA  C    sing N N 176 
LEU CA  CB   sing N N 177 
LEU CA  HA   sing N N 178 
LEU C   O    doub N N 179 
LEU C   OXT  sing N N 180 
LEU CB  CG   sing N N 181 
LEU CB  HB2  sing N N 182 
LEU CB  HB3  sing N N 183 
LEU CG  CD1  sing N N 184 
LEU CG  CD2  sing N N 185 
LEU CG  HG   sing N N 186 
LEU CD1 HD11 sing N N 187 
LEU CD1 HD12 sing N N 188 
LEU CD1 HD13 sing N N 189 
LEU CD2 HD21 sing N N 190 
LEU CD2 HD22 sing N N 191 
LEU CD2 HD23 sing N N 192 
LEU OXT HXT  sing N N 193 
LYS N   CA   sing N N 194 
LYS N   H    sing N N 195 
LYS N   H2   sing N N 196 
LYS CA  C    sing N N 197 
LYS CA  CB   sing N N 198 
LYS CA  HA   sing N N 199 
LYS C   O    doub N N 200 
LYS C   OXT  sing N N 201 
LYS CB  CG   sing N N 202 
LYS CB  HB2  sing N N 203 
LYS CB  HB3  sing N N 204 
LYS CG  CD   sing N N 205 
LYS CG  HG2  sing N N 206 
LYS CG  HG3  sing N N 207 
LYS CD  CE   sing N N 208 
LYS CD  HD2  sing N N 209 
LYS CD  HD3  sing N N 210 
LYS CE  NZ   sing N N 211 
LYS CE  HE2  sing N N 212 
LYS CE  HE3  sing N N 213 
LYS NZ  HZ1  sing N N 214 
LYS NZ  HZ2  sing N N 215 
LYS NZ  HZ3  sing N N 216 
LYS OXT HXT  sing N N 217 
MET N   CA   sing N N 218 
MET N   H    sing N N 219 
MET N   H2   sing N N 220 
MET CA  C    sing N N 221 
MET CA  CB   sing N N 222 
MET CA  HA   sing N N 223 
MET C   O    doub N N 224 
MET C   OXT  sing N N 225 
MET CB  CG   sing N N 226 
MET CB  HB2  sing N N 227 
MET CB  HB3  sing N N 228 
MET CG  SD   sing N N 229 
MET CG  HG2  sing N N 230 
MET CG  HG3  sing N N 231 
MET SD  CE   sing N N 232 
MET CE  HE1  sing N N 233 
MET CE  HE2  sing N N 234 
MET CE  HE3  sing N N 235 
MET OXT HXT  sing N N 236 
PHE N   CA   sing N N 237 
PHE N   H    sing N N 238 
PHE N   H2   sing N N 239 
PHE CA  C    sing N N 240 
PHE CA  CB   sing N N 241 
PHE CA  HA   sing N N 242 
PHE C   O    doub N N 243 
PHE C   OXT  sing N N 244 
PHE CB  CG   sing N N 245 
PHE CB  HB2  sing N N 246 
PHE CB  HB3  sing N N 247 
PHE CG  CD1  doub Y N 248 
PHE CG  CD2  sing Y N 249 
PHE CD1 CE1  sing Y N 250 
PHE CD1 HD1  sing N N 251 
PHE CD2 CE2  doub Y N 252 
PHE CD2 HD2  sing N N 253 
PHE CE1 CZ   doub Y N 254 
PHE CE1 HE1  sing N N 255 
PHE CE2 CZ   sing Y N 256 
PHE CE2 HE2  sing N N 257 
PHE CZ  HZ   sing N N 258 
PHE OXT HXT  sing N N 259 
PRO N   CA   sing N N 260 
PRO N   CD   sing N N 261 
PRO N   H    sing N N 262 
PRO CA  C    sing N N 263 
PRO CA  CB   sing N N 264 
PRO CA  HA   sing N N 265 
PRO C   O    doub N N 266 
PRO C   OXT  sing N N 267 
PRO CB  CG   sing N N 268 
PRO CB  HB2  sing N N 269 
PRO CB  HB3  sing N N 270 
PRO CG  CD   sing N N 271 
PRO CG  HG2  sing N N 272 
PRO CG  HG3  sing N N 273 
PRO CD  HD2  sing N N 274 
PRO CD  HD3  sing N N 275 
PRO OXT HXT  sing N N 276 
SER N   CA   sing N N 277 
SER N   H    sing N N 278 
SER N   H2   sing N N 279 
SER CA  C    sing N N 280 
SER CA  CB   sing N N 281 
SER CA  HA   sing N N 282 
SER C   O    doub N N 283 
SER C   OXT  sing N N 284 
SER CB  OG   sing N N 285 
SER CB  HB2  sing N N 286 
SER CB  HB3  sing N N 287 
SER OG  HG   sing N N 288 
SER OXT HXT  sing N N 289 
SO4 S   O1   doub N N 290 
SO4 S   O2   doub N N 291 
SO4 S   O3   sing N N 292 
SO4 S   O4   sing N N 293 
THR N   CA   sing N N 294 
THR N   H    sing N N 295 
THR N   H2   sing N N 296 
THR CA  C    sing N N 297 
THR CA  CB   sing N N 298 
THR CA  HA   sing N N 299 
THR C   O    doub N N 300 
THR C   OXT  sing N N 301 
THR CB  OG1  sing N N 302 
THR CB  CG2  sing N N 303 
THR CB  HB   sing N N 304 
THR OG1 HG1  sing N N 305 
THR CG2 HG21 sing N N 306 
THR CG2 HG22 sing N N 307 
THR CG2 HG23 sing N N 308 
THR OXT HXT  sing N N 309 
TRP N   CA   sing N N 310 
TRP N   H    sing N N 311 
TRP N   H2   sing N N 312 
TRP CA  C    sing N N 313 
TRP CA  CB   sing N N 314 
TRP CA  HA   sing N N 315 
TRP C   O    doub N N 316 
TRP C   OXT  sing N N 317 
TRP CB  CG   sing N N 318 
TRP CB  HB2  sing N N 319 
TRP CB  HB3  sing N N 320 
TRP CG  CD1  doub Y N 321 
TRP CG  CD2  sing Y N 322 
TRP CD1 NE1  sing Y N 323 
TRP CD1 HD1  sing N N 324 
TRP CD2 CE2  doub Y N 325 
TRP CD2 CE3  sing Y N 326 
TRP NE1 CE2  sing Y N 327 
TRP NE1 HE1  sing N N 328 
TRP CE2 CZ2  sing Y N 329 
TRP CE3 CZ3  doub Y N 330 
TRP CE3 HE3  sing N N 331 
TRP CZ2 CH2  doub Y N 332 
TRP CZ2 HZ2  sing N N 333 
TRP CZ3 CH2  sing Y N 334 
TRP CZ3 HZ3  sing N N 335 
TRP CH2 HH2  sing N N 336 
TRP OXT HXT  sing N N 337 
TYR N   CA   sing N N 338 
TYR N   H    sing N N 339 
TYR N   H2   sing N N 340 
TYR CA  C    sing N N 341 
TYR CA  CB   sing N N 342 
TYR CA  HA   sing N N 343 
TYR C   O    doub N N 344 
TYR C   OXT  sing N N 345 
TYR CB  CG   sing N N 346 
TYR CB  HB2  sing N N 347 
TYR CB  HB3  sing N N 348 
TYR CG  CD1  doub Y N 349 
TYR CG  CD2  sing Y N 350 
TYR CD1 CE1  sing Y N 351 
TYR CD1 HD1  sing N N 352 
TYR CD2 CE2  doub Y N 353 
TYR CD2 HD2  sing N N 354 
TYR CE1 CZ   doub Y N 355 
TYR CE1 HE1  sing N N 356 
TYR CE2 CZ   sing Y N 357 
TYR CE2 HE2  sing N N 358 
TYR CZ  OH   sing N N 359 
TYR OH  HH   sing N N 360 
TYR OXT HXT  sing N N 361 
VAL N   CA   sing N N 362 
VAL N   H    sing N N 363 
VAL N   H2   sing N N 364 
VAL CA  C    sing N N 365 
VAL CA  CB   sing N N 366 
VAL CA  HA   sing N N 367 
VAL C   O    doub N N 368 
VAL C   OXT  sing N N 369 
VAL CB  CG1  sing N N 370 
VAL CB  CG2  sing N N 371 
VAL CB  HB   sing N N 372 
VAL CG1 HG11 sing N N 373 
VAL CG1 HG12 sing N N 374 
VAL CG1 HG13 sing N N 375 
VAL CG2 HG21 sing N N 376 
VAL CG2 HG22 sing N N 377 
VAL CG2 HG23 sing N N 378 
VAL OXT HXT  sing N N 379 
# 
_atom_sites.entry_id                    1G3W 
_atom_sites.fract_transf_matrix[1][1]   -0.01310811 
_atom_sites.fract_transf_matrix[1][2]   0.00843256 
_atom_sites.fract_transf_matrix[1][3]   -0.00936661 
_atom_sites.fract_transf_matrix[2][1]   0.00415883 
_atom_sites.fract_transf_matrix[2][2]   0.00943039 
_atom_sites.fract_transf_matrix[2][3]   -0.01498098 
_atom_sites.fract_transf_matrix[3][1]   -0.00120628 
_atom_sites.fract_transf_matrix[3][2]   -0.00747081 
_atom_sites.fract_transf_matrix[3][3]   -0.00503768 
_atom_sites.fract_transf_vector[1]      0.648759 
_atom_sites.fract_transf_vector[2]      0.432194 
_atom_sites.fract_transf_vector[3]      0.101169 
# 
loop_
_atom_type.symbol 
C  
CD 
N  
O  
S  
# 
loop_
_atom_site.group_PDB 
_atom_site.id 
_atom_site.type_symbol 
_atom_site.label_atom_id 
_atom_site.label_alt_id 
_atom_site.label_comp_id 
_atom_site.label_asym_id 
_atom_site.label_entity_id 
_atom_site.label_seq_id 
_atom_site.pdbx_PDB_ins_code 
_atom_site.Cartn_x 
_atom_site.Cartn_y 
_atom_site.Cartn_z 
_atom_site.occupancy 
_atom_site.B_iso_or_equiv 
_atom_site.pdbx_formal_charge 
_atom_site.auth_seq_id 
_atom_site.auth_comp_id 
_atom_site.auth_asym_id 
_atom_site.auth_atom_id 
_atom_site.pdbx_PDB_model_num 
ATOM   1    N  N   . LEU A 1 4   ? 10.135  3.732   8.802   1.00 95.25  ? 4   LEU A N   1 
ATOM   2    C  CA  . LEU A 1 4   ? 11.442  3.354   9.407   1.00 92.43  ? 4   LEU A CA  1 
ATOM   3    C  C   . LEU A 1 4   ? 12.157  2.371   8.494   1.00 89.13  ? 4   LEU A C   1 
ATOM   4    O  O   . LEU A 1 4   ? 11.511  1.587   7.794   1.00 88.40  ? 4   LEU A O   1 
ATOM   5    C  CB  . LEU A 1 4   ? 11.250  2.680   10.769  1.00 96.14  ? 4   LEU A CB  1 
ATOM   6    C  CG  . LEU A 1 4   ? 10.574  3.486   11.890  1.00 99.98  ? 4   LEU A CG  1 
ATOM   7    C  CD1 . LEU A 1 4   ? 10.358  2.561   13.104  1.00 99.98  ? 4   LEU A CD1 1 
ATOM   8    C  CD2 . LEU A 1 4   ? 11.403  4.750   12.261  1.00 99.97  ? 4   LEU A CD2 1 
ATOM   9    N  N   . VAL A 1 5   ? 13.474  2.384   8.547   1.00 84.92  ? 5   VAL A N   1 
ATOM   10   C  CA  . VAL A 1 5   ? 14.277  1.507   7.705   1.00 79.35  ? 5   VAL A CA  1 
ATOM   11   C  C   . VAL A 1 5   ? 14.162  0.063   8.207   1.00 71.17  ? 5   VAL A C   1 
ATOM   12   O  O   . VAL A 1 5   ? 15.155  -0.546  8.575   1.00 73.97  ? 5   VAL A O   1 
ATOM   13   C  CB  . VAL A 1 5   ? 15.795  2.021   7.630   1.00 82.88  ? 5   VAL A CB  1 
ATOM   14   C  CG1 . VAL A 1 5   ? 16.688  1.112   6.720   1.00 82.76  ? 5   VAL A CG1 1 
ATOM   15   C  CG2 . VAL A 1 5   ? 15.840  3.476   7.072   1.00 80.02  ? 5   VAL A CG2 1 
ATOM   16   N  N   . ASP A 1 6   ? 12.954  -0.498  8.211   1.00 61.13  ? 6   ASP A N   1 
ATOM   17   C  CA  . ASP A 1 6   ? 12.807  -1.871  8.677   1.00 52.53  ? 6   ASP A CA  1 
ATOM   18   C  C   . ASP A 1 6   ? 13.649  -2.811  7.830   1.00 49.74  ? 6   ASP A C   1 
ATOM   19   O  O   . ASP A 1 6   ? 13.683  -2.714  6.596   1.00 46.44  ? 6   ASP A O   1 
ATOM   20   C  CB  . ASP A 1 6   ? 11.350  -2.323  8.640   1.00 50.14  ? 6   ASP A CB  1 
ATOM   21   C  CG  . ASP A 1 6   ? 10.837  -2.740  10.014  1.00 54.15  ? 6   ASP A CG  1 
ATOM   22   O  OD1 . ASP A 1 6   ? 11.592  -3.426  10.757  1.00 56.72  ? 6   ASP A OD1 1 
ATOM   23   O  OD2 . ASP A 1 6   ? 9.675   -2.390  10.353  1.00 48.93  ? 6   ASP A OD2 1 
ATOM   24   N  N   . THR A 1 7   ? 14.412  -3.661  8.512   1.00 49.49  ? 7   THR A N   1 
ATOM   25   C  CA  . THR A 1 7   ? 15.267  -4.655  7.859   1.00 48.33  ? 7   THR A CA  1 
ATOM   26   C  C   . THR A 1 7   ? 14.353  -5.699  7.207   1.00 46.35  ? 7   THR A C   1 
ATOM   27   O  O   . THR A 1 7   ? 14.679  -6.273  6.164   1.00 47.21  ? 7   THR A O   1 
ATOM   28   C  CB  . THR A 1 7   ? 16.193  -5.325  8.881   1.00 49.07  ? 7   THR A CB  1 
ATOM   29   O  OG1 . THR A 1 7   ? 15.396  -5.900  9.923   1.00 58.11  ? 7   THR A OG1 1 
ATOM   30   C  CG2 . THR A 1 7   ? 17.129  -4.297  9.498   1.00 49.45  ? 7   THR A CG2 1 
ATOM   31   N  N   . THR A 1 8   ? 13.198  -5.917  7.835   1.00 40.61  ? 8   THR A N   1 
ATOM   32   C  CA  . THR A 1 8   ? 12.187  -6.831  7.346   1.00 34.98  ? 8   THR A CA  1 
ATOM   33   C  C   . THR A 1 8   ? 11.694  -6.334  5.995   1.00 34.53  ? 8   THR A C   1 
ATOM   34   O  O   . THR A 1 8   ? 11.540  -7.126  5.078   1.00 36.78  ? 8   THR A O   1 
ATOM   35   C  CB  . THR A 1 8   ? 11.037  -6.923  8.349   1.00 35.45  ? 8   THR A CB  1 
ATOM   36   O  OG1 . THR A 1 8   ? 11.491  -7.633  9.504   1.00 36.34  ? 8   THR A OG1 1 
ATOM   37   C  CG2 . THR A 1 8   ? 9.840   -7.628  7.766   1.00 34.48  ? 8   THR A CG2 1 
ATOM   38   N  N   . GLU A 1 9   ? 11.460  -5.027  5.860   1.00 32.23  ? 9   GLU A N   1 
ATOM   39   C  CA  . GLU A 1 9   ? 11.035  -4.484  4.578   1.00 29.77  ? 9   GLU A CA  1 
ATOM   40   C  C   . GLU A 1 9   ? 12.128  -4.739  3.553   1.00 32.50  ? 9   GLU A C   1 
ATOM   41   O  O   . GLU A 1 9   ? 11.846  -5.058  2.401   1.00 37.56  ? 9   GLU A O   1 
ATOM   42   C  CB  . GLU A 1 9   ? 10.780  -2.991  4.664   1.00 26.93  ? 9   GLU A CB  1 
ATOM   43   C  CG  . GLU A 1 9   ? 9.493   -2.638  5.365   1.00 30.59  ? 9   GLU A CG  1 
ATOM   44   C  CD  . GLU A 1 9   ? 9.213   -1.129  5.358   1.00 37.61  ? 9   GLU A CD  1 
ATOM   45   O  OE1 . GLU A 1 9   ? 10.121  -0.332  5.025   1.00 36.77  ? 9   GLU A OE1 1 
ATOM   46   O  OE2 . GLU A 1 9   ? 8.076   -0.737  5.700   1.00 34.85  ? 9   GLU A OE2 1 
ATOM   47   N  N   . MET A 1 10  ? 13.378  -4.626  3.986   1.00 34.88  ? 10  MET A N   1 
ATOM   48   C  CA  . MET A 1 10  ? 14.539  -4.857  3.125   1.00 36.49  ? 10  MET A CA  1 
ATOM   49   C  C   . MET A 1 10  ? 14.650  -6.319  2.645   1.00 35.81  ? 10  MET A C   1 
ATOM   50   O  O   . MET A 1 10  ? 14.860  -6.599  1.457   1.00 38.44  ? 10  MET A O   1 
ATOM   51   C  CB  . MET A 1 10  ? 15.794  -4.465  3.875   1.00 38.85  ? 10  MET A CB  1 
ATOM   52   C  CG  . MET A 1 10  ? 16.970  -4.220  3.001   1.00 43.45  ? 10  MET A CG  1 
ATOM   53   S  SD  . MET A 1 10  ? 18.329  -3.863  4.079   1.00 58.44  ? 10  MET A SD  1 
ATOM   54   C  CE  . MET A 1 10  ? 17.624  -2.434  5.111   1.00 56.97  ? 10  MET A CE  1 
ATOM   55   N  N   . TYR A 1 11  ? 14.506  -7.266  3.558   1.00 33.47  ? 11  TYR A N   1 
ATOM   56   C  CA  . TYR A 1 11  ? 14.572  -8.661  3.158   1.00 30.82  ? 11  TYR A CA  1 
ATOM   57   C  C   . TYR A 1 11  ? 13.450  -9.000  2.172   1.00 26.97  ? 11  TYR A C   1 
ATOM   58   O  O   . TYR A 1 11  ? 13.685  -9.672  1.175   1.00 28.24  ? 11  TYR A O   1 
ATOM   59   C  CB  . TYR A 1 11  ? 14.529  -9.570  4.389   1.00 30.54  ? 11  TYR A CB  1 
ATOM   60   C  CG  . TYR A 1 11  ? 15.880  -9.745  5.087   1.00 31.04  ? 11  TYR A CG  1 
ATOM   61   C  CD1 . TYR A 1 11  ? 16.521  -8.677  5.706   1.00 29.83  ? 11  TYR A CD1 1 
ATOM   62   C  CD2 . TYR A 1 11  ? 16.482  -11.000 5.170   1.00 30.48  ? 11  TYR A CD2 1 
ATOM   63   C  CE1 . TYR A 1 11  ? 17.712  -8.858  6.391   1.00 30.77  ? 11  TYR A CE1 1 
ATOM   64   C  CE2 . TYR A 1 11  ? 17.669  -11.183 5.847   1.00 29.93  ? 11  TYR A CE2 1 
ATOM   65   C  CZ  . TYR A 1 11  ? 18.271  -10.118 6.454   1.00 32.82  ? 11  TYR A CZ  1 
ATOM   66   O  OH  . TYR A 1 11  ? 19.437  -10.320 7.135   1.00 39.48  ? 11  TYR A OH  1 
ATOM   67   N  N   . LEU A 1 12  ? 12.255  -8.471  2.426   1.00 25.59  ? 12  LEU A N   1 
ATOM   68   C  CA  . LEU A 1 12  ? 11.075  -8.697  1.590   1.00 21.64  ? 12  LEU A CA  1 
ATOM   69   C  C   . LEU A 1 12  ? 11.210  -8.126  0.204   1.00 23.30  ? 12  LEU A C   1 
ATOM   70   O  O   . LEU A 1 12  ? 10.743  -8.727  -0.750  1.00 27.07  ? 12  LEU A O   1 
ATOM   71   C  CB  . LEU A 1 12  ? 9.824   -8.114  2.238   1.00 21.14  ? 12  LEU A CB  1 
ATOM   72   C  CG  . LEU A 1 12  ? 9.415   -8.830  3.518   1.00 21.63  ? 12  LEU A CG  1 
ATOM   73   C  CD1 . LEU A 1 12  ? 8.336   -8.073  4.260   1.00 21.60  ? 12  LEU A CD1 1 
ATOM   74   C  CD2 . LEU A 1 12  ? 8.964   -10.213 3.169   1.00 23.71  ? 12  LEU A CD2 1 
ATOM   75   N  N   . ARG A 1 13  ? 11.796  -6.947  0.065   1.00 27.93  ? 13  ARG A N   1 
ATOM   76   C  CA  . ARG A 1 13  ? 11.963  -6.415  -1.280  1.00 28.33  ? 13  ARG A CA  1 
ATOM   77   C  C   . ARG A 1 13  ? 13.001  -7.252  -2.014  1.00 29.69  ? 13  ARG A C   1 
ATOM   78   O  O   . ARG A 1 13  ? 12.893  -7.458  -3.233  1.00 28.71  ? 13  ARG A O   1 
ATOM   79   C  CB  . ARG A 1 13  ? 12.410  -4.971  -1.281  1.00 28.15  ? 13  ARG A CB  1 
ATOM   80   C  CG  . ARG A 1 13  ? 12.714  -4.526  -2.681  1.00 33.64  ? 13  ARG A CG  1 
ATOM   81   C  CD  . ARG A 1 13  ? 13.089  -3.090  -2.716  1.00 38.03  ? 13  ARG A CD  1 
ATOM   82   N  NE  . ARG A 1 13  ? 14.154  -2.800  -1.771  1.00 42.65  ? 13  ARG A NE  1 
ATOM   83   C  CZ  . ARG A 1 13  ? 15.438  -2.814  -2.082  1.00 43.91  ? 13  ARG A CZ  1 
ATOM   84   N  NH1 . ARG A 1 13  ? 15.818  -3.117  -3.319  1.00 45.11  ? 13  ARG A NH1 1 
ATOM   85   N  NH2 . ARG A 1 13  ? 16.332  -2.466  -1.169  1.00 45.92  ? 13  ARG A NH2 1 
ATOM   86   N  N   . THR A 1 14  ? 13.990  -7.740  -1.260  1.00 29.37  ? 14  THR A N   1 
ATOM   87   C  CA  . THR A 1 14  ? 15.055  -8.575  -1.812  1.00 31.22  ? 14  THR A CA  1 
ATOM   88   C  C   . THR A 1 14  ? 14.504  -9.865  -2.404  1.00 32.41  ? 14  THR A C   1 
ATOM   89   O  O   . THR A 1 14  ? 14.814  -10.206 -3.546  1.00 36.10  ? 14  THR A O   1 
ATOM   90   C  CB  . THR A 1 14  ? 16.131  -8.878  -0.769  1.00 30.46  ? 14  THR A CB  1 
ATOM   91   O  OG1 . THR A 1 14  ? 16.716  -7.645  -0.350  1.00 29.34  ? 14  THR A OG1 1 
ATOM   92   C  CG2 . THR A 1 14  ? 17.228  -9.750  -1.361  1.00 21.55  ? 14  THR A CG2 1 
ATOM   93   N  N   . ILE A 1 15  ? 13.691  -10.579 -1.633  1.00 34.25  ? 15  ILE A N   1 
ATOM   94   C  CA  . ILE A 1 15  ? 13.059  -11.811 -2.113  1.00 33.66  ? 15  ILE A CA  1 
ATOM   95   C  C   . ILE A 1 15  ? 12.227  -11.475 -3.373  1.00 33.67  ? 15  ILE A C   1 
ATOM   96   O  O   . ILE A 1 15  ? 12.238  -12.221 -4.357  1.00 34.65  ? 15  ILE A O   1 
ATOM   97   C  CB  . ILE A 1 15  ? 12.155  -12.436 -1.009  1.00 30.52  ? 15  ILE A CB  1 
ATOM   98   C  CG1 . ILE A 1 15  ? 13.020  -12.836 0.178   1.00 27.89  ? 15  ILE A CG1 1 
ATOM   99   C  CG2 . ILE A 1 15  ? 11.390  -13.643 -1.528  1.00 28.14  ? 15  ILE A CG2 1 
ATOM   100  C  CD1 . ILE A 1 15  ? 12.231  -13.262 1.353   1.00 24.43  ? 15  ILE A CD1 1 
ATOM   101  N  N   . TYR A 1 16  ? 11.574  -10.316 -3.362  1.00 34.63  ? 16  TYR A N   1 
ATOM   102  C  CA  . TYR A 1 16  ? 10.750  -9.883  -4.487  1.00 32.92  ? 16  TYR A CA  1 
ATOM   103  C  C   . TYR A 1 16  ? 11.591  -9.666  -5.738  1.00 35.53  ? 16  TYR A C   1 
ATOM   104  O  O   . TYR A 1 16  ? 11.170  -10.035 -6.841  1.00 39.25  ? 16  TYR A O   1 
ATOM   105  C  CB  . TYR A 1 16  ? 9.984   -8.611  -4.126  1.00 30.35  ? 16  TYR A CB  1 
ATOM   106  C  CG  . TYR A 1 16  ? 8.979   -8.189  -5.163  1.00 28.14  ? 16  TYR A CG  1 
ATOM   107  C  CD1 . TYR A 1 16  ? 9.386   -7.676  -6.392  1.00 28.83  ? 16  TYR A CD1 1 
ATOM   108  C  CD2 . TYR A 1 16  ? 7.623   -8.328  -4.929  1.00 32.52  ? 16  TYR A CD2 1 
ATOM   109  C  CE1 . TYR A 1 16  ? 8.474   -7.316  -7.362  1.00 31.54  ? 16  TYR A CE1 1 
ATOM   110  C  CE2 . TYR A 1 16  ? 6.696   -7.971  -5.894  1.00 37.35  ? 16  TYR A CE2 1 
ATOM   111  C  CZ  . TYR A 1 16  ? 7.128   -7.467  -7.110  1.00 36.21  ? 16  TYR A CZ  1 
ATOM   112  O  OH  . TYR A 1 16  ? 6.197   -7.129  -8.062  1.00 39.82  ? 16  TYR A OH  1 
ATOM   113  N  N   . GLU A 1 17  ? 12.742  -9.018  -5.582  1.00 35.81  ? 17  GLU A N   1 
ATOM   114  C  CA  . GLU A 1 17  ? 13.643  -8.785  -6.705  1.00 35.12  ? 17  GLU A CA  1 
ATOM   115  C  C   . GLU A 1 17  ? 14.115  -10.115 -7.291  1.00 34.02  ? 17  GLU A C   1 
ATOM   116  O  O   . GLU A 1 17  ? 14.135  -10.285 -8.508  1.00 35.47  ? 17  GLU A O   1 
ATOM   117  C  CB  . GLU A 1 17  ? 14.875  -7.999  -6.270  1.00 35.17  ? 17  GLU A CB  1 
ATOM   118  C  CG  . GLU A 1 17  ? 14.652  -6.533  -6.044  1.00 41.32  ? 17  GLU A CG  1 
ATOM   119  C  CD  . GLU A 1 17  ? 15.908  -5.802  -5.549  1.00 47.96  ? 17  GLU A CD  1 
ATOM   120  O  OE1 . GLU A 1 17  ? 16.885  -6.476  -5.116  1.00 46.06  ? 17  GLU A OE1 1 
ATOM   121  O  OE2 . GLU A 1 17  ? 15.899  -4.544  -5.590  1.00 45.58  ? 17  GLU A OE2 1 
ATOM   122  N  N   . LEU A 1 18  ? 14.531  -11.040 -6.428  1.00 32.77  ? 18  LEU A N   1 
ATOM   123  C  CA  . LEU A 1 18  ? 15.021  -12.339 -6.878  1.00 30.84  ? 18  LEU A CA  1 
ATOM   124  C  C   . LEU A 1 18  ? 14.008  -13.058 -7.739  1.00 31.04  ? 18  LEU A C   1 
ATOM   125  O  O   . LEU A 1 18  ? 14.318  -13.464 -8.845  1.00 34.14  ? 18  LEU A O   1 
ATOM   126  C  CB  . LEU A 1 18  ? 15.421  -13.211 -5.695  1.00 28.80  ? 18  LEU A CB  1 
ATOM   127  C  CG  . LEU A 1 18  ? 16.695  -12.721 -5.018  1.00 33.53  ? 18  LEU A CG  1 
ATOM   128  C  CD1 . LEU A 1 18  ? 17.144  -13.721 -3.971  1.00 32.59  ? 18  LEU A CD1 1 
ATOM   129  C  CD2 . LEU A 1 18  ? 17.784  -12.531 -6.070  1.00 35.33  ? 18  LEU A CD2 1 
ATOM   130  N  N   . GLU A 1 19  ? 12.796  -13.227 -7.232  1.00 33.07  ? 19  GLU A N   1 
ATOM   131  C  CA  . GLU A 1 19  ? 11.750  -13.885 -8.002  1.00 36.76  ? 19  GLU A CA  1 
ATOM   132  C  C   . GLU A 1 19  ? 11.649  -13.184 -9.337  1.00 38.19  ? 19  GLU A C   1 
ATOM   133  O  O   . GLU A 1 19  ? 11.713  -13.818 -10.374 1.00 46.31  ? 19  GLU A O   1 
ATOM   134  C  CB  . GLU A 1 19  ? 10.383  -13.740 -7.339  1.00 35.25  ? 19  GLU A CB  1 
ATOM   135  C  CG  . GLU A 1 19  ? 10.208  -14.424 -6.017  1.00 39.97  ? 19  GLU A CG  1 
ATOM   136  C  CD  . GLU A 1 19  ? 8.794   -14.334 -5.538  1.00 46.62  ? 19  GLU A CD  1 
ATOM   137  O  OE1 . GLU A 1 19  ? 7.989   -13.556 -6.100  1.00 49.91  ? 19  GLU A OE1 1 
ATOM   138  O  OE2 . GLU A 1 19  ? 8.475   -15.047 -4.585  1.00 50.92  ? 19  GLU A OE2 1 
ATOM   139  N  N   . GLU A 1 20  ? 11.495  -11.869 -9.286  1.00 37.28  ? 20  GLU A N   1 
ATOM   140  C  CA  . GLU A 1 20  ? 11.363  -11.037 -10.468 1.00 37.84  ? 20  GLU A CA  1 
ATOM   141  C  C   . GLU A 1 20  ? 12.445  -11.331 -11.516 1.00 38.77  ? 20  GLU A C   1 
ATOM   142  O  O   . GLU A 1 20  ? 12.150  -11.521 -12.693 1.00 40.72  ? 20  GLU A O   1 
ATOM   143  C  CB  . GLU A 1 20  ? 11.386  -9.568  -10.051 1.00 35.71  ? 20  GLU A CB  1 
ATOM   144  C  CG  . GLU A 1 20  ? 10.756  -8.644  -11.061 1.00 40.17  ? 20  GLU A CG  1 
ATOM   145  C  CD  . GLU A 1 20  ? 10.790  -7.198  -10.637 1.00 40.97  ? 20  GLU A CD  1 
ATOM   146  O  OE1 . GLU A 1 20  ? 11.787  -6.787  -10.018 1.00 40.65  ? 20  GLU A OE1 1 
ATOM   147  O  OE2 . GLU A 1 20  ? 9.821   -6.471  -10.931 1.00 44.18  ? 20  GLU A OE2 1 
ATOM   148  N  N   . GLU A 1 21  ? 13.695  -11.389 -11.086 1.00 39.11  ? 21  GLU A N   1 
ATOM   149  C  CA  . GLU A 1 21  ? 14.779  -11.678 -12.004 1.00 42.16  ? 21  GLU A CA  1 
ATOM   150  C  C   . GLU A 1 21  ? 14.703  -13.134 -12.401 1.00 45.59  ? 21  GLU A C   1 
ATOM   151  O  O   . GLU A 1 21  ? 15.425  -13.575 -13.286 1.00 49.29  ? 21  GLU A O   1 
ATOM   152  C  CB  . GLU A 1 21  ? 16.110  -11.422 -11.336 1.00 45.38  ? 21  GLU A CB  1 
ATOM   153  C  CG  . GLU A 1 21  ? 16.333  -9.977  -10.991 1.00 54.64  ? 21  GLU A CG  1 
ATOM   154  C  CD  . GLU A 1 21  ? 17.402  -9.804  -9.944  1.00 60.46  ? 21  GLU A CD  1 
ATOM   155  O  OE1 . GLU A 1 21  ? 18.021  -10.823 -9.559  1.00 67.35  ? 21  GLU A OE1 1 
ATOM   156  O  OE2 . GLU A 1 21  ? 17.615  -8.655  -9.500  1.00 62.29  ? 21  GLU A OE2 1 
ATOM   157  N  N   . GLY A 1 22  ? 13.878  -13.889 -11.683 1.00 46.96  ? 22  GLY A N   1 
ATOM   158  C  CA  . GLY A 1 22  ? 13.694  -15.299 -11.965 1.00 44.70  ? 22  GLY A CA  1 
ATOM   159  C  C   . GLY A 1 22  ? 14.590  -16.193 -11.144 1.00 44.75  ? 22  GLY A C   1 
ATOM   160  O  O   . GLY A 1 22  ? 14.629  -17.392 -11.360 1.00 51.58  ? 22  GLY A O   1 
ATOM   161  N  N   . VAL A 1 23  ? 15.319  -15.621 -10.203 1.00 44.28  ? 23  VAL A N   1 
ATOM   162  C  CA  . VAL A 1 23  ? 16.212  -16.396 -9.369  1.00 42.81  ? 23  VAL A CA  1 
ATOM   163  C  C   . VAL A 1 23  ? 15.387  -17.029 -8.258  1.00 45.32  ? 23  VAL A C   1 
ATOM   164  O  O   . VAL A 1 23  ? 14.313  -16.539 -7.912  1.00 45.13  ? 23  VAL A O   1 
ATOM   165  C  CB  . VAL A 1 23  ? 17.289  -15.494 -8.714  1.00 44.21  ? 23  VAL A CB  1 
ATOM   166  C  CG1 . VAL A 1 23  ? 18.307  -16.335 -7.984  1.00 44.79  ? 23  VAL A CG1 1 
ATOM   167  C  CG2 . VAL A 1 23  ? 17.967  -14.604 -9.751  1.00 45.65  ? 23  VAL A CG2 1 
ATOM   168  N  N   . THR A 1 24  ? 15.884  -18.140 -7.727  1.00 48.58  ? 24  THR A N   1 
ATOM   169  C  CA  . THR A 1 24  ? 15.241  -18.839 -6.625  1.00 49.74  ? 24  THR A CA  1 
ATOM   170  C  C   . THR A 1 24  ? 15.693  -18.123 -5.357  1.00 48.39  ? 24  THR A C   1 
ATOM   171  O  O   . THR A 1 24  ? 16.893  -17.972 -5.126  1.00 46.92  ? 24  THR A O   1 
ATOM   172  C  CB  . THR A 1 24  ? 15.721  -20.298 -6.547  1.00 51.44  ? 24  THR A CB  1 
ATOM   173  O  OG1 . THR A 1 24  ? 15.311  -20.998 -7.728  1.00 59.27  ? 24  THR A OG1 1 
ATOM   174  C  CG2 . THR A 1 24  ? 15.148  -20.990 -5.326  1.00 53.51  ? 24  THR A CG2 1 
ATOM   175  N  N   . PRO A 1 25  ? 14.744  -17.625 -4.551  1.00 47.96  ? 25  PRO A N   1 
ATOM   176  C  CA  . PRO A 1 25  ? 15.086  -16.924 -3.312  1.00 46.23  ? 25  PRO A CA  1 
ATOM   177  C  C   . PRO A 1 25  ? 15.650  -17.862 -2.244  1.00 44.67  ? 25  PRO A C   1 
ATOM   178  O  O   . PRO A 1 25  ? 14.922  -18.371 -1.398  1.00 47.72  ? 25  PRO A O   1 
ATOM   179  C  CB  . PRO A 1 25  ? 13.747  -16.318 -2.894  1.00 45.92  ? 25  PRO A CB  1 
ATOM   180  C  CG  . PRO A 1 25  ? 12.763  -17.314 -3.399  1.00 46.83  ? 25  PRO A CG  1 
ATOM   181  C  CD  . PRO A 1 25  ? 13.289  -17.599 -4.779  1.00 46.99  ? 25  PRO A CD  1 
ATOM   182  N  N   . LEU A 1 26  ? 16.938  -18.153 -2.337  1.00 43.41  ? 26  LEU A N   1 
ATOM   183  C  CA  . LEU A 1 26  ? 17.588  -19.015 -1.366  1.00 41.03  ? 26  LEU A CA  1 
ATOM   184  C  C   . LEU A 1 26  ? 18.289  -18.089 -0.386  1.00 42.01  ? 26  LEU A C   1 
ATOM   185  O  O   . LEU A 1 26  ? 18.762  -17.013 -0.756  1.00 40.66  ? 26  LEU A O   1 
ATOM   186  C  CB  . LEU A 1 26  ? 18.634  -19.921 -2.031  1.00 41.13  ? 26  LEU A CB  1 
ATOM   187  C  CG  . LEU A 1 26  ? 18.285  -20.955 -3.108  1.00 37.82  ? 26  LEU A CG  1 
ATOM   188  C  CD1 . LEU A 1 26  ? 19.582  -21.486 -3.671  1.00 34.38  ? 26  LEU A CD1 1 
ATOM   189  C  CD2 . LEU A 1 26  ? 17.451  -22.097 -2.557  1.00 36.02  ? 26  LEU A CD2 1 
ATOM   190  N  N   . ARG A 1 27  ? 18.393  -18.518 0.862   1.00 41.72  ? 27  ARG A N   1 
ATOM   191  C  CA  . ARG A 1 27  ? 19.039  -17.699 1.859   1.00 40.95  ? 27  ARG A CA  1 
ATOM   192  C  C   . ARG A 1 27  ? 20.408  -17.141 1.479   1.00 41.54  ? 27  ARG A C   1 
ATOM   193  O  O   . ARG A 1 27  ? 20.616  -15.941 1.588   1.00 42.68  ? 27  ARG A O   1 
ATOM   194  C  CB  . ARG A 1 27  ? 19.071  -18.428 3.190   1.00 40.98  ? 27  ARG A CB  1 
ATOM   195  C  CG  . ARG A 1 27  ? 17.721  -18.403 3.873   1.00 46.59  ? 27  ARG A CG  1 
ATOM   196  C  CD  . ARG A 1 27  ? 17.664  -19.334 5.052   1.00 47.63  ? 27  ARG A CD  1 
ATOM   197  N  NE  . ARG A 1 27  ? 17.643  -20.725 4.621   1.00 52.46  ? 27  ARG A NE  1 
ATOM   198  C  CZ  . ARG A 1 27  ? 17.714  -21.763 5.445   1.00 55.88  ? 27  ARG A CZ  1 
ATOM   199  N  NH1 . ARG A 1 27  ? 17.810  -21.576 6.758   1.00 55.44  ? 27  ARG A NH1 1 
ATOM   200  N  NH2 . ARG A 1 27  ? 17.709  -22.994 4.951   1.00 57.35  ? 27  ARG A NH2 1 
ATOM   201  N  N   . ALA A 1 28  ? 21.312  -17.970 0.967   1.00 43.33  ? 28  ALA A N   1 
ATOM   202  C  CA  . ALA A 1 28  ? 22.646  -17.484 0.601   1.00 44.80  ? 28  ALA A CA  1 
ATOM   203  C  C   . ALA A 1 28  ? 22.630  -16.367 -0.443  1.00 45.20  ? 28  ALA A C   1 
ATOM   204  O  O   . ALA A 1 28  ? 23.490  -15.482 -0.420  1.00 45.88  ? 28  ALA A O   1 
ATOM   205  C  CB  . ALA A 1 28  ? 23.521  -18.620 0.135   1.00 46.78  ? 28  ALA A CB  1 
ATOM   206  N  N   . ARG A 1 29  ? 21.655  -16.402 -1.346  1.00 44.39  ? 29  ARG A N   1 
ATOM   207  C  CA  . ARG A 1 29  ? 21.536  -15.370 -2.370  1.00 47.49  ? 29  ARG A CA  1 
ATOM   208  C  C   . ARG A 1 29  ? 21.159  -14.050 -1.704  1.00 48.38  ? 29  ARG A C   1 
ATOM   209  O  O   . ARG A 1 29  ? 21.737  -12.994 -1.975  1.00 48.82  ? 29  ARG A O   1 
ATOM   210  C  CB  . ARG A 1 29  ? 20.463  -15.753 -3.386  1.00 50.46  ? 29  ARG A CB  1 
ATOM   211  C  CG  . ARG A 1 29  ? 20.801  -16.992 -4.180  1.00 60.60  ? 29  ARG A CG  1 
ATOM   212  C  CD  . ARG A 1 29  ? 22.142  -16.815 -4.892  1.00 72.61  ? 29  ARG A CD  1 
ATOM   213  N  NE  . ARG A 1 29  ? 22.179  -15.576 -5.668  1.00 79.92  ? 29  ARG A NE  1 
ATOM   214  C  CZ  . ARG A 1 29  ? 22.039  -15.502 -6.990  1.00 82.73  ? 29  ARG A CZ  1 
ATOM   215  N  NH1 . ARG A 1 29  ? 21.861  -16.604 -7.714  1.00 84.00  ? 29  ARG A NH1 1 
ATOM   216  N  NH2 . ARG A 1 29  ? 22.043  -14.314 -7.587  1.00 82.82  ? 29  ARG A NH2 1 
ATOM   217  N  N   . ILE A 1 30  ? 20.206  -14.133 -0.783  1.00 46.95  ? 30  ILE A N   1 
ATOM   218  C  CA  . ILE A 1 30  ? 19.734  -12.963 -0.067  1.00 45.38  ? 30  ILE A CA  1 
ATOM   219  C  C   . ILE A 1 30  ? 20.876  -12.394 0.767   1.00 47.39  ? 30  ILE A C   1 
ATOM   220  O  O   . ILE A 1 30  ? 21.066  -11.180 0.810   1.00 49.56  ? 30  ILE A O   1 
ATOM   221  C  CB  . ILE A 1 30  ? 18.489  -13.319 0.801   1.00 44.92  ? 30  ILE A CB  1 
ATOM   222  C  CG1 . ILE A 1 30  ? 17.321  -13.708 -0.112  1.00 41.58  ? 30  ILE A CG1 1 
ATOM   223  C  CG2 . ILE A 1 30  ? 18.083  -12.160 1.685   1.00 42.05  ? 30  ILE A CG2 1 
ATOM   224  C  CD1 . ILE A 1 30  ? 16.152  -14.283 0.609   1.00 44.65  ? 30  ILE A CD1 1 
ATOM   225  N  N   . ALA A 1 31  ? 21.666  -13.281 1.372   1.00 48.50  ? 31  ALA A N   1 
ATOM   226  C  CA  . ALA A 1 31  ? 22.804  -12.891 2.206   1.00 44.83  ? 31  ALA A CA  1 
ATOM   227  C  C   . ALA A 1 31  ? 23.845  -12.193 1.356   1.00 43.93  ? 31  ALA A C   1 
ATOM   228  O  O   . ALA A 1 31  ? 24.420  -11.176 1.761   1.00 41.61  ? 31  ALA A O   1 
ATOM   229  C  CB  . ALA A 1 31  ? 23.410  -14.108 2.866   1.00 44.93  ? 31  ALA A CB  1 
ATOM   230  N  N   . GLU A 1 32  ? 24.092  -12.744 0.176   1.00 43.37  ? 32  GLU A N   1 
ATOM   231  C  CA  . GLU A 1 32  ? 25.057  -12.145 -0.720  1.00 46.93  ? 32  GLU A CA  1 
ATOM   232  C  C   . GLU A 1 32  ? 24.612  -10.713 -1.040  1.00 47.81  ? 32  GLU A C   1 
ATOM   233  O  O   . GLU A 1 32  ? 25.237  -9.741  -0.589  1.00 47.22  ? 32  GLU A O   1 
ATOM   234  C  CB  . GLU A 1 32  ? 25.207  -12.977 -2.003  1.00 47.95  ? 32  GLU A CB  1 
ATOM   235  C  CG  . GLU A 1 32  ? 26.248  -12.413 -2.975  1.00 52.81  ? 32  GLU A CG  1 
ATOM   236  C  CD  . GLU A 1 32  ? 26.712  -13.411 -4.017  1.00 58.66  ? 32  GLU A CD  1 
ATOM   237  O  OE1 . GLU A 1 32  ? 25.853  -13.991 -4.716  1.00 64.38  ? 32  GLU A OE1 1 
ATOM   238  O  OE2 . GLU A 1 32  ? 27.942  -13.612 -4.149  1.00 63.00  ? 32  GLU A OE2 1 
ATOM   239  N  N   . ARG A 1 33  ? 23.467  -10.588 -1.708  1.00 49.10  ? 33  ARG A N   1 
ATOM   240  C  CA  . ARG A 1 33  ? 22.944  -9.281  -2.100  1.00 49.31  ? 33  ARG A CA  1 
ATOM   241  C  C   . ARG A 1 33  ? 22.771  -8.252  -0.982  1.00 46.70  ? 33  ARG A C   1 
ATOM   242  O  O   . ARG A 1 33  ? 23.046  -7.070  -1.171  1.00 49.04  ? 33  ARG A O   1 
ATOM   243  C  CB  . ARG A 1 33  ? 21.642  -9.429  -2.882  1.00 50.37  ? 33  ARG A CB  1 
ATOM   244  C  CG  . ARG A 1 33  ? 21.245  -8.131  -3.551  1.00 52.74  ? 33  ARG A CG  1 
ATOM   245  C  CD  . ARG A 1 33  ? 20.049  -8.290  -4.439  1.00 54.18  ? 33  ARG A CD  1 
ATOM   246  N  NE  . ARG A 1 33  ? 20.272  -9.309  -5.451  1.00 55.06  ? 33  ARG A NE  1 
ATOM   247  C  CZ  . ARG A 1 33  ? 19.498  -9.463  -6.513  1.00 56.65  ? 33  ARG A CZ  1 
ATOM   248  N  NH1 . ARG A 1 33  ? 18.463  -8.659  -6.694  1.00 57.92  ? 33  ARG A NH1 1 
ATOM   249  N  NH2 . ARG A 1 33  ? 19.739  -10.441 -7.371  1.00 58.12  ? 33  ARG A NH2 1 
ATOM   250  N  N   . LEU A 1 34  ? 22.288  -8.680  0.173   1.00 43.97  ? 34  LEU A N   1 
ATOM   251  C  CA  . LEU A 1 34  ? 22.118  -7.759  1.281   1.00 43.34  ? 34  LEU A CA  1 
ATOM   252  C  C   . LEU A 1 34  ? 23.462  -7.421  1.906   1.00 44.87  ? 34  LEU A C   1 
ATOM   253  O  O   . LEU A 1 34  ? 23.550  -6.497  2.705   1.00 45.74  ? 34  LEU A O   1 
ATOM   254  C  CB  . LEU A 1 34  ? 21.219  -8.365  2.361   1.00 42.84  ? 34  LEU A CB  1 
ATOM   255  C  CG  . LEU A 1 34  ? 19.746  -8.604  2.067   1.00 42.28  ? 34  LEU A CG  1 
ATOM   256  C  CD1 . LEU A 1 34  ? 19.102  -9.154  3.314   1.00 39.60  ? 34  LEU A CD1 1 
ATOM   257  C  CD2 . LEU A 1 34  ? 19.091  -7.298  1.652   1.00 41.75  ? 34  LEU A CD2 1 
ATOM   258  N  N   . GLU A 1 35  ? 24.502  -8.172  1.548   1.00 47.28  ? 35  GLU A N   1 
ATOM   259  C  CA  . GLU A 1 35  ? 25.832  -7.971  2.117   1.00 50.38  ? 35  GLU A CA  1 
ATOM   260  C  C   . GLU A 1 35  ? 25.693  -8.201  3.621   1.00 48.95  ? 35  GLU A C   1 
ATOM   261  O  O   . GLU A 1 35  ? 26.196  -7.419  4.432   1.00 48.24  ? 35  GLU A O   1 
ATOM   262  C  CB  . GLU A 1 35  ? 26.343  -6.549  1.851   1.00 56.55  ? 35  GLU A CB  1 
ATOM   263  C  CG  . GLU A 1 35  ? 26.298  -6.115  0.396   1.00 69.32  ? 35  GLU A CG  1 
ATOM   264  C  CD  . GLU A 1 35  ? 27.580  -6.405  -0.360  1.00 75.91  ? 35  GLU A CD  1 
ATOM   265  O  OE1 . GLU A 1 35  ? 27.912  -7.599  -0.550  1.00 80.34  ? 35  GLU A OE1 1 
ATOM   266  O  OE2 . GLU A 1 35  ? 28.246  -5.428  -0.774  1.00 77.43  ? 35  GLU A OE2 1 
ATOM   267  N  N   . GLN A 1 36  ? 24.959  -9.255  3.972   1.00 48.14  ? 36  GLN A N   1 
ATOM   268  C  CA  . GLN A 1 36  ? 24.711  -9.643  5.365   1.00 47.28  ? 36  GLN A CA  1 
ATOM   269  C  C   . GLN A 1 36  ? 25.243  -11.060 5.517   1.00 43.35  ? 36  GLN A C   1 
ATOM   270  O  O   . GLN A 1 36  ? 25.308  -11.804 4.533   1.00 39.64  ? 36  GLN A O   1 
ATOM   271  C  CB  . GLN A 1 36  ? 23.206  -9.645  5.669   1.00 52.52  ? 36  GLN A CB  1 
ATOM   272  C  CG  . GLN A 1 36  ? 22.521  -8.283  5.611   1.00 56.43  ? 36  GLN A CG  1 
ATOM   273  C  CD  . GLN A 1 36  ? 22.430  -7.617  6.973   1.00 60.53  ? 36  GLN A CD  1 
ATOM   274  O  OE1 . GLN A 1 36  ? 23.401  -7.021  7.449   1.00 59.27  ? 36  GLN A OE1 1 
ATOM   275  N  NE2 . GLN A 1 36  ? 21.259  -7.726  7.615   1.00 61.14  ? 36  GLN A NE2 1 
ATOM   276  N  N   . SER A 1 37  ? 25.626  -11.446 6.729   1.00 42.40  ? 37  SER A N   1 
ATOM   277  C  CA  . SER A 1 37  ? 26.151  -12.790 6.914   1.00 43.55  ? 37  SER A CA  1 
ATOM   278  C  C   . SER A 1 37  ? 25.067  -13.865 6.916   1.00 45.44  ? 37  SER A C   1 
ATOM   279  O  O   . SER A 1 37  ? 23.877  -13.585 7.130   1.00 45.91  ? 37  SER A O   1 
ATOM   280  C  CB  . SER A 1 37  ? 27.033  -12.886 8.159   1.00 43.65  ? 37  SER A CB  1 
ATOM   281  O  OG  . SER A 1 37  ? 26.320  -12.618 9.351   1.00 45.08  ? 37  SER A OG  1 
ATOM   282  N  N   . GLY A 1 38  ? 25.495  -15.093 6.634   1.00 45.85  ? 38  GLY A N   1 
ATOM   283  C  CA  . GLY A 1 38  ? 24.604  -16.237 6.576   1.00 43.26  ? 38  GLY A CA  1 
ATOM   284  C  C   . GLY A 1 38  ? 23.928  -16.480 7.896   1.00 42.19  ? 38  GLY A C   1 
ATOM   285  O  O   . GLY A 1 38  ? 22.743  -16.786 7.949   1.00 46.39  ? 38  GLY A O   1 
ATOM   286  N  N   . PRO A 1 39  ? 24.676  -16.393 8.990   1.00 41.33  ? 39  PRO A N   1 
ATOM   287  C  CA  . PRO A 1 39  ? 24.086  -16.614 10.311  1.00 41.54  ? 39  PRO A CA  1 
ATOM   288  C  C   . PRO A 1 39  ? 23.085  -15.533 10.702  1.00 40.21  ? 39  PRO A C   1 
ATOM   289  O  O   . PRO A 1 39  ? 22.170  -15.784 11.482  1.00 42.00  ? 39  PRO A O   1 
ATOM   290  C  CB  . PRO A 1 39  ? 25.307  -16.616 11.223  1.00 45.53  ? 39  PRO A CB  1 
ATOM   291  C  CG  . PRO A 1 39  ? 26.369  -17.206 10.337  1.00 45.89  ? 39  PRO A CG  1 
ATOM   292  C  CD  . PRO A 1 39  ? 26.144  -16.461 9.052   1.00 44.26  ? 39  PRO A CD  1 
ATOM   293  N  N   . THR A 1 40  ? 23.277  -14.328 10.177  1.00 38.65  ? 40  THR A N   1 
ATOM   294  C  CA  . THR A 1 40  ? 22.381  -13.214 10.452  1.00 37.06  ? 40  THR A CA  1 
ATOM   295  C  C   . THR A 1 40  ? 21.103  -13.320 9.612   1.00 37.27  ? 40  THR A C   1 
ATOM   296  O  O   . THR A 1 40  ? 20.001  -13.171 10.151  1.00 38.80  ? 40  THR A O   1 
ATOM   297  C  CB  . THR A 1 40  ? 23.095  -11.863 10.211  1.00 40.88  ? 40  THR A CB  1 
ATOM   298  O  OG1 . THR A 1 40  ? 24.218  -11.765 11.096  1.00 47.84  ? 40  THR A OG1 1 
ATOM   299  C  CG2 . THR A 1 40  ? 22.170  -10.683 10.465  1.00 37.57  ? 40  THR A CG2 1 
ATOM   300  N  N   . VAL A 1 41  ? 21.221  -13.631 8.321   1.00 34.07  ? 41  VAL A N   1 
ATOM   301  C  CA  . VAL A 1 41  ? 20.024  -13.752 7.500   1.00 35.50  ? 41  VAL A CA  1 
ATOM   302  C  C   . VAL A 1 41  ? 19.108  -14.864 7.997   1.00 38.28  ? 41  VAL A C   1 
ATOM   303  O  O   . VAL A 1 41  ? 17.908  -14.659 8.127   1.00 38.83  ? 41  VAL A O   1 
ATOM   304  C  CB  . VAL A 1 41  ? 20.322  -13.969 6.010   1.00 33.73  ? 41  VAL A CB  1 
ATOM   305  C  CG1 . VAL A 1 41  ? 21.303  -12.927 5.512   1.00 36.31  ? 41  VAL A CG1 1 
ATOM   306  C  CG2 . VAL A 1 41  ? 20.809  -15.359 5.763   1.00 37.17  ? 41  VAL A CG2 1 
ATOM   307  N  N   . SER A 1 42  ? 19.664  -16.029 8.309   1.00 42.19  ? 42  SER A N   1 
ATOM   308  C  CA  . SER A 1 42  ? 18.849  -17.139 8.798   1.00 47.32  ? 42  SER A CA  1 
ATOM   309  C  C   . SER A 1 42  ? 18.167  -16.744 10.100  1.00 47.53  ? 42  SER A C   1 
ATOM   310  O  O   . SER A 1 42  ? 17.069  -17.198 10.414  1.00 50.62  ? 42  SER A O   1 
ATOM   311  C  CB  . SER A 1 42  ? 19.709  -18.381 9.017   1.00 49.46  ? 42  SER A CB  1 
ATOM   312  O  OG  . SER A 1 42  ? 20.735  -18.138 9.967   1.00 59.63  ? 42  SER A OG  1 
ATOM   313  N  N   . GLN A 1 43  ? 18.831  -15.904 10.874  1.00 47.10  ? 43  GLN A N   1 
ATOM   314  C  CA  . GLN A 1 43  ? 18.248  -15.463 12.111  1.00 50.17  ? 43  GLN A CA  1 
ATOM   315  C  C   . GLN A 1 43  ? 17.105  -14.520 11.805  1.00 49.47  ? 43  GLN A C   1 
ATOM   316  O  O   . GLN A 1 43  ? 16.076  -14.563 12.475  1.00 52.20  ? 43  GLN A O   1 
ATOM   317  C  CB  . GLN A 1 43  ? 19.294  -14.810 13.006  1.00 57.44  ? 43  GLN A CB  1 
ATOM   318  C  CG  . GLN A 1 43  ? 20.233  -15.839 13.655  1.00 68.53  ? 43  GLN A CG  1 
ATOM   319  C  CD  . GLN A 1 43  ? 21.205  -15.222 14.649  1.00 73.37  ? 43  GLN A CD  1 
ATOM   320  O  OE1 . GLN A 1 43  ? 22.370  -15.628 14.733  1.00 75.41  ? 43  GLN A OE1 1 
ATOM   321  N  NE2 . GLN A 1 43  ? 20.726  -14.244 15.423  1.00 74.46  ? 43  GLN A NE2 1 
ATOM   322  N  N   . THR A 1 44  ? 17.253  -13.716 10.756  1.00 45.86  ? 44  THR A N   1 
ATOM   323  C  CA  . THR A 1 44  ? 16.202  -12.780 10.369  1.00 42.88  ? 44  THR A CA  1 
ATOM   324  C  C   . THR A 1 44  ? 15.019  -13.501 9.706   1.00 41.93  ? 44  THR A C   1 
ATOM   325  O  O   . THR A 1 44  ? 13.854  -13.197 9.984   1.00 41.76  ? 44  THR A O   1 
ATOM   326  C  CB  . THR A 1 44  ? 16.751  -11.669 9.451   1.00 43.56  ? 44  THR A CB  1 
ATOM   327  O  OG1 . THR A 1 44  ? 17.758  -10.934 10.156  1.00 48.30  ? 44  THR A OG1 1 
ATOM   328  C  CG2 . THR A 1 44  ? 15.641  -10.706 9.016   1.00 43.01  ? 44  THR A CG2 1 
ATOM   329  N  N   . VAL A 1 45  ? 15.309  -14.470 8.849   1.00 38.98  ? 45  VAL A N   1 
ATOM   330  C  CA  . VAL A 1 45  ? 14.248  -15.210 8.194   1.00 39.01  ? 45  VAL A CA  1 
ATOM   331  C  C   . VAL A 1 45  ? 13.468  -15.940 9.282   1.00 39.63  ? 45  VAL A C   1 
ATOM   332  O  O   . VAL A 1 45  ? 12.243  -16.016 9.230   1.00 37.53  ? 45  VAL A O   1 
ATOM   333  C  CB  . VAL A 1 45  ? 14.819  -16.196 7.172   1.00 37.68  ? 45  VAL A CB  1 
ATOM   334  C  CG1 . VAL A 1 45  ? 13.731  -17.067 6.610   1.00 38.54  ? 45  VAL A CG1 1 
ATOM   335  C  CG2 . VAL A 1 45  ? 15.487  -15.426 6.052   1.00 38.77  ? 45  VAL A CG2 1 
ATOM   336  N  N   . ALA A 1 46  ? 14.189  -16.395 10.304  1.00 41.27  ? 46  ALA A N   1 
ATOM   337  C  CA  . ALA A 1 46  ? 13.606  -17.108 11.439  1.00 41.78  ? 46  ALA A CA  1 
ATOM   338  C  C   . ALA A 1 46  ? 12.541  -16.266 12.118  1.00 41.65  ? 46  ALA A C   1 
ATOM   339  O  O   . ALA A 1 46  ? 11.450  -16.745 12.399  1.00 45.20  ? 46  ALA A O   1 
ATOM   340  C  CB  . ALA A 1 46  ? 14.686  -17.478 12.436  1.00 42.16  ? 46  ALA A CB  1 
ATOM   341  N  N   . ARG A 1 47  ? 12.860  -15.007 12.376  1.00 41.87  ? 47  ARG A N   1 
ATOM   342  C  CA  . ARG A 1 47  ? 11.915  -14.100 13.005  1.00 42.41  ? 47  ARG A CA  1 
ATOM   343  C  C   . ARG A 1 47  ? 10.754  -13.844 12.048  1.00 41.47  ? 47  ARG A C   1 
ATOM   344  O  O   . ARG A 1 47  ? 9.595   -13.848 12.454  1.00 43.40  ? 47  ARG A O   1 
ATOM   345  C  CB  . ARG A 1 47  ? 12.598  -12.778 13.323  1.00 45.53  ? 47  ARG A CB  1 
ATOM   346  C  CG  . ARG A 1 47  ? 11.982  -12.043 14.467  1.00 56.05  ? 47  ARG A CG  1 
ATOM   347  C  CD  . ARG A 1 47  ? 12.365  -10.586 14.417  1.00 69.07  ? 47  ARG A CD  1 
ATOM   348  N  NE  . ARG A 1 47  ? 11.432  -9.793  13.611  1.00 79.43  ? 47  ARG A NE  1 
ATOM   349  C  CZ  . ARG A 1 47  ? 11.762  -9.078  12.533  1.00 83.31  ? 47  ARG A CZ  1 
ATOM   350  N  NH1 . ARG A 1 47  ? 13.016  -9.048  12.090  1.00 83.89  ? 47  ARG A NH1 1 
ATOM   351  N  NH2 . ARG A 1 47  ? 10.839  -8.339  11.933  1.00 85.78  ? 47  ARG A NH2 1 
ATOM   352  N  N   . MET A 1 48  ? 11.070  -13.647 10.770  1.00 40.39  ? 48  MET A N   1 
ATOM   353  C  CA  . MET A 1 48  ? 10.055  -13.388 9.750   1.00 37.29  ? 48  MET A CA  1 
ATOM   354  C  C   . MET A 1 48  ? 9.124   -14.591 9.549   1.00 39.51  ? 48  MET A C   1 
ATOM   355  O  O   . MET A 1 48  ? 7.951   -14.422 9.196   1.00 43.84  ? 48  MET A O   1 
ATOM   356  C  CB  . MET A 1 48  ? 10.705  -13.021 8.408   1.00 34.25  ? 48  MET A CB  1 
ATOM   357  C  CG  . MET A 1 48  ? 11.493  -11.713 8.377   1.00 28.74  ? 48  MET A CG  1 
ATOM   358  S  SD  . MET A 1 48  ? 12.308  -11.539 6.774   1.00 33.28  ? 48  MET A SD  1 
ATOM   359  C  CE  . MET A 1 48  ? 10.962  -11.057 5.769   1.00 28.94  ? 48  MET A CE  1 
ATOM   360  N  N   . GLU A 1 49  ? 9.634   -15.805 9.745   1.00 36.58  ? 49  GLU A N   1 
ATOM   361  C  CA  . GLU A 1 49  ? 8.805   -16.983 9.585   1.00 34.96  ? 49  GLU A CA  1 
ATOM   362  C  C   . GLU A 1 49  ? 7.812   -17.004 10.722  1.00 36.43  ? 49  GLU A C   1 
ATOM   363  O  O   . GLU A 1 49  ? 6.624   -17.165 10.500  1.00 39.11  ? 49  GLU A O   1 
ATOM   364  C  CB  . GLU A 1 49  ? 9.648   -18.243 9.591   1.00 41.11  ? 49  GLU A CB  1 
ATOM   365  C  CG  . GLU A 1 49  ? 8.863   -19.496 9.264   1.00 49.36  ? 49  GLU A CG  1 
ATOM   366  C  CD  . GLU A 1 49  ? 9.758   -20.681 8.923   1.00 55.82  ? 49  GLU A CD  1 
ATOM   367  O  OE1 . GLU A 1 49  ? 10.852  -20.783 9.528   1.00 59.22  ? 49  GLU A OE1 1 
ATOM   368  O  OE2 . GLU A 1 49  ? 9.363   -21.507 8.052   1.00 56.23  ? 49  GLU A OE2 1 
ATOM   369  N  N   . ARG A 1 50  ? 8.293   -16.747 11.933  1.00 39.31  ? 50  ARG A N   1 
ATOM   370  C  CA  . ARG A 1 50  ? 7.447   -16.715 13.123  1.00 43.06  ? 50  ARG A CA  1 
ATOM   371  C  C   . ARG A 1 50  ? 6.366   -15.652 13.017  1.00 43.93  ? 50  ARG A C   1 
ATOM   372  O  O   . ARG A 1 50  ? 5.303   -15.767 13.615  1.00 46.19  ? 50  ARG A O   1 
ATOM   373  C  CB  . ARG A 1 50  ? 8.283   -16.488 14.386  1.00 48.60  ? 50  ARG A CB  1 
ATOM   374  C  CG  . ARG A 1 50  ? 8.517   -17.771 15.186  1.00 61.92  ? 50  ARG A CG  1 
ATOM   375  C  CD  . ARG A 1 50  ? 9.184   -17.528 16.534  1.00 73.98  ? 50  ARG A CD  1 
ATOM   376  N  NE  . ARG A 1 50  ? 10.619  -17.255 16.418  1.00 86.37  ? 50  ARG A NE  1 
ATOM   377  C  CZ  . ARG A 1 50  ? 11.152  -16.043 16.247  1.00 91.13  ? 50  ARG A CZ  1 
ATOM   378  N  NH1 . ARG A 1 50  ? 10.372  -14.966 16.169  1.00 92.28  ? 50  ARG A NH1 1 
ATOM   379  N  NH2 . ARG A 1 50  ? 12.474  -15.908 16.158  1.00 93.05  ? 50  ARG A NH2 1 
ATOM   380  N  N   . ASP A 1 51  ? 6.650   -14.602 12.267  1.00 44.31  ? 51  ASP A N   1 
ATOM   381  C  CA  . ASP A 1 51  ? 5.681   -13.542 12.066  1.00 42.85  ? 51  ASP A CA  1 
ATOM   382  C  C   . ASP A 1 51  ? 4.739   -13.860 10.905  1.00 40.79  ? 51  ASP A C   1 
ATOM   383  O  O   . ASP A 1 51  ? 3.885   -13.048 10.562  1.00 43.53  ? 51  ASP A O   1 
ATOM   384  C  CB  . ASP A 1 51  ? 6.401   -12.231 11.781  1.00 52.49  ? 51  ASP A CB  1 
ATOM   385  C  CG  . ASP A 1 51  ? 7.291   -11.796 12.922  1.00 59.69  ? 51  ASP A CG  1 
ATOM   386  O  OD1 . ASP A 1 51  ? 7.044   -12.231 14.069  1.00 66.44  ? 51  ASP A OD1 1 
ATOM   387  O  OD2 . ASP A 1 51  ? 8.237   -11.014 12.667  1.00 66.82  ? 51  ASP A OD2 1 
ATOM   388  N  N   . GLY A 1 52  ? 4.944   -14.998 10.248  1.00 33.58  ? 52  GLY A N   1 
ATOM   389  C  CA  . GLY A 1 52  ? 4.078   -15.375 9.152   1.00 30.09  ? 52  GLY A CA  1 
ATOM   390  C  C   . GLY A 1 52  ? 4.258   -14.546 7.903   1.00 31.68  ? 52  GLY A C   1 
ATOM   391  O  O   . GLY A 1 52  ? 3.316   -14.359 7.122   1.00 29.06  ? 52  GLY A O   1 
ATOM   392  N  N   . LEU A 1 53  ? 5.481   -14.069 7.692   1.00 32.00  ? 53  LEU A N   1 
ATOM   393  C  CA  . LEU A 1 53  ? 5.781   -13.268 6.514   1.00 31.05  ? 53  LEU A CA  1 
ATOM   394  C  C   . LEU A 1 53  ? 6.415   -14.104 5.412   1.00 31.23  ? 53  LEU A C   1 
ATOM   395  O  O   . LEU A 1 53  ? 6.379   -13.742 4.234   1.00 32.94  ? 53  LEU A O   1 
ATOM   396  C  CB  . LEU A 1 53  ? 6.706   -12.118 6.874   1.00 28.03  ? 53  LEU A CB  1 
ATOM   397  C  CG  . LEU A 1 53  ? 6.105   -11.003 7.714   1.00 26.49  ? 53  LEU A CG  1 
ATOM   398  C  CD1 . LEU A 1 53  ? 7.234   -10.112 8.128   1.00 25.39  ? 53  LEU A CD1 1 
ATOM   399  C  CD2 . LEU A 1 53  ? 5.080   -10.218 6.929   1.00 22.99  ? 53  LEU A CD2 1 
ATOM   400  N  N   . VAL A 1 54  ? 6.999   -15.227 5.782   1.00 30.55  ? 54  VAL A N   1 
ATOM   401  C  CA  . VAL A 1 54  ? 7.629   -16.070 4.789   1.00 33.10  ? 54  VAL A CA  1 
ATOM   402  C  C   . VAL A 1 54  ? 7.687   -17.464 5.394   1.00 36.70  ? 54  VAL A C   1 
ATOM   403  O  O   . VAL A 1 54  ? 7.623   -17.618 6.617   1.00 38.06  ? 54  VAL A O   1 
ATOM   404  C  CB  . VAL A 1 54  ? 9.050   -15.544 4.456   1.00 30.64  ? 54  VAL A CB  1 
ATOM   405  C  CG1 . VAL A 1 54  ? 10.045  -15.994 5.486   1.00 30.20  ? 54  VAL A CG1 1 
ATOM   406  C  CG2 . VAL A 1 54  ? 9.469   -15.993 3.108   1.00 36.30  ? 54  VAL A CG2 1 
ATOM   407  N  N   . VAL A 1 55  ? 7.757   -18.481 4.550   1.00 38.01  ? 55  VAL A N   1 
ATOM   408  C  CA  . VAL A 1 55  ? 7.825   -19.846 5.042   1.00 37.22  ? 55  VAL A CA  1 
ATOM   409  C  C   . VAL A 1 55  ? 9.003   -20.443 4.279   1.00 39.47  ? 55  VAL A C   1 
ATOM   410  O  O   . VAL A 1 55  ? 9.213   -20.104 3.116   1.00 38.86  ? 55  VAL A O   1 
ATOM   411  C  CB  . VAL A 1 55  ? 6.464   -20.598 4.778   1.00 34.28  ? 55  VAL A CB  1 
ATOM   412  C  CG1 . VAL A 1 55  ? 6.376   -21.091 3.370   1.00 35.25  ? 55  VAL A CG1 1 
ATOM   413  C  CG2 . VAL A 1 55  ? 6.262   -21.719 5.740   1.00 34.04  ? 55  VAL A CG2 1 
ATOM   414  N  N   . VAL A 1 56  ? 9.862   -21.197 4.958   1.00 44.75  ? 56  VAL A N   1 
ATOM   415  C  CA  . VAL A 1 56  ? 11.003  -21.816 4.273   1.00 47.16  ? 56  VAL A CA  1 
ATOM   416  C  C   . VAL A 1 56  ? 10.535  -23.183 3.799   1.00 50.95  ? 56  VAL A C   1 
ATOM   417  O  O   . VAL A 1 56  ? 10.111  -24.012 4.607   1.00 52.87  ? 56  VAL A O   1 
ATOM   418  C  CB  . VAL A 1 56  ? 12.238  -21.987 5.190   1.00 44.85  ? 56  VAL A CB  1 
ATOM   419  C  CG1 . VAL A 1 56  ? 13.462  -22.364 4.358   1.00 42.07  ? 56  VAL A CG1 1 
ATOM   420  C  CG2 . VAL A 1 56  ? 12.507  -20.712 5.966   1.00 43.10  ? 56  VAL A CG2 1 
ATOM   421  N  N   . ALA A 1 57  ? 10.548  -23.392 2.490   1.00 57.23  ? 57  ALA A N   1 
ATOM   422  C  CA  . ALA A 1 57  ? 10.099  -24.655 1.914   1.00 63.06  ? 57  ALA A CA  1 
ATOM   423  C  C   . ALA A 1 57  ? 11.119  -25.784 2.078   1.00 66.52  ? 57  ALA A C   1 
ATOM   424  O  O   . ALA A 1 57  ? 12.273  -25.546 2.454   1.00 66.17  ? 57  ALA A O   1 
ATOM   425  C  CB  . ALA A 1 57  ? 9.742   -24.460 0.440   1.00 63.23  ? 57  ALA A CB  1 
ATOM   426  N  N   . SER A 1 58  ? 10.690  -27.007 1.767   1.00 72.32  ? 58  SER A N   1 
ATOM   427  C  CA  . SER A 1 58  ? 11.545  -28.198 1.869   1.00 76.88  ? 58  SER A CA  1 
ATOM   428  C  C   . SER A 1 58  ? 12.873  -28.022 1.148   1.00 75.65  ? 58  SER A C   1 
ATOM   429  O  O   . SER A 1 58  ? 13.925  -28.390 1.672   1.00 75.28  ? 58  SER A O   1 
ATOM   430  C  CB  . SER A 1 58  ? 10.822  -29.434 1.319   1.00 80.06  ? 58  SER A CB  1 
ATOM   431  O  OG  . SER A 1 58  ? 9.668   -29.730 2.091   1.00 87.70  ? 58  SER A OG  1 
ATOM   432  N  N   . ASP A 1 59  ? 12.815  -27.415 -0.036  1.00 74.69  ? 59  ASP A N   1 
ATOM   433  C  CA  . ASP A 1 59  ? 14.008  -27.169 -0.839  1.00 73.77  ? 59  ASP A CA  1 
ATOM   434  C  C   . ASP A 1 59  ? 14.809  -25.981 -0.323  1.00 72.20  ? 59  ASP A C   1 
ATOM   435  O  O   . ASP A 1 59  ? 15.691  -25.471 -1.012  1.00 73.16  ? 59  ASP A O   1 
ATOM   436  C  CB  . ASP A 1 59  ? 13.643  -26.955 -2.315  1.00 78.08  ? 59  ASP A CB  1 
ATOM   437  C  CG  . ASP A 1 59  ? 12.835  -25.689 -2.555  1.00 81.20  ? 59  ASP A CG  1 
ATOM   438  O  OD1 . ASP A 1 59  ? 11.833  -25.467 -1.839  1.00 82.20  ? 59  ASP A OD1 1 
ATOM   439  O  OD2 . ASP A 1 59  ? 13.203  -24.930 -3.483  1.00 83.95  ? 59  ASP A OD2 1 
ATOM   440  N  N   . ARG A 1 60  ? 14.468  -25.529 0.880   1.00 68.49  ? 60  ARG A N   1 
ATOM   441  C  CA  . ARG A 1 60  ? 15.138  -24.413 1.521   1.00 61.84  ? 60  ARG A CA  1 
ATOM   442  C  C   . ARG A 1 60  ? 15.000  -23.082 0.761   1.00 57.08  ? 60  ARG A C   1 
ATOM   443  O  O   . ARG A 1 60  ? 15.828  -22.176 0.920   1.00 55.08  ? 60  ARG A O   1 
ATOM   444  C  CB  . ARG A 1 60  ? 16.608  -24.769 1.783   1.00 61.02  ? 60  ARG A CB  1 
ATOM   445  N  N   . SER A 1 61  ? 13.971  -22.974 -0.079  1.00 50.60  ? 61  SER A N   1 
ATOM   446  C  CA  . SER A 1 61  ? 13.722  -21.730 -0.805  1.00 46.04  ? 61  SER A CA  1 
ATOM   447  C  C   . SER A 1 61  ? 12.703  -20.979 0.042   1.00 44.16  ? 61  SER A C   1 
ATOM   448  O  O   . SER A 1 61  ? 11.923  -21.597 0.776   1.00 44.56  ? 61  SER A O   1 
ATOM   449  C  CB  . SER A 1 61  ? 13.148  -21.988 -2.197  1.00 45.23  ? 61  SER A CB  1 
ATOM   450  O  OG  . SER A 1 61  ? 11.849  -22.546 -2.133  1.00 44.09  ? 61  SER A OG  1 
ATOM   451  N  N   . LEU A 1 62  ? 12.680  -19.663 -0.073  1.00 40.99  ? 62  LEU A N   1 
ATOM   452  C  CA  . LEU A 1 62  ? 11.761  -18.875 0.724   1.00 40.79  ? 62  LEU A CA  1 
ATOM   453  C  C   . LEU A 1 62  ? 10.470  -18.504 -0.019  1.00 40.81  ? 62  LEU A C   1 
ATOM   454  O  O   . LEU A 1 62  ? 10.497  -17.890 -1.081  1.00 40.37  ? 62  LEU A O   1 
ATOM   455  C  CB  . LEU A 1 62  ? 12.476  -17.629 1.263   1.00 42.71  ? 62  LEU A CB  1 
ATOM   456  C  CG  . LEU A 1 62  ? 13.795  -17.788 2.039   1.00 38.74  ? 62  LEU A CG  1 
ATOM   457  C  CD1 . LEU A 1 62  ? 14.269  -16.436 2.519   1.00 39.55  ? 62  LEU A CD1 1 
ATOM   458  C  CD2 . LEU A 1 62  ? 13.619  -18.703 3.215   1.00 38.80  ? 62  LEU A CD2 1 
ATOM   459  N  N   . GLN A 1 63  ? 9.345   -18.936 0.530   1.00 42.27  ? 63  GLN A N   1 
ATOM   460  C  CA  . GLN A 1 63  ? 8.033   -18.673 -0.041  1.00 43.48  ? 63  GLN A CA  1 
ATOM   461  C  C   . GLN A 1 63  ? 7.379   -17.563 0.748   1.00 39.86  ? 63  GLN A C   1 
ATOM   462  O  O   . GLN A 1 63  ? 7.074   -17.721 1.938   1.00 39.15  ? 63  GLN A O   1 
ATOM   463  C  CB  . GLN A 1 63  ? 7.109   -19.899 0.070   1.00 51.40  ? 63  GLN A CB  1 
ATOM   464  C  CG  . GLN A 1 63  ? 7.130   -20.928 -1.061  1.00 62.55  ? 63  GLN A CG  1 
ATOM   465  C  CD  . GLN A 1 63  ? 6.048   -22.020 -0.876  1.00 69.65  ? 63  GLN A CD  1 
ATOM   466  O  OE1 . GLN A 1 63  ? 4.842   -21.734 -0.891  1.00 69.49  ? 63  GLN A OE1 1 
ATOM   467  N  NE2 . GLN A 1 63  ? 6.484   -23.269 -0.704  1.00 72.55  ? 63  GLN A NE2 1 
ATOM   468  N  N   . MET A 1 64  ? 7.131   -16.451 0.080   1.00 36.14  ? 64  MET A N   1 
ATOM   469  C  CA  . MET A 1 64  ? 6.476   -15.346 0.722   1.00 31.67  ? 64  MET A CA  1 
ATOM   470  C  C   . MET A 1 64  ? 5.020   -15.759 0.895   1.00 32.50  ? 64  MET A C   1 
ATOM   471  O  O   . MET A 1 64  ? 4.437   -16.375 0.004   1.00 36.74  ? 64  MET A O   1 
ATOM   472  C  CB  . MET A 1 64  ? 6.568   -14.090 -0.150  1.00 27.39  ? 64  MET A CB  1 
ATOM   473  C  CG  . MET A 1 64  ? 7.912   -13.366 -0.073  1.00 27.70  ? 64  MET A CG  1 
ATOM   474  S  SD  . MET A 1 64  ? 7.900   -11.722 -0.822  1.00 27.08  ? 64  MET A SD  1 
ATOM   475  C  CE  . MET A 1 64  ? 7.589   -12.186 -2.518  1.00 17.28  ? 64  MET A CE  1 
ATOM   476  N  N   . THR A 1 65  ? 4.471   -15.498 2.073   1.00 29.66  ? 65  THR A N   1 
ATOM   477  C  CA  . THR A 1 65  ? 3.082   -15.795 2.345   1.00 28.51  ? 65  THR A CA  1 
ATOM   478  C  C   . THR A 1 65  ? 2.301   -14.634 1.744   1.00 32.20  ? 65  THR A C   1 
ATOM   479  O  O   . THR A 1 65  ? 2.876   -13.603 1.427   1.00 37.20  ? 65  THR A O   1 
ATOM   480  C  CB  . THR A 1 65  ? 2.813   -15.815 3.853   1.00 24.24  ? 65  THR A CB  1 
ATOM   481  O  OG1 . THR A 1 65  ? 2.981   -14.507 4.387   1.00 24.75  ? 65  THR A OG1 1 
ATOM   482  C  CG2 . THR A 1 65  ? 3.758   -16.751 4.546   1.00 25.29  ? 65  THR A CG2 1 
ATOM   483  N  N   . PRO A 1 66  ? 0.977   -14.772 1.587   1.00 36.49  ? 66  PRO A N   1 
ATOM   484  C  CA  . PRO A 1 66  ? 0.181   -13.674 1.017   1.00 36.13  ? 66  PRO A CA  1 
ATOM   485  C  C   . PRO A 1 66  ? 0.409   -12.313 1.677   1.00 37.32  ? 66  PRO A C   1 
ATOM   486  O  O   . PRO A 1 66  ? 0.495   -11.301 1.001   1.00 44.81  ? 66  PRO A O   1 
ATOM   487  C  CB  . PRO A 1 66  ? -1.232  -14.173 1.203   1.00 34.63  ? 66  PRO A CB  1 
ATOM   488  C  CG  . PRO A 1 66  ? -1.046  -15.649 0.878   1.00 32.45  ? 66  PRO A CG  1 
ATOM   489  C  CD  . PRO A 1 66  ? 0.176   -16.006 1.680   1.00 33.17  ? 66  PRO A CD  1 
ATOM   490  N  N   . THR A 1 67  ? 0.598   -12.296 2.987   1.00 35.50  ? 67  THR A N   1 
ATOM   491  C  CA  . THR A 1 67  ? 0.847   -11.054 3.696   1.00 33.04  ? 67  THR A CA  1 
ATOM   492  C  C   . THR A 1 67  ? 2.235   -10.537 3.396   1.00 30.97  ? 67  THR A C   1 
ATOM   493  O  O   . THR A 1 67  ? 2.440   -9.347  3.217   1.00 32.00  ? 67  THR A O   1 
ATOM   494  C  CB  . THR A 1 67  ? 0.782   -11.284 5.179   1.00 36.12  ? 67  THR A CB  1 
ATOM   495  O  OG1 . THR A 1 67  ? -0.535  -11.715 5.519   1.00 43.47  ? 67  THR A OG1 1 
ATOM   496  C  CG2 . THR A 1 67  ? 1.109   -10.012 5.921   1.00 40.57  ? 67  THR A CG2 1 
ATOM   497  N  N   . GLY A 1 68  ? 3.204   -11.434 3.430   1.00 30.45  ? 68  GLY A N   1 
ATOM   498  C  CA  . GLY A 1 68  ? 4.564   -11.044 3.150   1.00 25.95  ? 68  GLY A CA  1 
ATOM   499  C  C   . GLY A 1 68  ? 4.624   -10.432 1.776   1.00 27.64  ? 68  GLY A C   1 
ATOM   500  O  O   . GLY A 1 68  ? 5.222   -9.368  1.597   1.00 28.94  ? 68  GLY A O   1 
ATOM   501  N  N   . ARG A 1 69  ? 3.931   -11.055 0.825   1.00 25.53  ? 69  ARG A N   1 
ATOM   502  C  CA  . ARG A 1 69  ? 3.912   -10.582 -0.555  1.00 25.94  ? 69  ARG A CA  1 
ATOM   503  C  C   . ARG A 1 69  ? 3.290   -9.217  -0.698  1.00 27.53  ? 69  ARG A C   1 
ATOM   504  O  O   . ARG A 1 69  ? 3.715   -8.421  -1.543  1.00 29.33  ? 69  ARG A O   1 
ATOM   505  C  CB  . ARG A 1 69  ? 3.174   -11.555 -1.450  1.00 24.73  ? 69  ARG A CB  1 
ATOM   506  C  CG  . ARG A 1 69  ? 3.258   -11.200 -2.900  1.00 27.05  ? 69  ARG A CG  1 
ATOM   507  C  CD  . ARG A 1 69  ? 2.801   -12.371 -3.751  1.00 33.76  ? 69  ARG A CD  1 
ATOM   508  N  NE  . ARG A 1 69  ? 3.672   -13.532 -3.585  1.00 35.30  ? 69  ARG A NE  1 
ATOM   509  C  CZ  . ARG A 1 69  ? 4.884   -13.646 -4.124  1.00 35.86  ? 69  ARG A CZ  1 
ATOM   510  N  NH1 . ARG A 1 69  ? 5.389   -12.673 -4.877  1.00 38.63  ? 69  ARG A NH1 1 
ATOM   511  N  NH2 . ARG A 1 69  ? 5.605   -14.731 -3.883  1.00 41.17  ? 69  ARG A NH2 1 
ATOM   512  N  N   . THR A 1 70  ? 2.259   -8.968  0.102   1.00 26.62  ? 70  THR A N   1 
ATOM   513  C  CA  . THR A 1 70  ? 1.568   -7.695  0.092   1.00 26.43  ? 70  THR A CA  1 
ATOM   514  C  C   . THR A 1 70  ? 2.495   -6.601  0.566   1.00 28.59  ? 70  THR A C   1 
ATOM   515  O  O   . THR A 1 70  ? 2.494   -5.497  0.032   1.00 31.76  ? 70  THR A O   1 
ATOM   516  C  CB  . THR A 1 70  ? 0.366   -7.740  1.018   1.00 26.77  ? 70  THR A CB  1 
ATOM   517  O  OG1 . THR A 1 70  ? -0.656  -8.513  0.399   1.00 33.20  ? 70  THR A OG1 1 
ATOM   518  C  CG2 . THR A 1 70  ? -0.164  -6.348  1.293   1.00 28.07  ? 70  THR A CG2 1 
ATOM   519  N  N   . LEU A 1 71  ? 3.254   -6.908  1.607   1.00 30.69  ? 71  LEU A N   1 
ATOM   520  C  CA  . LEU A 1 71  ? 4.191   -5.965  2.176   1.00 29.82  ? 71  LEU A CA  1 
ATOM   521  C  C   . LEU A 1 71  ? 5.369   -5.735  1.216   1.00 30.88  ? 71  LEU A C   1 
ATOM   522  O  O   . LEU A 1 71  ? 5.823   -4.601  1.043   1.00 30.79  ? 71  LEU A O   1 
ATOM   523  C  CB  . LEU A 1 71  ? 4.645   -6.505  3.523   1.00 34.33  ? 71  LEU A CB  1 
ATOM   524  C  CG  . LEU A 1 71  ? 5.654   -5.693  4.317   1.00 43.19  ? 71  LEU A CG  1 
ATOM   525  C  CD1 . LEU A 1 71  ? 5.223   -4.236  4.419   1.00 45.90  ? 71  LEU A CD1 1 
ATOM   526  C  CD2 . LEU A 1 71  ? 5.798   -6.317  5.689   1.00 45.83  ? 71  LEU A CD2 1 
ATOM   527  N  N   . ALA A 1 72  ? 5.839   -6.813  0.586   1.00 28.04  ? 72  ALA A N   1 
ATOM   528  C  CA  . ALA A 1 72  ? 6.931   -6.766  -0.373  1.00 26.72  ? 72  ALA A CA  1 
ATOM   529  C  C   . ALA A 1 72  ? 6.515   -5.863  -1.517  1.00 30.54  ? 72  ALA A C   1 
ATOM   530  O  O   . ALA A 1 72  ? 7.269   -4.984  -1.929  1.00 33.37  ? 72  ALA A O   1 
ATOM   531  C  CB  . ALA A 1 72  ? 7.209   -8.144  -0.904  1.00 26.27  ? 72  ALA A CB  1 
ATOM   532  N  N   . THR A 1 73  ? 5.301   -6.067  -2.016  1.00 28.23  ? 73  THR A N   1 
ATOM   533  C  CA  . THR A 1 73  ? 4.781   -5.265  -3.116  1.00 28.23  ? 73  THR A CA  1 
ATOM   534  C  C   . THR A 1 73  ? 4.755   -3.760  -2.821  1.00 29.30  ? 73  THR A C   1 
ATOM   535  O  O   . THR A 1 73  ? 5.174   -2.955  -3.660  1.00 30.44  ? 73  THR A O   1 
ATOM   536  C  CB  . THR A 1 73  ? 3.369   -5.749  -3.518  1.00 29.03  ? 73  THR A CB  1 
ATOM   537  O  OG1 . THR A 1 73  ? 3.460   -7.105  -3.972  1.00 26.34  ? 73  THR A OG1 1 
ATOM   538  C  CG2 . THR A 1 73  ? 2.760   -4.852  -4.617  1.00 26.34  ? 73  THR A CG2 1 
ATOM   539  N  N   . ALA A 1 74  ? 4.286   -3.393  -1.627  1.00 27.89  ? 74  ALA A N   1 
ATOM   540  C  CA  . ALA A 1 74  ? 4.203   -1.997  -1.212  1.00 23.33  ? 74  ALA A CA  1 
ATOM   541  C  C   . ALA A 1 74  ? 5.590   -1.374  -1.108  1.00 25.40  ? 74  ALA A C   1 
ATOM   542  O  O   . ALA A 1 74  ? 5.799   -0.233  -1.531  1.00 25.81  ? 74  ALA A O   1 
ATOM   543  C  CB  . ALA A 1 74  ? 3.492   -1.894  0.107   1.00 24.63  ? 74  ALA A CB  1 
ATOM   544  N  N   . VAL A 1 75  ? 6.541   -2.125  -0.561  1.00 23.46  ? 75  VAL A N   1 
ATOM   545  C  CA  . VAL A 1 75  ? 7.901   -1.627  -0.420  1.00 24.05  ? 75  VAL A CA  1 
ATOM   546  C  C   . VAL A 1 75  ? 8.526   -1.372  -1.800  1.00 27.90  ? 75  VAL A C   1 
ATOM   547  O  O   . VAL A 1 75  ? 9.226   -0.363  -1.989  1.00 30.76  ? 75  VAL A O   1 
ATOM   548  C  CB  . VAL A 1 75  ? 8.788   -2.619  0.383   1.00 22.71  ? 75  VAL A CB  1 
ATOM   549  C  CG1 . VAL A 1 75  ? 10.140  -2.036  0.613   1.00 21.71  ? 75  VAL A CG1 1 
ATOM   550  C  CG2 . VAL A 1 75  ? 8.158   -2.940  1.711   1.00 18.22  ? 75  VAL A CG2 1 
ATOM   551  N  N   . MET A 1 76  ? 8.219   -2.245  -2.767  1.00 26.48  ? 76  MET A N   1 
ATOM   552  C  CA  . MET A 1 76  ? 8.757   -2.147  -4.128  1.00 26.45  ? 76  MET A CA  1 
ATOM   553  C  C   . MET A 1 76  ? 8.113   -1.005  -4.914  1.00 30.39  ? 76  MET A C   1 
ATOM   554  O  O   . MET A 1 76  ? 8.781   -0.303  -5.687  1.00 33.08  ? 76  MET A O   1 
ATOM   555  C  CB  . MET A 1 76  ? 8.574   -3.467  -4.869  1.00 29.47  ? 76  MET A CB  1 
ATOM   556  C  CG  . MET A 1 76  ? 9.400   -3.601  -6.150  1.00 34.98  ? 76  MET A CG  1 
ATOM   557  S  SD  . MET A 1 76  ? 11.174  -3.896  -5.900  1.00 39.21  ? 76  MET A SD  1 
ATOM   558  C  CE  . MET A 1 76  ? 11.761  -2.324  -6.117  1.00 38.99  ? 76  MET A CE  1 
ATOM   559  N  N   . ARG A 1 77  ? 6.819   -0.808  -4.707  1.00 27.48  ? 77  ARG A N   1 
ATOM   560  C  CA  . ARG A 1 77  ? 6.098   0.259   -5.363  1.00 22.29  ? 77  ARG A CA  1 
ATOM   561  C  C   . ARG A 1 77  ? 6.709   1.588   -4.916  1.00 22.70  ? 77  ARG A C   1 
ATOM   562  O  O   . ARG A 1 77  ? 7.093   2.396   -5.749  1.00 25.87  ? 77  ARG A O   1 
ATOM   563  C  CB  . ARG A 1 77  ? 4.643   0.182   -4.947  1.00 17.79  ? 77  ARG A CB  1 
ATOM   564  C  CG  . ARG A 1 77  ? 3.700   1.090   -5.685  1.00 20.09  ? 77  ARG A CG  1 
ATOM   565  C  CD  . ARG A 1 77  ? 2.291   0.940   -5.087  1.00 29.91  ? 77  ARG A CD  1 
ATOM   566  N  NE  . ARG A 1 77  ? 2.175   1.435   -3.705  1.00 32.08  ? 77  ARG A NE  1 
ATOM   567  C  CZ  . ARG A 1 77  ? 1.474   0.842   -2.736  1.00 34.25  ? 77  ARG A CZ  1 
ATOM   568  N  NH1 . ARG A 1 77  ? 0.811   -0.285  -2.967  1.00 33.78  ? 77  ARG A NH1 1 
ATOM   569  N  NH2 . ARG A 1 77  ? 1.425   1.386   -1.531  1.00 33.18  ? 77  ARG A NH2 1 
ATOM   570  N  N   . LYS A 1 78  ? 6.830   1.795   -3.602  1.00 24.14  ? 78  LYS A N   1 
ATOM   571  C  CA  . LYS A 1 78  ? 7.403   3.031   -3.024  1.00 25.18  ? 78  LYS A CA  1 
ATOM   572  C  C   . LYS A 1 78  ? 8.824   3.268   -3.523  1.00 24.85  ? 78  LYS A C   1 
ATOM   573  O  O   . LYS A 1 78  ? 9.195   4.385   -3.875  1.00 25.12  ? 78  LYS A O   1 
ATOM   574  C  CB  . LYS A 1 78  ? 7.439   2.963   -1.485  1.00 26.01  ? 78  LYS A CB  1 
ATOM   575  C  CG  . LYS A 1 78  ? 6.085   2.840   -0.791  1.00 24.64  ? 78  LYS A CG  1 
ATOM   576  C  CD  . LYS A 1 78  ? 6.267   2.637   0.704   1.00 29.29  ? 78  LYS A CD  1 
ATOM   577  C  CE  . LYS A 1 78  ? 4.974   2.220   1.376   1.00 26.44  ? 78  LYS A CE  1 
ATOM   578  N  NZ  . LYS A 1 78  ? 4.030   3.340   1.406   1.00 22.39  ? 78  LYS A NZ  1 
ATOM   579  N  N   . HIS A 1 79  ? 9.625   2.210   -3.487  1.00 24.86  ? 79  HIS A N   1 
ATOM   580  C  CA  . HIS A 1 79  ? 10.995  2.241   -3.961  1.00 22.72  ? 79  HIS A CA  1 
ATOM   581  C  C   . HIS A 1 79  ? 11.044  2.722   -5.408  1.00 22.07  ? 79  HIS A C   1 
ATOM   582  O  O   . HIS A 1 79  ? 11.805  3.618   -5.740  1.00 25.08  ? 79  HIS A O   1 
ATOM   583  C  CB  . HIS A 1 79  ? 11.588  0.838   -3.888  1.00 22.81  ? 79  HIS A CB  1 
ATOM   584  C  CG  . HIS A 1 79  ? 12.975  0.739   -4.424  1.00 20.19  ? 79  HIS A CG  1 
ATOM   585  N  ND1 . HIS A 1 79  ? 14.060  0.869   -3.617  1.00 26.59  ? 79  HIS A ND1 1 
ATOM   586  C  CD2 . HIS A 1 79  ? 13.397  0.488   -5.681  1.00 25.79  ? 79  HIS A CD2 1 
ATOM   587  C  CE1 . HIS A 1 79  ? 15.109  0.693   -4.396  1.00 27.09  ? 79  HIS A CE1 1 
ATOM   588  N  NE2 . HIS A 1 79  ? 14.767  0.461   -5.648  1.00 27.63  ? 79  HIS A NE2 1 
ATOM   589  N  N   . ARG A 1 80  ? 10.237  2.120   -6.270  1.00 18.76  ? 80  ARG A N   1 
ATOM   590  C  CA  . ARG A 1 80  ? 10.220  2.501   -7.666  1.00 20.18  ? 80  ARG A CA  1 
ATOM   591  C  C   . ARG A 1 80  ? 9.578   3.859   -7.932  1.00 23.12  ? 80  ARG A C   1 
ATOM   592  O  O   . ARG A 1 80  ? 9.926   4.556   -8.900  1.00 25.64  ? 80  ARG A O   1 
ATOM   593  C  CB  . ARG A 1 80  ? 9.590   1.392   -8.501  1.00 20.88  ? 80  ARG A CB  1 
ATOM   594  C  CG  . ARG A 1 80  ? 10.539  0.208   -8.615  1.00 24.51  ? 80  ARG A CG  1 
ATOM   595  C  CD  . ARG A 1 80  ? 10.091  -0.920  -9.545  1.00 23.21  ? 80  ARG A CD  1 
ATOM   596  N  NE  . ARG A 1 80  ? 11.102  -1.974  -9.473  1.00 24.15  ? 80  ARG A NE  1 
ATOM   597  C  CZ  . ARG A 1 80  ? 10.899  -3.267  -9.704  1.00 23.91  ? 80  ARG A CZ  1 
ATOM   598  N  NH1 . ARG A 1 80  ? 9.707   -3.725  -10.055 1.00 21.76  ? 80  ARG A NH1 1 
ATOM   599  N  NH2 . ARG A 1 80  ? 11.898  -4.113  -9.494  1.00 27.82  ? 80  ARG A NH2 1 
ATOM   600  N  N   . LEU A 1 81  ? 8.648   4.249   -7.076  1.00 22.74  ? 81  LEU A N   1 
ATOM   601  C  CA  . LEU A 1 81  ? 8.011   5.541   -7.244  1.00 23.40  ? 81  LEU A CA  1 
ATOM   602  C  C   . LEU A 1 81  ? 9.070   6.571   -6.847  1.00 26.59  ? 81  LEU A C   1 
ATOM   603  O  O   . LEU A 1 81  ? 9.201   7.620   -7.484  1.00 28.88  ? 81  LEU A O   1 
ATOM   604  C  CB  . LEU A 1 81  ? 6.773   5.634   -6.356  1.00 24.76  ? 81  LEU A CB  1 
ATOM   605  C  CG  . LEU A 1 81  ? 5.379   5.722   -6.987  1.00 24.45  ? 81  LEU A CG  1 
ATOM   606  C  CD1 . LEU A 1 81  ? 5.388   5.493   -8.480  1.00 25.07  ? 81  LEU A CD1 1 
ATOM   607  C  CD2 . LEU A 1 81  ? 4.456   4.751   -6.305  1.00 20.13  ? 81  LEU A CD2 1 
ATOM   608  N  N   . ALA A 1 82  ? 9.864   6.248   -5.826  1.00 25.79  ? 82  ALA A N   1 
ATOM   609  C  CA  . ALA A 1 82  ? 10.930  7.143   -5.384  1.00 24.01  ? 82  ALA A CA  1 
ATOM   610  C  C   . ALA A 1 82  ? 11.955  7.305   -6.508  1.00 26.19  ? 82  ALA A C   1 
ATOM   611  O  O   . ALA A 1 82  ? 12.482  8.387   -6.713  1.00 32.36  ? 82  ALA A O   1 
ATOM   612  C  CB  . ALA A 1 82  ? 11.600  6.612   -4.116  1.00 17.77  ? 82  ALA A CB  1 
ATOM   613  N  N   . GLU A 1 83  ? 12.234  6.238   -7.249  1.00 27.99  ? 83  GLU A N   1 
ATOM   614  C  CA  . GLU A 1 83  ? 13.182  6.320   -8.363  1.00 26.13  ? 83  GLU A CA  1 
ATOM   615  C  C   . GLU A 1 83  ? 12.659  7.220   -9.467  1.00 27.57  ? 83  GLU A C   1 
ATOM   616  O  O   . GLU A 1 83  ? 13.431  7.957   -10.068 1.00 32.96  ? 83  GLU A O   1 
ATOM   617  C  CB  . GLU A 1 83  ? 13.520  4.937   -8.907  1.00 26.24  ? 83  GLU A CB  1 
ATOM   618  C  CG  . GLU A 1 83  ? 14.447  4.189   -7.986  1.00 22.37  ? 83  GLU A CG  1 
ATOM   619  C  CD  . GLU A 1 83  ? 14.781  2.796   -8.462  1.00 22.87  ? 83  GLU A CD  1 
ATOM   620  O  OE1 . GLU A 1 83  ? 13.963  2.154   -9.153  1.00 25.05  ? 83  GLU A OE1 1 
ATOM   621  O  OE2 . GLU A 1 83  ? 15.880  2.331   -8.108  1.00 27.79  ? 83  GLU A OE2 1 
ATOM   622  N  N   . ARG A 1 84  ? 11.360  7.159   -9.759  1.00 27.05  ? 84  ARG A N   1 
ATOM   623  C  CA  . ARG A 1 84  ? 10.783  8.049   -10.761 1.00 24.28  ? 84  ARG A CA  1 
ATOM   624  C  C   . ARG A 1 84  ? 10.876  9.493   -10.241 1.00 26.72  ? 84  ARG A C   1 
ATOM   625  O  O   . ARG A 1 84  ? 11.258  10.394  -10.979 1.00 28.85  ? 84  ARG A O   1 
ATOM   626  C  CB  . ARG A 1 84  ? 9.329   7.701   -11.021 1.00 24.27  ? 84  ARG A CB  1 
ATOM   627  C  CG  . ARG A 1 84  ? 9.129   6.564   -11.956 1.00 28.81  ? 84  ARG A CG  1 
ATOM   628  C  CD  . ARG A 1 84  ? 8.866   7.054   -13.358 1.00 33.20  ? 84  ARG A CD  1 
ATOM   629  N  NE  . ARG A 1 84  ? 10.064  7.587   -13.983 1.00 41.76  ? 84  ARG A NE  1 
ATOM   630  C  CZ  . ARG A 1 84  ? 10.749  6.974   -14.948 1.00 46.24  ? 84  ARG A CZ  1 
ATOM   631  N  NH1 . ARG A 1 84  ? 10.351  5.797   -15.415 1.00 44.79  ? 84  ARG A NH1 1 
ATOM   632  N  NH2 . ARG A 1 84  ? 11.860  7.527   -15.427 1.00 52.90  ? 84  ARG A NH2 1 
ATOM   633  N  N   . LEU A 1 85  ? 10.517  9.721   -8.978  1.00 25.17  ? 85  LEU A N   1 
ATOM   634  C  CA  . LEU A 1 85  ? 10.596  11.056  -8.400  1.00 25.52  ? 85  LEU A CA  1 
ATOM   635  C  C   . LEU A 1 85  ? 12.034  11.619  -8.509  1.00 28.93  ? 85  LEU A C   1 
ATOM   636  O  O   . LEU A 1 85  ? 12.238  12.700  -9.079  1.00 28.72  ? 85  LEU A O   1 
ATOM   637  C  CB  . LEU A 1 85  ? 10.131  11.016  -6.940  1.00 24.93  ? 85  LEU A CB  1 
ATOM   638  C  CG  . LEU A 1 85  ? 10.392  12.233  -6.035  1.00 26.09  ? 85  LEU A CG  1 
ATOM   639  C  CD1 . LEU A 1 85  ? 9.678   13.472  -6.562  1.00 21.47  ? 85  LEU A CD1 1 
ATOM   640  C  CD2 . LEU A 1 85  ? 9.955   11.927  -4.601  1.00 20.88  ? 85  LEU A CD2 1 
ATOM   641  N  N   . LEU A 1 86  ? 13.023  10.860  -8.027  1.00 26.95  ? 86  LEU A N   1 
ATOM   642  C  CA  . LEU A 1 86  ? 14.440  11.267  -8.062  1.00 26.15  ? 86  LEU A CA  1 
ATOM   643  C  C   . LEU A 1 86  ? 15.061  11.529  -9.447  1.00 26.49  ? 86  LEU A C   1 
ATOM   644  O  O   . LEU A 1 86  ? 16.018  12.288  -9.544  1.00 26.45  ? 86  LEU A O   1 
ATOM   645  C  CB  . LEU A 1 86  ? 15.313  10.248  -7.329  1.00 23.17  ? 86  LEU A CB  1 
ATOM   646  C  CG  . LEU A 1 86  ? 15.127  10.070  -5.827  1.00 23.80  ? 86  LEU A CG  1 
ATOM   647  C  CD1 . LEU A 1 86  ? 15.797  8.805   -5.383  1.00 21.83  ? 86  LEU A CD1 1 
ATOM   648  C  CD2 . LEU A 1 86  ? 15.693  11.244  -5.094  1.00 23.64  ? 86  LEU A CD2 1 
ATOM   649  N  N   . THR A 1 87  ? 14.599  10.858  -10.500 1.00 28.07  ? 87  THR A N   1 
ATOM   650  C  CA  . THR A 1 87  ? 15.159  11.111  -11.826 1.00 28.83  ? 87  THR A CA  1 
ATOM   651  C  C   . THR A 1 87  ? 14.287  12.075  -12.639 1.00 30.31  ? 87  THR A C   1 
ATOM   652  O  O   . THR A 1 87  ? 14.796  12.976  -13.292 1.00 34.12  ? 87  THR A O   1 
ATOM   653  C  CB  . THR A 1 87  ? 15.436  9.794   -12.654 1.00 28.64  ? 87  THR A CB  1 
ATOM   654  O  OG1 . THR A 1 87  ? 14.221  9.087   -12.896 1.00 35.59  ? 87  THR A OG1 1 
ATOM   655  C  CG2 . THR A 1 87  ? 16.347  8.865   -11.915 1.00 27.19  ? 87  THR A CG2 1 
ATOM   656  N  N   . ASP A 1 88  ? 12.970  11.927  -12.560 1.00 31.52  ? 88  ASP A N   1 
ATOM   657  C  CA  . ASP A 1 88  ? 12.069  12.776  -13.327 1.00 34.30  ? 88  ASP A CA  1 
ATOM   658  C  C   . ASP A 1 88  ? 11.967  14.185  -12.769 1.00 37.91  ? 88  ASP A C   1 
ATOM   659  O  O   . ASP A 1 88  ? 12.090  15.152  -13.518 1.00 40.29  ? 88  ASP A O   1 
ATOM   660  C  CB  . ASP A 1 88  ? 10.653  12.166  -13.417 1.00 40.43  ? 88  ASP A CB  1 
ATOM   661  C  CG  . ASP A 1 88  ? 10.572  10.914  -14.325 1.00 41.51  ? 88  ASP A CG  1 
ATOM   662  O  OD1 . ASP A 1 88  ? 11.622  10.388  -14.772 1.00 37.67  ? 88  ASP A OD1 1 
ATOM   663  O  OD2 . ASP A 1 88  ? 9.428   10.451  -14.583 1.00 43.89  ? 88  ASP A OD2 1 
ATOM   664  N  N   . ILE A 1 89  ? 11.724  14.309  -11.464 1.00 38.66  ? 89  ILE A N   1 
ATOM   665  C  CA  . ILE A 1 89  ? 11.586  15.630  -10.848 1.00 36.33  ? 89  ILE A CA  1 
ATOM   666  C  C   . ILE A 1 89  ? 12.883  16.223  -10.307 1.00 34.28  ? 89  ILE A C   1 
ATOM   667  O  O   . ILE A 1 89  ? 13.291  17.302  -10.717 1.00 37.89  ? 89  ILE A O   1 
ATOM   668  C  CB  . ILE A 1 89  ? 10.557  15.638  -9.677  1.00 39.44  ? 89  ILE A CB  1 
ATOM   669  C  CG1 . ILE A 1 89  ? 9.256   14.946  -10.089 1.00 40.56  ? 89  ILE A CG1 1 
ATOM   670  C  CG2 . ILE A 1 89  ? 10.268  17.086  -9.221  1.00 35.82  ? 89  ILE A CG2 1 
ATOM   671  C  CD1 . ILE A 1 89  ? 8.496   15.666  -11.168 1.00 45.37  ? 89  ILE A CD1 1 
ATOM   672  N  N   . ILE A 1 90  ? 13.519  15.528  -9.379  1.00 29.17  ? 90  ILE A N   1 
ATOM   673  C  CA  . ILE A 1 90  ? 14.717  16.053  -8.758  1.00 27.71  ? 90  ILE A CA  1 
ATOM   674  C  C   . ILE A 1 90  ? 15.922  16.133  -9.678  1.00 30.44  ? 90  ILE A C   1 
ATOM   675  O  O   . ILE A 1 90  ? 16.734  17.050  -9.579  1.00 31.94  ? 90  ILE A O   1 
ATOM   676  C  CB  . ILE A 1 90  ? 15.035  15.279  -7.475  1.00 24.78  ? 90  ILE A CB  1 
ATOM   677  C  CG1 . ILE A 1 90  ? 13.928  15.529  -6.444  1.00 26.99  ? 90  ILE A CG1 1 
ATOM   678  C  CG2 . ILE A 1 90  ? 16.352  15.711  -6.916  1.00 17.76  ? 90  ILE A CG2 1 
ATOM   679  C  CD1 . ILE A 1 90  ? 13.901  14.527  -5.284  1.00 31.87  ? 90  ILE A CD1 1 
ATOM   680  N  N   . GLY A 1 91  ? 16.039  15.178  -10.579 1.00 28.67  ? 91  GLY A N   1 
ATOM   681  C  CA  . GLY A 1 91  ? 17.162  15.212  -11.481 1.00 27.91  ? 91  GLY A CA  1 
ATOM   682  C  C   . GLY A 1 91  ? 18.439  14.688  -10.867 1.00 27.29  ? 91  GLY A C   1 
ATOM   683  O  O   . GLY A 1 91  ? 19.511  15.045  -11.326 1.00 34.24  ? 91  GLY A O   1 
ATOM   684  N  N   . LEU A 1 92  ? 18.345  13.826  -9.858  1.00 25.54  ? 92  LEU A N   1 
ATOM   685  C  CA  . LEU A 1 92  ? 19.534  13.252  -9.219  1.00 23.93  ? 92  LEU A CA  1 
ATOM   686  C  C   . LEU A 1 92  ? 20.321  12.429  -10.230 1.00 27.32  ? 92  LEU A C   1 
ATOM   687  O  O   . LEU A 1 92  ? 19.769  11.920  -11.186 1.00 31.56  ? 92  LEU A O   1 
ATOM   688  C  CB  . LEU A 1 92  ? 19.124  12.357  -8.053  1.00 20.74  ? 92  LEU A CB  1 
ATOM   689  C  CG  . LEU A 1 92  ? 20.230  11.607  -7.309  1.00 23.69  ? 92  LEU A CG  1 
ATOM   690  C  CD1 . LEU A 1 92  ? 21.216  12.601  -6.705  1.00 27.74  ? 92  LEU A CD1 1 
ATOM   691  C  CD2 . LEU A 1 92  ? 19.640  10.712  -6.218  1.00 22.66  ? 92  LEU A CD2 1 
ATOM   692  N  N   . ASP A 1 93  ? 21.606  12.246  -9.990  1.00 30.82  ? 93  ASP A N   1 
ATOM   693  C  CA  . ASP A 1 93  ? 22.436  11.488  -10.907 1.00 31.69  ? 93  ASP A CA  1 
ATOM   694  C  C   . ASP A 1 93  ? 21.969  10.057  -10.971 1.00 33.51  ? 93  ASP A C   1 
ATOM   695  O  O   . ASP A 1 93  ? 21.958  9.378   -9.953  1.00 37.56  ? 93  ASP A O   1 
ATOM   696  C  CB  . ASP A 1 93  ? 23.886  11.529  -10.431 1.00 41.26  ? 93  ASP A CB  1 
ATOM   697  C  CG  . ASP A 1 93  ? 24.794  10.601  -11.214 1.00 44.13  ? 93  ASP A CG  1 
ATOM   698  O  OD1 . ASP A 1 93  ? 24.724  10.584  -12.459 1.00 51.38  ? 93  ASP A OD1 1 
ATOM   699  O  OD2 . ASP A 1 93  ? 25.587  9.888   -10.574 1.00 49.16  ? 93  ASP A OD2 1 
ATOM   700  N  N   . ILE A 1 94  ? 21.713  9.572   -12.183 1.00 34.01  ? 94  ILE A N   1 
ATOM   701  C  CA  . ILE A 1 94  ? 21.243  8.198   -12.416 1.00 29.80  ? 94  ILE A CA  1 
ATOM   702  C  C   . ILE A 1 94  ? 22.023  7.140   -11.667 1.00 28.66  ? 94  ILE A C   1 
ATOM   703  O  O   . ILE A 1 94  ? 21.475  6.118   -11.288 1.00 32.33  ? 94  ILE A O   1 
ATOM   704  C  CB  . ILE A 1 94  ? 21.275  7.822   -13.929 1.00 29.76  ? 94  ILE A CB  1 
ATOM   705  C  CG1 . ILE A 1 94  ? 20.312  6.682   -14.208 1.00 30.46  ? 94  ILE A CG1 1 
ATOM   706  C  CG2 . ILE A 1 94  ? 22.653  7.351   -14.342 1.00 25.92  ? 94  ILE A CG2 1 
ATOM   707  C  CD1 . ILE A 1 94  ? 18.872  7.019   -13.928 1.00 33.31  ? 94  ILE A CD1 1 
ATOM   708  N  N   . ASN A 1 95  ? 23.299  7.388   -11.424 1.00 30.17  ? 95  ASN A N   1 
ATOM   709  C  CA  . ASN A 1 95  ? 24.120  6.401   -10.747 1.00 31.34  ? 95  ASN A CA  1 
ATOM   710  C  C   . ASN A 1 95  ? 23.931  6.367   -9.265  1.00 31.86  ? 95  ASN A C   1 
ATOM   711  O  O   . ASN A 1 95  ? 24.483  5.505   -8.591  1.00 35.70  ? 95  ASN A O   1 
ATOM   712  C  CB  . ASN A 1 95  ? 25.588  6.620   -11.065 1.00 33.96  ? 95  ASN A CB  1 
ATOM   713  C  CG  . ASN A 1 95  ? 25.867  6.522   -12.529 1.00 34.41  ? 95  ASN A CG  1 
ATOM   714  O  OD1 . ASN A 1 95  ? 26.030  5.433   -13.066 1.00 42.18  ? 95  ASN A OD1 1 
ATOM   715  N  ND2 . ASN A 1 95  ? 25.871  7.657   -13.203 1.00 36.86  ? 95  ASN A ND2 1 
ATOM   716  N  N   . LYS A 1 96  ? 23.136  7.286   -8.747  1.00 31.33  ? 96  LYS A N   1 
ATOM   717  C  CA  . LYS A 1 96  ? 22.906  7.339   -7.320  1.00 32.90  ? 96  LYS A CA  1 
ATOM   718  C  C   . LYS A 1 96  ? 21.458  7.097   -6.947  1.00 30.32  ? 96  LYS A C   1 
ATOM   719  O  O   . LYS A 1 96  ? 21.159  6.797   -5.800  1.00 33.54  ? 96  LYS A O   1 
ATOM   720  C  CB  . LYS A 1 96  ? 23.352  8.688   -6.787  1.00 40.30  ? 96  LYS A CB  1 
ATOM   721  C  CG  . LYS A 1 96  ? 24.762  9.060   -7.194  1.00 50.06  ? 96  LYS A CG  1 
ATOM   722  C  CD  . LYS A 1 96  ? 25.181  10.353  -6.525  1.00 59.80  ? 96  LYS A CD  1 
ATOM   723  C  CE  . LYS A 1 96  ? 26.605  10.735  -6.879  1.00 66.89  ? 96  LYS A CE  1 
ATOM   724  N  NZ  . LYS A 1 96  ? 26.933  12.103  -6.371  1.00 74.57  ? 96  LYS A NZ  1 
ATOM   725  N  N   . VAL A 1 97  ? 20.571  7.169   -7.932  1.00 27.74  ? 97  VAL A N   1 
ATOM   726  C  CA  . VAL A 1 97  ? 19.138  6.989   -7.731  1.00 25.10  ? 97  VAL A CA  1 
ATOM   727  C  C   . VAL A 1 97  ? 18.726  5.739   -6.970  1.00 26.79  ? 97  VAL A C   1 
ATOM   728  O  O   . VAL A 1 97  ? 17.856  5.809   -6.113  1.00 30.04  ? 97  VAL A O   1 
ATOM   729  C  CB  . VAL A 1 97  ? 18.397  7.043   -9.073  1.00 24.62  ? 97  VAL A CB  1 
ATOM   730  C  CG1 . VAL A 1 97  ? 16.968  6.582   -8.924  1.00 24.54  ? 97  VAL A CG1 1 
ATOM   731  C  CG2 . VAL A 1 97  ? 18.446  8.449   -9.628  1.00 20.26  ? 97  VAL A CG2 1 
ATOM   732  N  N   . HIS A 1 98  ? 19.356  4.605   -7.261  1.00 28.60  ? 98  HIS A N   1 
ATOM   733  C  CA  . HIS A 1 98  ? 19.030  3.346   -6.594  1.00 28.35  ? 98  HIS A CA  1 
ATOM   734  C  C   . HIS A 1 98  ? 19.246  3.359   -5.090  1.00 30.34  ? 98  HIS A C   1 
ATOM   735  O  O   . HIS A 1 98  ? 18.364  2.962   -4.331  1.00 32.97  ? 98  HIS A O   1 
ATOM   736  C  CB  . HIS A 1 98  ? 19.826  2.179   -7.187  1.00 32.23  ? 98  HIS A CB  1 
ATOM   737  C  CG  . HIS A 1 98  ? 19.543  0.872   -6.522  1.00 30.57  ? 98  HIS A CG  1 
ATOM   738  N  ND1 . HIS A 1 98  ? 18.343  0.228   -6.691  1.00 32.08  ? 98  HIS A ND1 1 
ATOM   739  C  CD2 . HIS A 1 98  ? 20.232  0.252   -5.534  1.00 27.90  ? 98  HIS A CD2 1 
ATOM   740  C  CE1 . HIS A 1 98  ? 18.330  -0.748  -5.805  1.00 28.49  ? 98  HIS A CE1 1 
ATOM   741  N  NE2 . HIS A 1 98  ? 19.436  -0.779  -5.088  1.00 29.68  ? 98  HIS A NE2 1 
ATOM   742  N  N   . ASP A 1 99  ? 20.439  3.764   -4.666  1.00 33.18  ? 99  ASP A N   1 
ATOM   743  C  CA  . ASP A 1 99  ? 20.775  3.813   -3.245  1.00 35.77  ? 99  ASP A CA  1 
ATOM   744  C  C   . ASP A 1 99  ? 19.908  4.802   -2.482  1.00 32.84  ? 99  ASP A C   1 
ATOM   745  O  O   . ASP A 1 99  ? 19.497  4.541   -1.356  1.00 35.17  ? 99  ASP A O   1 
ATOM   746  C  CB  . ASP A 1 99  ? 22.255  4.146   -3.069  1.00 42.25  ? 99  ASP A CB  1 
ATOM   747  C  CG  . ASP A 1 99  ? 23.158  3.091   -3.671  1.00 51.72  ? 99  ASP A CG  1 
ATOM   748  O  OD1 . ASP A 1 99  ? 22.947  1.895   -3.359  1.00 56.16  ? 99  ASP A OD1 1 
ATOM   749  O  OD2 . ASP A 1 99  ? 24.073  3.450   -4.454  1.00 57.34  ? 99  ASP A OD2 1 
ATOM   750  N  N   . GLU A 1 100 ? 19.646  5.943   -3.096  1.00 30.68  ? 100 GLU A N   1 
ATOM   751  C  CA  . GLU A 1 100 ? 18.815  6.961   -2.495  1.00 29.27  ? 100 GLU A CA  1 
ATOM   752  C  C   . GLU A 1 100 ? 17.444  6.332   -2.284  1.00 28.77  ? 100 GLU A C   1 
ATOM   753  O  O   . GLU A 1 100 ? 16.909  6.342   -1.182  1.00 32.76  ? 100 GLU A O   1 
ATOM   754  C  CB  . GLU A 1 100 ? 18.695  8.142   -3.450  1.00 30.77  ? 100 GLU A CB  1 
ATOM   755  C  CG  . GLU A 1 100 ? 18.146  9.400   -2.816  1.00 37.51  ? 100 GLU A CG  1 
ATOM   756  C  CD  . GLU A 1 100 ? 19.128  10.044  -1.864  1.00 40.02  ? 100 GLU A CD  1 
ATOM   757  O  OE1 . GLU A 1 100 ? 20.314  10.172  -2.229  1.00 43.29  ? 100 GLU A OE1 1 
ATOM   758  O  OE2 . GLU A 1 100 ? 18.715  10.425  -0.750  1.00 42.85  ? 100 GLU A OE2 1 
ATOM   759  N  N   . ALA A 1 101 ? 16.908  5.718   -3.331  1.00 27.19  ? 101 ALA A N   1 
ATOM   760  C  CA  . ALA A 1 101 ? 15.593  5.090   -3.268  1.00 25.94  ? 101 ALA A CA  1 
ATOM   761  C  C   . ALA A 1 101 ? 15.521  3.987   -2.239  1.00 25.91  ? 101 ALA A C   1 
ATOM   762  O  O   . ALA A 1 101 ? 14.489  3.806   -1.597  1.00 25.66  ? 101 ALA A O   1 
ATOM   763  C  CB  . ALA A 1 101 ? 15.194  4.554   -4.624  1.00 23.06  ? 101 ALA A CB  1 
ATOM   764  N  N   . SER A 1 102 ? 16.615  3.253   -2.077  1.00 26.19  ? 102 SER A N   1 
ATOM   765  C  CA  . SER A 1 102 ? 16.657  2.163   -1.105  1.00 26.38  ? 102 SER A CA  1 
ATOM   766  C  C   . SER A 1 102 ? 16.407  2.664   0.319   1.00 26.89  ? 102 SER A C   1 
ATOM   767  O  O   . SER A 1 102 ? 15.982  1.907   1.198   1.00 28.10  ? 102 SER A O   1 
ATOM   768  C  CB  . SER A 1 102 ? 18.003  1.443   -1.190  1.00 29.04  ? 102 SER A CB  1 
ATOM   769  O  OG  . SER A 1 102 ? 18.167  0.854   -2.473  1.00 37.18  ? 102 SER A OG  1 
ATOM   770  N  N   . ARG A 1 103 ? 16.688  3.939   0.548   1.00 27.86  ? 103 ARG A N   1 
ATOM   771  C  CA  . ARG A 1 103 ? 16.483  4.550   1.852   1.00 27.50  ? 103 ARG A CA  1 
ATOM   772  C  C   . ARG A 1 103 ? 15.096  5.175   1.949   1.00 29.08  ? 103 ARG A C   1 
ATOM   773  O  O   . ARG A 1 103 ? 14.415  5.013   2.960   1.00 34.39  ? 103 ARG A O   1 
ATOM   774  C  CB  . ARG A 1 103 ? 17.537  5.624   2.104   1.00 25.73  ? 103 ARG A CB  1 
ATOM   775  C  CG  . ARG A 1 103 ? 18.758  5.116   2.803   1.00 31.03  ? 103 ARG A CG  1 
ATOM   776  C  CD  . ARG A 1 103 ? 19.747  6.212   2.984   1.00 36.70  ? 103 ARG A CD  1 
ATOM   777  N  NE  . ARG A 1 103 ? 20.240  6.655   1.691   1.00 46.05  ? 103 ARG A NE  1 
ATOM   778  C  CZ  . ARG A 1 103 ? 20.582  7.907   1.414   1.00 50.48  ? 103 ARG A CZ  1 
ATOM   779  N  NH1 . ARG A 1 103 ? 20.479  8.847   2.348   1.00 53.36  ? 103 ARG A NH1 1 
ATOM   780  N  NH2 . ARG A 1 103 ? 21.037  8.220   0.205   1.00 52.95  ? 103 ARG A NH2 1 
ATOM   781  N  N   . TRP A 1 104 ? 14.658  5.856   0.891   1.00 27.30  ? 104 TRP A N   1 
ATOM   782  C  CA  . TRP A 1 104 ? 13.354  6.515   0.899   1.00 25.20  ? 104 TRP A CA  1 
ATOM   783  C  C   . TRP A 1 104 ? 12.180  5.558   0.973   1.00 25.76  ? 104 TRP A C   1 
ATOM   784  O  O   . TRP A 1 104 ? 11.137  5.908   1.506   1.00 27.82  ? 104 TRP A O   1 
ATOM   785  C  CB  . TRP A 1 104 ? 13.190  7.397   -0.327  1.00 27.03  ? 104 TRP A CB  1 
ATOM   786  C  CG  . TRP A 1 104 ? 14.091  8.588   -0.377  1.00 24.24  ? 104 TRP A CG  1 
ATOM   787  C  CD1 . TRP A 1 104 ? 15.364  8.678   0.089   1.00 24.83  ? 104 TRP A CD1 1 
ATOM   788  C  CD2 . TRP A 1 104 ? 13.797  9.843   -0.978  1.00 28.15  ? 104 TRP A CD2 1 
ATOM   789  N  NE1 . TRP A 1 104 ? 15.889  9.908   -0.188  1.00 23.41  ? 104 TRP A NE1 1 
ATOM   790  C  CE2 . TRP A 1 104 ? 14.943  10.650  -0.847  1.00 28.76  ? 104 TRP A CE2 1 
ATOM   791  C  CE3 . TRP A 1 104 ? 12.667  10.370  -1.626  1.00 34.94  ? 104 TRP A CE3 1 
ATOM   792  C  CZ2 . TRP A 1 104 ? 15.005  11.964  -1.342  1.00 32.13  ? 104 TRP A CZ2 1 
ATOM   793  C  CZ3 . TRP A 1 104 ? 12.726  11.682  -2.121  1.00 37.61  ? 104 TRP A CZ3 1 
ATOM   794  C  CH2 . TRP A 1 104 ? 13.889  12.459  -1.973  1.00 33.83  ? 104 TRP A CH2 1 
ATOM   795  N  N   . GLU A 1 105 ? 12.353  4.342   0.466   1.00 26.05  ? 105 GLU A N   1 
ATOM   796  C  CA  . GLU A 1 105 ? 11.279  3.345   0.465   1.00 26.28  ? 105 GLU A CA  1 
ATOM   797  C  C   . GLU A 1 105 ? 10.742  3.064   1.853   1.00 24.13  ? 105 GLU A C   1 
ATOM   798  O  O   . GLU A 1 105 ? 9.588   2.729   2.009   1.00 27.98  ? 105 GLU A O   1 
ATOM   799  C  CB  . GLU A 1 105 ? 11.742  2.026   -0.178  1.00 20.17  ? 105 GLU A CB  1 
ATOM   800  C  CG  . GLU A 1 105 ? 12.729  1.248   0.670   1.00 21.97  ? 105 GLU A CG  1 
ATOM   801  C  CD  . GLU A 1 105 ? 13.316  0.051   -0.039  1.00 23.18  ? 105 GLU A CD  1 
ATOM   802  O  OE1 . GLU A 1 105 ? 13.413  0.101   -1.270  1.00 24.98  ? 105 GLU A OE1 1 
ATOM   803  O  OE2 . GLU A 1 105 ? 13.703  -0.934  0.629   1.00 27.15  ? 105 GLU A OE2 1 
ATOM   804  N  N   . HIS A 1 106 ? 11.579  3.227   2.866   1.00 24.51  ? 106 HIS A N   1 
ATOM   805  C  CA  . HIS A 1 106 ? 11.170  2.944   4.228   1.00 23.97  ? 106 HIS A CA  1 
ATOM   806  C  C   . HIS A 1 106 ? 10.479  4.097   4.921   1.00 25.81  ? 106 HIS A C   1 
ATOM   807  O  O   . HIS A 1 106 ? 10.019  3.934   6.042   1.00 30.53  ? 106 HIS A O   1 
ATOM   808  C  CB  . HIS A 1 106 ? 12.386  2.581   5.060   1.00 20.72  ? 106 HIS A CB  1 
ATOM   809  C  CG  . HIS A 1 106 ? 13.176  1.428   4.521   1.00 26.21  ? 106 HIS A CG  1 
ATOM   810  N  ND1 . HIS A 1 106 ? 12.605  0.232   4.160   1.00 29.68  ? 106 HIS A ND1 1 
ATOM   811  C  CD2 . HIS A 1 106 ? 14.507  1.283   4.323   1.00 25.75  ? 106 HIS A CD2 1 
ATOM   812  C  CE1 . HIS A 1 106 ? 13.542  -0.606  3.767   1.00 31.92  ? 106 HIS A CE1 1 
ATOM   813  N  NE2 . HIS A 1 106 ? 14.712  0.005   3.860   1.00 26.76  ? 106 HIS A NE2 1 
ATOM   814  N  N   . VAL A 1 107 ? 10.458  5.278   4.307   1.00 28.37  ? 107 VAL A N   1 
ATOM   815  C  CA  . VAL A 1 107 ? 9.842   6.445   4.941   1.00 26.04  ? 107 VAL A CA  1 
ATOM   816  C  C   . VAL A 1 107 ? 8.731   7.127   4.147   1.00 28.51  ? 107 VAL A C   1 
ATOM   817  O  O   . VAL A 1 107 ? 8.147   8.095   4.620   1.00 32.56  ? 107 VAL A O   1 
ATOM   818  C  CB  . VAL A 1 107 ? 10.903  7.508   5.317   1.00 25.88  ? 107 VAL A CB  1 
ATOM   819  C  CG1 . VAL A 1 107 ? 11.951  6.902   6.224   1.00 24.34  ? 107 VAL A CG1 1 
ATOM   820  C  CG2 . VAL A 1 107 ? 11.541  8.102   4.076   1.00 22.87  ? 107 VAL A CG2 1 
ATOM   821  N  N   . MET A 1 108 ? 8.477   6.674   2.926   1.00 27.69  ? 108 MET A N   1 
ATOM   822  C  CA  . MET A 1 108 ? 7.428   7.256   2.120   1.00 27.95  ? 108 MET A CA  1 
ATOM   823  C  C   . MET A 1 108 ? 6.091   6.721   2.586   1.00 28.94  ? 108 MET A C   1 
ATOM   824  O  O   . MET A 1 108 ? 5.879   5.511   2.647   1.00 30.34  ? 108 MET A O   1 
ATOM   825  C  CB  . MET A 1 108 ? 7.603   6.914   0.645   1.00 34.31  ? 108 MET A CB  1 
ATOM   826  C  CG  . MET A 1 108 ? 8.411   7.888   -0.180  1.00 39.67  ? 108 MET A CG  1 
ATOM   827  S  SD  . MET A 1 108 ? 8.127   7.545   -1.929  1.00 46.57  ? 108 MET A SD  1 
ATOM   828  C  CE  . MET A 1 108 ? 6.387   7.366   -1.944  1.00 41.65  ? 108 MET A CE  1 
ATOM   829  N  N   . SER A 1 109 ? 5.169   7.630   2.868   1.00 30.32  ? 109 SER A N   1 
ATOM   830  C  CA  . SER A 1 109 ? 3.850   7.251   3.323   1.00 27.98  ? 109 SER A CA  1 
ATOM   831  C  C   . SER A 1 109 ? 3.029   6.971   2.088   1.00 30.33  ? 109 SER A C   1 
ATOM   832  O  O   . SER A 1 109 ? 3.378   7.422   0.998   1.00 29.59  ? 109 SER A O   1 
ATOM   833  C  CB  . SER A 1 109 ? 3.212   8.403   4.100   1.00 24.38  ? 109 SER A CB  1 
ATOM   834  O  OG  . SER A 1 109 ? 2.732   9.409   3.218   1.00 22.41  ? 109 SER A OG  1 
ATOM   835  N  N   . ASP A 1 110 ? 1.921   6.254   2.273   1.00 36.57  ? 110 ASP A N   1 
ATOM   836  C  CA  . ASP A 1 110 ? 0.997   5.924   1.184   1.00 39.46  ? 110 ASP A CA  1 
ATOM   837  C  C   . ASP A 1 110 ? 0.382   7.204   0.658   1.00 38.56  ? 110 ASP A C   1 
ATOM   838  O  O   . ASP A 1 110 ? 0.131   7.325   -0.539  1.00 40.46  ? 110 ASP A O   1 
ATOM   839  C  CB  . ASP A 1 110 ? -0.136  5.030   1.677   1.00 45.19  ? 110 ASP A CB  1 
ATOM   840  C  CG  . ASP A 1 110 ? 0.353   3.703   2.190   1.00 52.68  ? 110 ASP A CG  1 
ATOM   841  O  OD1 . ASP A 1 110 ? 1.226   3.681   3.084   1.00 58.42  ? 110 ASP A OD1 1 
ATOM   842  O  OD2 . ASP A 1 110 ? -0.144  2.673   1.702   1.00 60.35  ? 110 ASP A OD2 1 
ATOM   843  N  N   . GLU A 1 111 ? 0.153   8.160   1.553   1.00 34.22  ? 111 GLU A N   1 
ATOM   844  C  CA  . GLU A 1 111 ? -0.424  9.437   1.167   1.00 37.46  ? 111 GLU A CA  1 
ATOM   845  C  C   . GLU A 1 111 ? 0.492   10.137  0.153   1.00 39.19  ? 111 GLU A C   1 
ATOM   846  O  O   . GLU A 1 111 ? 0.005   10.721  -0.811  1.00 44.27  ? 111 GLU A O   1 
ATOM   847  C  CB  . GLU A 1 111 ? -0.658  10.314  2.395   1.00 42.77  ? 111 GLU A CB  1 
ATOM   848  C  CG  . GLU A 1 111 ? -1.667  9.741   3.393   1.00 51.99  ? 111 GLU A CG  1 
ATOM   849  C  CD  . GLU A 1 111 ? -1.214  8.435   4.074   1.00 57.29  ? 111 GLU A CD  1 
ATOM   850  O  OE1 . GLU A 1 111 ? -0.307  8.505   4.925   1.00 60.57  ? 111 GLU A OE1 1 
ATOM   851  O  OE2 . GLU A 1 111 ? -1.779  7.346   3.786   1.00 59.25  ? 111 GLU A OE2 1 
ATOM   852  N  N   . VAL A 1 112 ? 1.813   10.057  0.339   1.00 35.84  ? 112 VAL A N   1 
ATOM   853  C  CA  . VAL A 1 112 ? 2.753   10.678  -0.596  1.00 29.24  ? 112 VAL A CA  1 
ATOM   854  C  C   . VAL A 1 112 ? 2.737   9.929   -1.922  1.00 27.73  ? 112 VAL A C   1 
ATOM   855  O  O   . VAL A 1 112 ? 2.835   10.534  -2.986  1.00 24.41  ? 112 VAL A O   1 
ATOM   856  C  CB  . VAL A 1 112 ? 4.174   10.711  -0.015  1.00 33.95  ? 112 VAL A CB  1 
ATOM   857  C  CG1 . VAL A 1 112 ? 5.216   10.916  -1.110  1.00 34.03  ? 112 VAL A CG1 1 
ATOM   858  C  CG2 . VAL A 1 112 ? 4.271   11.824  0.994   1.00 31.24  ? 112 VAL A CG2 1 
ATOM   859  N  N   . GLU A 1 113 ? 2.606   8.609   -1.853  1.00 27.25  ? 113 GLU A N   1 
ATOM   860  C  CA  . GLU A 1 113 ? 2.542   7.781   -3.054  1.00 29.25  ? 113 GLU A CA  1 
ATOM   861  C  C   . GLU A 1 113 ? 1.354   8.137   -3.934  1.00 32.10  ? 113 GLU A C   1 
ATOM   862  O  O   . GLU A 1 113 ? 1.494   8.171   -5.157  1.00 34.32  ? 113 GLU A O   1 
ATOM   863  C  CB  . GLU A 1 113 ? 2.392   6.313   -2.707  1.00 28.92  ? 113 GLU A CB  1 
ATOM   864  C  CG  . GLU A 1 113 ? 3.493   5.715   -1.922  1.00 26.52  ? 113 GLU A CG  1 
ATOM   865  C  CD  . GLU A 1 113 ? 3.445   4.223   -2.023  1.00 28.49  ? 113 GLU A CD  1 
ATOM   866  O  OE1 . GLU A 1 113 ? 3.863   3.719   -3.078  1.00 30.98  ? 113 GLU A OE1 1 
ATOM   867  O  OE2 . GLU A 1 113 ? 2.969   3.552   -1.080  1.00 29.33  ? 113 GLU A OE2 1 
ATOM   868  N  N   . ARG A 1 114 ? 0.170   8.309   -3.335  1.00 33.62  ? 114 ARG A N   1 
ATOM   869  C  CA  . ARG A 1 114 ? -1.030  8.658   -4.109  1.00 33.08  ? 114 ARG A CA  1 
ATOM   870  C  C   . ARG A 1 114 ? -0.820  9.969   -4.851  1.00 33.29  ? 114 ARG A C   1 
ATOM   871  O  O   . ARG A 1 114 ? -1.190  10.082  -6.015  1.00 37.12  ? 114 ARG A O   1 
ATOM   872  C  CB  . ARG A 1 114 ? -2.279  8.714   -3.232  1.00 33.52  ? 114 ARG A CB  1 
ATOM   873  C  CG  . ARG A 1 114 ? -2.655  7.359   -2.614  1.00 40.96  ? 114 ARG A CG  1 
ATOM   874  C  CD  . ARG A 1 114 ? -3.847  7.446   -1.640  1.00 47.92  ? 114 ARG A CD  1 
ATOM   875  N  NE  . ARG A 1 114 ? -3.744  6.492   -0.520  1.00 54.10  ? 114 ARG A NE  1 
ATOM   876  C  CZ  . ARG A 1 114 ? -3.822  6.833   0.772   1.00 56.51  ? 114 ARG A CZ  1 
ATOM   877  N  NH1 . ARG A 1 114 ? -4.014  8.102   1.131   1.00 55.39  ? 114 ARG A NH1 1 
ATOM   878  N  NH2 . ARG A 1 114 ? -3.652  5.915   1.717   1.00 58.07  ? 114 ARG A NH2 1 
ATOM   879  N  N   . ARG A 1 115 ? -0.132  10.918  -4.214  1.00 33.21  ? 115 ARG A N   1 
ATOM   880  C  CA  . ARG A 1 115 ? 0.177   12.219  -4.830  1.00 32.70  ? 115 ARG A CA  1 
ATOM   881  C  C   . ARG A 1 115 ? 1.189   12.123  -5.976  1.00 31.05  ? 115 ARG A C   1 
ATOM   882  O  O   . ARG A 1 115 ? 1.031   12.757  -7.019  1.00 32.89  ? 115 ARG A O   1 
ATOM   883  C  CB  . ARG A 1 115 ? 0.680   13.192  -3.771  1.00 32.76  ? 115 ARG A CB  1 
ATOM   884  C  CG  . ARG A 1 115 ? -0.405  13.610  -2.784  1.00 39.03  ? 115 ARG A CG  1 
ATOM   885  C  CD  . ARG A 1 115 ? -1.448  14.451  -3.494  1.00 40.48  ? 115 ARG A CD  1 
ATOM   886  N  NE  . ARG A 1 115 ? -0.769  15.502  -4.242  1.00 49.74  ? 115 ARG A NE  1 
ATOM   887  C  CZ  . ARG A 1 115 ? -1.251  16.098  -5.323  1.00 50.11  ? 115 ARG A CZ  1 
ATOM   888  N  NH1 . ARG A 1 115 ? -2.440  15.763  -5.789  1.00 58.35  ? 115 ARG A NH1 1 
ATOM   889  N  NH2 . ARG A 1 115 ? -0.503  16.964  -5.994  1.00 51.10  ? 115 ARG A NH2 1 
ATOM   890  N  N   . LEU A 1 116 ? 2.230   11.324  -5.786  1.00 32.75  ? 116 LEU A N   1 
ATOM   891  C  CA  . LEU A 1 116 ? 3.245   11.145  -6.818  1.00 32.49  ? 116 LEU A CA  1 
ATOM   892  C  C   . LEU A 1 116 ? 2.563   10.588  -8.048  1.00 31.66  ? 116 LEU A C   1 
ATOM   893  O  O   . LEU A 1 116 ? 2.818   11.017  -9.169  1.00 32.12  ? 116 LEU A O   1 
ATOM   894  C  CB  . LEU A 1 116 ? 4.344   10.183  -6.347  1.00 30.01  ? 116 LEU A CB  1 
ATOM   895  C  CG  . LEU A 1 116 ? 5.461   10.791  -5.502  1.00 28.11  ? 116 LEU A CG  1 
ATOM   896  C  CD1 . LEU A 1 116 ? 6.347   9.700   -4.978  1.00 26.09  ? 116 LEU A CD1 1 
ATOM   897  C  CD2 . LEU A 1 116 ? 6.252   11.774  -6.329  1.00 27.79  ? 116 LEU A CD2 1 
ATOM   898  N  N   . VAL A 1 117 ? 1.676   9.637   -7.825  1.00 32.76  ? 117 VAL A N   1 
ATOM   899  C  CA  . VAL A 1 117 ? 0.943   9.033   -8.913  1.00 34.86  ? 117 VAL A CA  1 
ATOM   900  C  C   . VAL A 1 117 ? 0.248   10.141  -9.707  1.00 37.14  ? 117 VAL A C   1 
ATOM   901  O  O   . VAL A 1 117 ? 0.084   10.030  -10.917 1.00 42.44  ? 117 VAL A O   1 
ATOM   902  C  CB  . VAL A 1 117 ? -0.050  7.989   -8.368  1.00 35.15  ? 117 VAL A CB  1 
ATOM   903  C  CG1 . VAL A 1 117 ? -1.121  7.728   -9.357  1.00 40.86  ? 117 VAL A CG1 1 
ATOM   904  C  CG2 . VAL A 1 117 ? 0.682   6.680   -8.047  1.00 34.40  ? 117 VAL A CG2 1 
ATOM   905  N  N   . LYS A 1 118 ? -0.093  11.238  -9.036  1.00 38.48  ? 118 LYS A N   1 
ATOM   906  C  CA  . LYS A 1 118 ? -0.739  12.366  -9.692  1.00 38.80  ? 118 LYS A CA  1 
ATOM   907  C  C   . LYS A 1 118 ? 0.213   13.313  -10.396 1.00 40.52  ? 118 LYS A C   1 
ATOM   908  O  O   . LYS A 1 118 ? -0.109  13.825  -11.458 1.00 45.61  ? 118 LYS A O   1 
ATOM   909  C  CB  . LYS A 1 118 ? -1.565  13.160  -8.690  1.00 42.89  ? 118 LYS A CB  1 
ATOM   910  C  CG  . LYS A 1 118 ? -2.911  12.545  -8.470  1.00 52.26  ? 118 LYS A CG  1 
ATOM   911  C  CD  . LYS A 1 118 ? -3.400  12.719  -7.054  1.00 59.68  ? 118 LYS A CD  1 
ATOM   912  C  CE  . LYS A 1 118 ? -4.560  11.758  -6.766  1.00 67.22  ? 118 LYS A CE  1 
ATOM   913  N  NZ  . LYS A 1 118 ? -4.203  10.298  -6.925  1.00 71.23  ? 118 LYS A NZ  1 
ATOM   914  N  N   . VAL A 1 119 ? 1.378   13.561  -9.808  1.00 39.99  ? 119 VAL A N   1 
ATOM   915  C  CA  . VAL A 1 119 ? 2.342   14.493  -10.395 1.00 37.08  ? 119 VAL A CA  1 
ATOM   916  C  C   . VAL A 1 119 ? 3.353   13.935  -11.434 1.00 39.34  ? 119 VAL A C   1 
ATOM   917  O  O   . VAL A 1 119 ? 3.931   14.714  -12.210 1.00 38.89  ? 119 VAL A O   1 
ATOM   918  C  CB  . VAL A 1 119 ? 3.093   15.299  -9.267  1.00 35.96  ? 119 VAL A CB  1 
ATOM   919  C  CG1 . VAL A 1 119 ? 2.094   15.920  -8.288  1.00 27.98  ? 119 VAL A CG1 1 
ATOM   920  C  CG2 . VAL A 1 119 ? 4.037   14.397  -8.498  1.00 38.07  ? 119 VAL A CG2 1 
ATOM   921  N  N   . LEU A 1 120 ? 3.590   12.616  -11.433 1.00 39.70  ? 120 LEU A N   1 
ATOM   922  C  CA  . LEU A 1 120 ? 4.534   11.978  -12.374 1.00 39.21  ? 120 LEU A CA  1 
ATOM   923  C  C   . LEU A 1 120 ? 3.833   11.630  -13.682 1.00 42.85  ? 120 LEU A C   1 
ATOM   924  O  O   . LEU A 1 120 ? 2.735   11.067  -13.674 1.00 44.40  ? 120 LEU A O   1 
ATOM   925  C  CB  . LEU A 1 120 ? 5.162   10.710  -11.773 1.00 32.25  ? 120 LEU A CB  1 
ATOM   926  C  CG  . LEU A 1 120 ? 6.125   10.899  -10.596 1.00 30.03  ? 120 LEU A CG  1 
ATOM   927  C  CD1 . LEU A 1 120 ? 6.524   9.570   -10.037 1.00 26.74  ? 120 LEU A CD1 1 
ATOM   928  C  CD2 . LEU A 1 120 ? 7.338   11.648  -11.028 1.00 26.42  ? 120 LEU A CD2 1 
ATOM   929  N  N   . LYS A 1 121 ? 4.483   11.938  -14.804 1.00 47.44  ? 121 LYS A N   1 
ATOM   930  C  CA  . LYS A 1 121 ? 3.914   11.693  -16.135 1.00 50.70  ? 121 LYS A CA  1 
ATOM   931  C  C   . LYS A 1 121 ? 3.689   10.224  -16.464 1.00 55.13  ? 121 LYS A C   1 
ATOM   932  O  O   . LYS A 1 121 ? 2.699   9.871   -17.117 1.00 58.80  ? 121 LYS A O   1 
ATOM   933  C  CB  . LYS A 1 121 ? 4.775   12.346  -17.216 1.00 48.74  ? 121 LYS A CB  1 
ATOM   934  N  N   . ASP A 1 122 ? 4.604   9.369   -16.014 1.00 57.80  ? 122 ASP A N   1 
ATOM   935  C  CA  . ASP A 1 122 ? 4.516   7.936   -16.282 1.00 56.06  ? 122 ASP A CA  1 
ATOM   936  C  C   . ASP A 1 122 ? 4.975   7.111   -15.082 1.00 51.50  ? 122 ASP A C   1 
ATOM   937  O  O   . ASP A 1 122 ? 6.138   7.151   -14.685 1.00 49.73  ? 122 ASP A O   1 
ATOM   938  C  CB  . ASP A 1 122 ? 5.354   7.577   -17.513 1.00 62.30  ? 122 ASP A CB  1 
ATOM   939  C  CG  . ASP A 1 122 ? 5.184   6.134   -17.928 1.00 68.81  ? 122 ASP A CG  1 
ATOM   940  O  OD1 . ASP A 1 122 ? 5.903   5.267   -17.363 1.00 71.96  ? 122 ASP A OD1 1 
ATOM   941  O  OD2 . ASP A 1 122 ? 4.321   5.880   -18.805 1.00 71.71  ? 122 ASP A OD2 1 
ATOM   942  N  N   . VAL A 1 123 ? 4.058   6.312   -14.561 1.00 44.61  ? 123 VAL A N   1 
ATOM   943  C  CA  . VAL A 1 123 ? 4.338   5.493   -13.410 1.00 39.97  ? 123 VAL A CA  1 
ATOM   944  C  C   . VAL A 1 123 ? 4.324   4.017   -13.752 1.00 38.88  ? 123 VAL A C   1 
ATOM   945  O  O   . VAL A 1 123 ? 4.248   3.171   -12.872 1.00 38.89  ? 123 VAL A O   1 
ATOM   946  C  CB  . VAL A 1 123 ? 3.292   5.763   -12.329 1.00 39.60  ? 123 VAL A CB  1 
ATOM   947  C  CG1 . VAL A 1 123 ? 3.342   7.224   -11.927 1.00 39.32  ? 123 VAL A CG1 1 
ATOM   948  C  CG2 . VAL A 1 123 ? 1.911   5.416   -12.846 1.00 39.50  ? 123 VAL A CG2 1 
ATOM   949  N  N   . SER A 1 124 ? 4.407   3.687   -15.026 1.00 37.61  ? 124 SER A N   1 
ATOM   950  C  CA  . SER A 1 124 ? 4.358   2.281   -15.379 1.00 39.43  ? 124 SER A CA  1 
ATOM   951  C  C   . SER A 1 124 ? 5.647   1.524   -15.079 1.00 38.22  ? 124 SER A C   1 
ATOM   952  O  O   . SER A 1 124 ? 5.603   0.354   -14.681 1.00 37.71  ? 124 SER A O   1 
ATOM   953  C  CB  . SER A 1 124 ? 3.983   2.123   -16.850 1.00 42.94  ? 124 SER A CB  1 
ATOM   954  O  OG  . SER A 1 124 ? 4.908   2.809   -17.678 1.00 50.96  ? 124 SER A OG  1 
ATOM   955  N  N   . ARG A 1 125 ? 6.790   2.187   -15.266 1.00 34.44  ? 125 ARG A N   1 
ATOM   956  C  CA  . ARG A 1 125 ? 8.081   1.550   -15.043 1.00 30.36  ? 125 ARG A CA  1 
ATOM   957  C  C   . ARG A 1 125 ? 9.007   2.486   -14.322 1.00 26.69  ? 125 ARG A C   1 
ATOM   958  O  O   . ARG A 1 125 ? 8.807   3.679   -14.349 1.00 26.64  ? 125 ARG A O   1 
ATOM   959  C  CB  . ARG A 1 125 ? 8.742   1.225   -16.372 1.00 35.18  ? 125 ARG A CB  1 
ATOM   960  C  CG  . ARG A 1 125 ? 7.921   0.385   -17.283 1.00 45.38  ? 125 ARG A CG  1 
ATOM   961  C  CD  . ARG A 1 125 ? 8.620   0.163   -18.604 1.00 57.24  ? 125 ARG A CD  1 
ATOM   962  N  NE  . ARG A 1 125 ? 7.894   -0.820  -19.396 1.00 71.66  ? 125 ARG A NE  1 
ATOM   963  C  CZ  . ARG A 1 125 ? 7.908   -2.133  -19.156 1.00 81.27  ? 125 ARG A CZ  1 
ATOM   964  N  NH1 . ARG A 1 125 ? 8.626   -2.639  -18.155 1.00 85.43  ? 125 ARG A NH1 1 
ATOM   965  N  NH2 . ARG A 1 125 ? 7.140   -2.940  -19.874 1.00 87.84  ? 125 ARG A NH2 1 
ATOM   966  N  N   . SER A 1 126 ? 10.037  1.933   -13.699 1.00 25.24  ? 126 SER A N   1 
ATOM   967  C  CA  . SER A 1 126 ? 11.033  2.728   -13.006 1.00 24.81  ? 126 SER A CA  1 
ATOM   968  C  C   . SER A 1 126 ? 12.036  3.138   -14.065 1.00 25.35  ? 126 SER A C   1 
ATOM   969  O  O   . SER A 1 126 ? 11.989  2.651   -15.189 1.00 24.99  ? 126 SER A O   1 
ATOM   970  C  CB  . SER A 1 126 ? 11.744  1.898   -11.945 1.00 25.90  ? 126 SER A CB  1 
ATOM   971  O  OG  . SER A 1 126 ? 12.546  0.893   -12.537 1.00 26.08  ? 126 SER A OG  1 
ATOM   972  N  N   . PRO A 1 127 ? 12.995  3.993   -13.710 1.00 27.22  ? 127 PRO A N   1 
ATOM   973  C  CA  . PRO A 1 127 ? 13.972  4.397   -14.727 1.00 29.14  ? 127 PRO A CA  1 
ATOM   974  C  C   . PRO A 1 127 ? 14.778  3.207   -15.263 1.00 29.01  ? 127 PRO A C   1 
ATOM   975  O  O   . PRO A 1 127 ? 15.259  3.223   -16.393 1.00 32.14  ? 127 PRO A O   1 
ATOM   976  C  CB  . PRO A 1 127 ? 14.861  5.393   -13.963 1.00 25.86  ? 127 PRO A CB  1 
ATOM   977  C  CG  . PRO A 1 127 ? 13.904  6.008   -12.974 1.00 28.45  ? 127 PRO A CG  1 
ATOM   978  C  CD  . PRO A 1 127 ? 13.180  4.768   -12.469 1.00 27.53  ? 127 PRO A CD  1 
ATOM   979  N  N   . PHE A 1 128 ? 14.860  2.146   -14.474 1.00 27.41  ? 128 PHE A N   1 
ATOM   980  C  CA  . PHE A 1 128 ? 15.632  0.988   -14.862 1.00 24.34  ? 128 PHE A CA  1 
ATOM   981  C  C   . PHE A 1 128 ? 14.849  -0.053  -15.652 1.00 25.30  ? 128 PHE A C   1 
ATOM   982  O  O   . PHE A 1 128 ? 15.352  -1.145  -15.920 1.00 22.74  ? 128 PHE A O   1 
ATOM   983  C  CB  . PHE A 1 128 ? 16.321  0.403   -13.627 1.00 26.59  ? 128 PHE A CB  1 
ATOM   984  C  CG  . PHE A 1 128 ? 17.107  1.422   -12.846 1.00 26.34  ? 128 PHE A CG  1 
ATOM   985  C  CD1 . PHE A 1 128 ? 18.364  1.827   -13.272 1.00 28.41  ? 128 PHE A CD1 1 
ATOM   986  C  CD2 . PHE A 1 128 ? 16.553  2.037   -11.736 1.00 22.28  ? 128 PHE A CD2 1 
ATOM   987  C  CE1 . PHE A 1 128 ? 19.053  2.838   -12.599 1.00 32.08  ? 128 PHE A CE1 1 
ATOM   988  C  CE2 . PHE A 1 128 ? 17.230  3.045   -11.063 1.00 24.04  ? 128 PHE A CE2 1 
ATOM   989  C  CZ  . PHE A 1 128 ? 18.482  3.452   -11.491 1.00 27.08  ? 128 PHE A CZ  1 
ATOM   990  N  N   . GLY A 1 129 ? 13.621  0.295   -16.034 1.00 25.60  ? 129 GLY A N   1 
ATOM   991  C  CA  . GLY A 1 129 ? 12.817  -0.600  -16.849 1.00 27.62  ? 129 GLY A CA  1 
ATOM   992  C  C   . GLY A 1 129 ? 12.033  -1.708  -16.185 1.00 29.07  ? 129 GLY A C   1 
ATOM   993  O  O   . GLY A 1 129 ? 11.586  -2.648  -16.841 1.00 33.89  ? 129 GLY A O   1 
ATOM   994  N  N   . ASN A 1 130 ? 11.835  -1.590  -14.883 1.00 30.08  ? 130 ASN A N   1 
ATOM   995  C  CA  . ASN A 1 130 ? 11.088  -2.585  -14.140 1.00 28.75  ? 130 ASN A CA  1 
ATOM   996  C  C   . ASN A 1 130 ? 9.732   -2.001  -13.905 1.00 28.42  ? 130 ASN A C   1 
ATOM   997  O  O   . ASN A 1 130 ? 9.598   -0.794  -13.730 1.00 28.98  ? 130 ASN A O   1 
ATOM   998  C  CB  . ASN A 1 130 ? 11.762  -2.858  -12.813 1.00 35.18  ? 130 ASN A CB  1 
ATOM   999  C  CG  . ASN A 1 130 ? 12.931  -3.812  -12.947 1.00 43.10  ? 130 ASN A CG  1 
ATOM   1000 O  OD1 . ASN A 1 130 ? 12.741  -4.984  -13.308 1.00 44.65  ? 130 ASN A OD1 1 
ATOM   1001 N  ND2 . ASN A 1 130 ? 14.147  -3.330  -12.651 1.00 37.32  ? 130 ASN A ND2 1 
ATOM   1002 N  N   . PRO A 1 131 ? 8.695   -2.833  -13.950 1.00 28.35  ? 131 PRO A N   1 
ATOM   1003 C  CA  . PRO A 1 131 ? 7.333   -2.349  -13.736 1.00 27.82  ? 131 PRO A CA  1 
ATOM   1004 C  C   . PRO A 1 131 ? 7.112   -1.979  -12.281 1.00 28.21  ? 131 PRO A C   1 
ATOM   1005 O  O   . PRO A 1 131 ? 7.774   -2.526  -11.398 1.00 29.72  ? 131 PRO A O   1 
ATOM   1006 C  CB  . PRO A 1 131 ? 6.485   -3.545  -14.166 1.00 29.13  ? 131 PRO A CB  1 
ATOM   1007 C  CG  . PRO A 1 131 ? 7.365   -4.715  -13.825 1.00 31.13  ? 131 PRO A CG  1 
ATOM   1008 C  CD  . PRO A 1 131 ? 8.707   -4.265  -14.294 1.00 28.48  ? 131 PRO A CD  1 
ATOM   1009 N  N   . ILE A 1 132 ? 6.245   -0.993  -12.044 1.00 27.07  ? 132 ILE A N   1 
ATOM   1010 C  CA  . ILE A 1 132 ? 5.922   -0.555  -10.688 1.00 23.43  ? 132 ILE A CA  1 
ATOM   1011 C  C   . ILE A 1 132 ? 4.729   -1.381  -10.229 1.00 26.60  ? 132 ILE A C   1 
ATOM   1012 O  O   . ILE A 1 132 ? 3.634   -1.262  -10.783 1.00 28.82  ? 132 ILE A O   1 
ATOM   1013 C  CB  . ILE A 1 132 ? 5.606   0.955   -10.631 1.00 19.00  ? 132 ILE A CB  1 
ATOM   1014 C  CG1 . ILE A 1 132 ? 6.842   1.738   -11.083 1.00 21.63  ? 132 ILE A CG1 1 
ATOM   1015 C  CG2 . ILE A 1 132 ? 5.215   1.359   -9.247  1.00 11.50  ? 132 ILE A CG2 1 
ATOM   1016 C  CD1 . ILE A 1 132 ? 6.759   3.236   -10.960 1.00 22.47  ? 132 ILE A CD1 1 
ATOM   1017 N  N   . PRO A 1 133 ? 4.954   -2.303  -9.273  1.00 25.66  ? 133 PRO A N   1 
ATOM   1018 C  CA  . PRO A 1 133 ? 3.912   -3.174  -8.735  1.00 23.65  ? 133 PRO A CA  1 
ATOM   1019 C  C   . PRO A 1 133 ? 2.929   -2.513  -7.745  1.00 27.35  ? 133 PRO A C   1 
ATOM   1020 O  O   . PRO A 1 133 ? 3.244   -1.511  -7.114  1.00 32.06  ? 133 PRO A O   1 
ATOM   1021 C  CB  . PRO A 1 133 ? 4.740   -4.265  -8.061  1.00 17.63  ? 133 PRO A CB  1 
ATOM   1022 C  CG  . PRO A 1 133 ? 5.876   -3.516  -7.531  1.00 19.95  ? 133 PRO A CG  1 
ATOM   1023 C  CD  . PRO A 1 133 ? 6.261   -2.651  -8.685  1.00 19.80  ? 133 PRO A CD  1 
ATOM   1024 N  N   . GLY A 1 134 ? 1.727   -3.070  -7.638  1.00 26.89  ? 134 GLY A N   1 
ATOM   1025 C  CA  . GLY A 1 134 ? 0.736   -2.579  -6.696  1.00 26.85  ? 134 GLY A CA  1 
ATOM   1026 C  C   . GLY A 1 134 ? 0.141   -1.200  -6.857  1.00 29.30  ? 134 GLY A C   1 
ATOM   1027 O  O   . GLY A 1 134 ? -0.311  -0.612  -5.883  1.00 30.45  ? 134 GLY A O   1 
ATOM   1028 N  N   . LEU A 1 135 ? 0.037   -0.709  -8.084  1.00 34.11  ? 135 LEU A N   1 
ATOM   1029 C  CA  . LEU A 1 135 ? -0.519  0.621   -8.310  1.00 38.02  ? 135 LEU A CA  1 
ATOM   1030 C  C   . LEU A 1 135 ? -2.006  0.698   -8.021  1.00 43.29  ? 135 LEU A C   1 
ATOM   1031 O  O   . LEU A 1 135 ? -2.536  1.771   -7.774  1.00 45.46  ? 135 LEU A O   1 
ATOM   1032 C  CB  . LEU A 1 135 ? -0.207  1.112   -9.732  1.00 35.09  ? 135 LEU A CB  1 
ATOM   1033 C  CG  . LEU A 1 135 ? 1.250   1.553   -9.962  1.00 33.70  ? 135 LEU A CG  1 
ATOM   1034 C  CD1 . LEU A 1 135 ? 1.474   1.868   -11.410 1.00 31.37  ? 135 LEU A CD1 1 
ATOM   1035 C  CD2 . LEU A 1 135 ? 1.610   2.759   -9.090  1.00 31.72  ? 135 LEU A CD2 1 
ATOM   1036 N  N   . ASP A 1 136 ? -2.654  -0.457  -7.965  1.00 51.37  ? 136 ASP A N   1 
ATOM   1037 C  CA  . ASP A 1 136 ? -4.080  -0.528  -7.703  1.00 57.45  ? 136 ASP A CA  1 
ATOM   1038 C  C   . ASP A 1 136 ? -4.415  0.062   -6.366  1.00 60.61  ? 136 ASP A C   1 
ATOM   1039 O  O   . ASP A 1 136 ? -5.370  0.817   -6.250  1.00 62.98  ? 136 ASP A O   1 
ATOM   1040 C  CB  . ASP A 1 136 ? -4.555  -1.964  -7.738  1.00 61.89  ? 136 ASP A CB  1 
ATOM   1041 C  CG  . ASP A 1 136 ? -4.154  -2.660  -8.995  1.00 70.25  ? 136 ASP A CG  1 
ATOM   1042 O  OD1 . ASP A 1 136 ? -4.916  -2.583  -9.987  1.00 75.03  ? 136 ASP A OD1 1 
ATOM   1043 O  OD2 . ASP A 1 136 ? -3.056  -3.261  -8.993  1.00 76.82  ? 136 ASP A OD2 1 
ATOM   1044 N  N   . GLU A 1 137 ? -3.595  -0.231  -5.366  1.00 64.96  ? 137 GLU A N   1 
ATOM   1045 C  CA  . GLU A 1 137 ? -3.827  0.284   -4.019  1.00 70.89  ? 137 GLU A CA  1 
ATOM   1046 C  C   . GLU A 1 137 ? -3.686  1.807   -3.967  1.00 71.09  ? 137 GLU A C   1 
ATOM   1047 O  O   . GLU A 1 137 ? -3.841  2.419   -2.912  1.00 72.53  ? 137 GLU A O   1 
ATOM   1048 C  CB  . GLU A 1 137 ? -2.882  -0.381  -3.015  1.00 75.55  ? 137 GLU A CB  1 
ATOM   1049 C  CG  . GLU A 1 137 ? -3.122  -1.878  -2.819  1.00 85.89  ? 137 GLU A CG  1 
ATOM   1050 C  CD  . GLU A 1 137 ? -2.952  -2.697  -4.098  1.00 94.24  ? 137 GLU A CD  1 
ATOM   1051 O  OE1 . GLU A 1 137 ? -1.809  -3.090  -4.422  1.00 99.99  ? 137 GLU A OE1 1 
ATOM   1052 O  OE2 . GLU A 1 137 ? -3.966  -2.956  -4.780  1.00 99.37  ? 137 GLU A OE2 1 
ATOM   1053 N  N   . LEU A 1 138 ? -3.414  2.415   -5.118  1.00 71.99  ? 138 LEU A N   1 
ATOM   1054 C  CA  . LEU A 1 138 ? -3.266  3.861   -5.215  1.00 73.44  ? 138 LEU A CA  1 
ATOM   1055 C  C   . LEU A 1 138 ? -4.184  4.482   -6.297  1.00 77.54  ? 138 LEU A C   1 
ATOM   1056 O  O   . LEU A 1 138 ? -3.994  5.638   -6.712  1.00 77.32  ? 138 LEU A O   1 
ATOM   1057 C  CB  . LEU A 1 138 ? -1.803  4.219   -5.479  1.00 65.05  ? 138 LEU A CB  1 
ATOM   1058 C  CG  . LEU A 1 138 ? -0.735  3.640   -4.554  1.00 56.38  ? 138 LEU A CG  1 
ATOM   1059 C  CD1 . LEU A 1 138 ? 0.575   4.253   -4.991  1.00 56.53  ? 138 LEU A CD1 1 
ATOM   1060 C  CD2 . LEU A 1 138 ? -1.003  3.936   -3.080  1.00 49.13  ? 138 LEU A CD2 1 
ATOM   1061 N  N   . GLY A 1 139 ? -5.173  3.704   -6.739  1.00 80.63  ? 139 GLY A N   1 
ATOM   1062 C  CA  . GLY A 1 139 ? -6.122  4.168   -7.739  1.00 84.43  ? 139 GLY A CA  1 
ATOM   1063 C  C   . GLY A 1 139 ? -5.618  4.300   -9.167  1.00 87.16  ? 139 GLY A C   1 
ATOM   1064 O  O   . GLY A 1 139 ? -5.891  5.307   -9.825  1.00 88.57  ? 139 GLY A O   1 
ATOM   1065 N  N   . VAL A 1 140 ? -4.887  3.295   -9.646  1.00 88.33  ? 140 VAL A N   1 
ATOM   1066 C  CA  . VAL A 1 140 ? -4.346  3.277   -11.010 1.00 89.39  ? 140 VAL A CA  1 
ATOM   1067 C  C   . VAL A 1 140 ? -4.343  1.801   -11.472 1.00 92.69  ? 140 VAL A C   1 
ATOM   1068 O  O   . VAL A 1 140 ? -4.310  1.541   -12.699 1.00 94.63  ? 140 VAL A O   1 
ATOM   1069 C  CB  . VAL A 1 140 ? -2.882  3.871   -11.081 1.00 86.60  ? 140 VAL A CB  1 
ATOM   1070 C  CG1 . VAL A 1 140 ? -2.533  4.322   -12.500 1.00 82.76  ? 140 VAL A CG1 1 
ATOM   1071 C  CG2 . VAL A 1 140 ? -2.723  5.035   -10.140 1.00 82.85  ? 140 VAL A CG2 1 
ATOM   1072 N  N   . PRO A 1 148 ? -12.353 -2.404  -1.714  1.00 92.68  ? 148 PRO A N   1 
ATOM   1073 C  CA  . PRO A 1 148 ? -11.913 -1.435  -2.755  1.00 93.20  ? 148 PRO A CA  1 
ATOM   1074 C  C   . PRO A 1 148 ? -11.976 -0.009  -2.208  1.00 94.33  ? 148 PRO A C   1 
ATOM   1075 O  O   . PRO A 1 148 ? -12.965 0.692   -2.414  1.00 94.25  ? 148 PRO A O   1 
ATOM   1076 C  CB  . PRO A 1 148 ? -12.790 -1.565  -3.993  1.00 92.23  ? 148 PRO A CB  1 
ATOM   1077 N  N   . GLY A 1 149 ? -10.924 0.397   -1.497  1.00 94.45  ? 149 GLY A N   1 
ATOM   1078 C  CA  . GLY A 1 149 ? -10.869 1.731   -0.914  1.00 91.23  ? 149 GLY A CA  1 
ATOM   1079 C  C   . GLY A 1 149 ? -10.743 1.699   0.601   1.00 89.04  ? 149 GLY A C   1 
ATOM   1080 O  O   . GLY A 1 149 ? -10.636 0.625   1.195   1.00 90.11  ? 149 GLY A O   1 
ATOM   1081 N  N   . THR A 1 150 ? -10.753 2.867   1.230   1.00 86.43  ? 150 THR A N   1 
ATOM   1082 C  CA  . THR A 1 150 ? -10.642 2.950   2.681   1.00 84.05  ? 150 THR A CA  1 
ATOM   1083 C  C   . THR A 1 150 ? -12.021 3.103   3.322   1.00 83.76  ? 150 THR A C   1 
ATOM   1084 O  O   . THR A 1 150 ? -12.822 3.928   2.881   1.00 83.79  ? 150 THR A O   1 
ATOM   1085 C  CB  . THR A 1 150 ? -9.748  4.142   3.091   1.00 82.91  ? 150 THR A CB  1 
ATOM   1086 O  OG1 . THR A 1 150 ? -8.457  3.982   2.492   1.00 82.99  ? 150 THR A OG1 1 
ATOM   1087 C  CG2 . THR A 1 150 ? -9.594  4.222   4.611   1.00 80.27  ? 150 THR A CG2 1 
ATOM   1088 N  N   . ARG A 1 151 ? -12.313 2.275   4.325   1.00 81.48  ? 151 ARG A N   1 
ATOM   1089 C  CA  . ARG A 1 151 ? -13.590 2.346   5.037   1.00 78.98  ? 151 ARG A CA  1 
ATOM   1090 C  C   . ARG A 1 151 ? -13.604 3.649   5.850   1.00 77.65  ? 151 ARG A C   1 
ATOM   1091 O  O   . ARG A 1 151 ? -12.574 4.042   6.410   1.00 77.89  ? 151 ARG A O   1 
ATOM   1092 C  CB  . ARG A 1 151 ? -13.757 1.127   5.955   1.00 78.11  ? 151 ARG A CB  1 
ATOM   1093 N  N   . VAL A 1 152 ? -14.757 4.311   5.925   1.00 75.90  ? 152 VAL A N   1 
ATOM   1094 C  CA  . VAL A 1 152 ? -14.866 5.580   6.650   1.00 73.82  ? 152 VAL A CA  1 
ATOM   1095 C  C   . VAL A 1 152 ? -14.458 5.469   8.109   1.00 74.79  ? 152 VAL A C   1 
ATOM   1096 O  O   . VAL A 1 152 ? -14.012 6.442   8.698   1.00 72.24  ? 152 VAL A O   1 
ATOM   1097 C  CB  . VAL A 1 152 ? -16.288 6.187   6.586   1.00 72.59  ? 152 VAL A CB  1 
ATOM   1098 C  CG1 . VAL A 1 152 ? -16.785 6.243   5.160   1.00 70.95  ? 152 VAL A CG1 1 
ATOM   1099 C  CG2 . VAL A 1 152 ? -17.236 5.411   7.455   1.00 71.98  ? 152 VAL A CG2 1 
ATOM   1100 N  N   . ILE A 1 153 ? -14.610 4.281   8.682   1.00 78.84  ? 153 ILE A N   1 
ATOM   1101 C  CA  . ILE A 1 153 ? -14.257 4.038   10.080  1.00 83.58  ? 153 ILE A CA  1 
ATOM   1102 C  C   . ILE A 1 153 ? -12.785 4.353   10.364  1.00 86.54  ? 153 ILE A C   1 
ATOM   1103 O  O   . ILE A 1 153 ? -12.451 4.922   11.403  1.00 86.96  ? 153 ILE A O   1 
ATOM   1104 C  CB  . ILE A 1 153 ? -14.584 2.568   10.493  1.00 84.05  ? 153 ILE A CB  1 
ATOM   1105 C  CG1 . ILE A 1 153 ? -14.360 2.364   11.991  1.00 83.20  ? 153 ILE A CG1 1 
ATOM   1106 C  CG2 . ILE A 1 153 ? -13.764 1.566   9.679   1.00 83.79  ? 153 ILE A CG2 1 
ATOM   1107 C  CD1 . ILE A 1 153 ? -15.370 3.075   12.851  1.00 85.39  ? 153 ILE A CD1 1 
ATOM   1108 N  N   . ASP A 1 154 ? -11.913 4.004   9.423   1.00 90.56  ? 154 ASP A N   1 
ATOM   1109 C  CA  . ASP A 1 154 ? -10.487 4.246   9.580   1.00 94.16  ? 154 ASP A CA  1 
ATOM   1110 C  C   . ASP A 1 154 ? -9.984  5.398   8.745   1.00 96.20  ? 154 ASP A C   1 
ATOM   1111 O  O   . ASP A 1 154 ? -8.789  5.687   8.724   1.00 99.25  ? 154 ASP A O   1 
ATOM   1112 C  CB  . ASP A 1 154 ? -9.691  2.979   9.312   1.00 95.58  ? 154 ASP A CB  1 
ATOM   1113 C  CG  . ASP A 1 154 ? -9.816  1.979   10.439  1.00 98.86  ? 154 ASP A CG  1 
ATOM   1114 O  OD1 . ASP A 1 154 ? -10.272 2.367   11.545  1.00 98.76  ? 154 ASP A OD1 1 
ATOM   1115 O  OD2 . ASP A 1 154 ? -9.453  0.806   10.219  1.00 99.98  ? 154 ASP A OD2 1 
ATOM   1116 N  N   . ALA A 1 155 ? -10.904 6.021   8.018   1.00 97.16  ? 155 ALA A N   1 
ATOM   1117 C  CA  . ALA A 1 155 ? -10.601 7.198   7.215   1.00 98.26  ? 155 ALA A CA  1 
ATOM   1118 C  C   . ALA A 1 155 ? -11.279 8.344   7.977   1.00 99.47  ? 155 ALA A C   1 
ATOM   1119 O  O   . ALA A 1 155 ? -11.252 9.502   7.550   1.00 100.00 ? 155 ALA A O   1 
ATOM   1120 C  CB  . ALA A 1 155 ? -11.192 7.058   5.819   1.00 97.13  ? 155 ALA A CB  1 
ATOM   1121 N  N   . ALA A 1 156 ? -11.837 7.986   9.137   1.00 99.98  ? 156 ALA A N   1 
ATOM   1122 C  CA  . ALA A 1 156 ? -12.571 8.865   10.052  1.00 99.99  ? 156 ALA A CA  1 
ATOM   1123 C  C   . ALA A 1 156 ? -11.819 10.052  10.658  1.00 100.00 ? 156 ALA A C   1 
ATOM   1124 O  O   . ALA A 1 156 ? -11.659 10.138  11.882  1.00 99.99  ? 156 ALA A O   1 
ATOM   1125 C  CB  . ALA A 1 156 ? -13.179 8.016   11.174  1.00 100.00 ? 156 ALA A CB  1 
ATOM   1126 N  N   . THR A 1 157 ? -11.400 10.992  9.820   1.00 99.99  ? 157 THR A N   1 
ATOM   1127 C  CA  . THR A 1 157 ? -10.681 12.160  10.309  1.00 99.99  ? 157 THR A CA  1 
ATOM   1128 C  C   . THR A 1 157 ? -11.639 13.066  11.075  1.00 100.00 ? 157 THR A C   1 
ATOM   1129 O  O   . THR A 1 157 ? -12.741 13.366  10.596  1.00 99.16  ? 157 THR A O   1 
ATOM   1130 C  CB  . THR A 1 157 ? -10.037 12.914  9.151   1.00 99.99  ? 157 THR A CB  1 
ATOM   1131 N  N   . SER A 1 158 ? -11.225 13.463  12.277  1.00 99.73  ? 158 SER A N   1 
ATOM   1132 C  CA  . SER A 1 158 ? -12.017 14.354  13.128  1.00 99.99  ? 158 SER A CA  1 
ATOM   1133 C  C   . SER A 1 158 ? -12.186 15.719  12.448  1.00 99.99  ? 158 SER A C   1 
ATOM   1134 O  O   . SER A 1 158 ? -13.022 16.537  12.848  1.00 99.85  ? 158 SER A O   1 
ATOM   1135 C  CB  . SER A 1 158 ? -11.350 14.517  14.494  1.00 99.99  ? 158 SER A CB  1 
ATOM   1136 N  N   . MET A 1 159 ? -11.341 15.970  11.450  1.00 99.98  ? 159 MET A N   1 
ATOM   1137 C  CA  . MET A 1 159 ? -11.380 17.200  10.669  1.00 100.00 ? 159 MET A CA  1 
ATOM   1138 C  C   . MET A 1 159 ? -12.009 16.827  9.319   1.00 99.66  ? 159 MET A C   1 
ATOM   1139 O  O   . MET A 1 159 ? -11.533 15.913  8.630   1.00 97.15  ? 159 MET A O   1 
ATOM   1140 C  CB  . MET A 1 159 ? -9.964  17.769  10.478  1.00 100.00 ? 159 MET A CB  1 
ATOM   1141 N  N   . PRO A 1 160 ? -13.109 17.507  8.951   1.00 99.97  ? 160 PRO A N   1 
ATOM   1142 C  CA  . PRO A 1 160 ? -13.837 17.276  7.700   1.00 100.00 ? 160 PRO A CA  1 
ATOM   1143 C  C   . PRO A 1 160 ? -12.922 17.173  6.487   1.00 99.99  ? 160 PRO A C   1 
ATOM   1144 O  O   . PRO A 1 160 ? -11.921 17.885  6.393   1.00 100.00 ? 160 PRO A O   1 
ATOM   1145 C  CB  . PRO A 1 160 ? -14.749 18.498  7.613   1.00 100.00 ? 160 PRO A CB  1 
ATOM   1146 C  CG  . PRO A 1 160 ? -15.062 18.775  9.047   1.00 99.65  ? 160 PRO A CG  1 
ATOM   1147 C  CD  . PRO A 1 160 ? -13.706 18.631  9.697   1.00 99.59  ? 160 PRO A CD  1 
ATOM   1148 N  N   . ARG A 1 161 ? -13.263 16.280  5.566   1.00 99.72  ? 161 ARG A N   1 
ATOM   1149 C  CA  . ARG A 1 161 ? -12.469 16.095  4.357   1.00 100.00 ? 161 ARG A CA  1 
ATOM   1150 C  C   . ARG A 1 161 ? -13.352 15.590  3.222   1.00 100.00 ? 161 ARG A C   1 
ATOM   1151 O  O   . ARG A 1 161 ? -14.126 14.645  3.398   1.00 99.98  ? 161 ARG A O   1 
ATOM   1152 C  CB  . ARG A 1 161 ? -11.312 15.116  4.619   1.00 100.00 ? 161 ARG A CB  1 
ATOM   1153 N  N   . LYS A 1 162 ? -13.261 16.254  2.074   1.00 99.82  ? 162 LYS A N   1 
ATOM   1154 C  CA  . LYS A 1 162 ? -14.046 15.873  0.906   1.00 98.78  ? 162 LYS A CA  1 
ATOM   1155 C  C   . LYS A 1 162 ? -13.444 14.621  0.283   1.00 97.69  ? 162 LYS A C   1 
ATOM   1156 O  O   . LYS A 1 162 ? -12.315 14.640  -0.210  1.00 99.96  ? 162 LYS A O   1 
ATOM   1157 C  CB  . LYS A 1 162 ? -14.087 17.014  -0.108  1.00 99.62  ? 162 LYS A CB  1 
ATOM   1158 N  N   . VAL A 1 163 ? -14.192 13.529  0.344   1.00 94.47  ? 163 VAL A N   1 
ATOM   1159 C  CA  . VAL A 1 163 ? -13.754 12.252  -0.194  1.00 91.21  ? 163 VAL A CA  1 
ATOM   1160 C  C   . VAL A 1 163 ? -14.728 11.832  -1.286  1.00 89.58  ? 163 VAL A C   1 
ATOM   1161 O  O   . VAL A 1 163 ? -15.593 12.612  -1.675  1.00 88.96  ? 163 VAL A O   1 
ATOM   1162 C  CB  . VAL A 1 163 ? -13.728 11.178  0.909   1.00 91.61  ? 163 VAL A CB  1 
ATOM   1163 C  CG1 . VAL A 1 163 ? -12.678 11.512  1.939   1.00 91.96  ? 163 VAL A CG1 1 
ATOM   1164 C  CG2 . VAL A 1 163 ? -15.088 11.089  1.585   1.00 95.04  ? 163 VAL A CG2 1 
ATOM   1165 N  N   . ARG A 1 164 ? -14.586 10.602  -1.773  1.00 88.19  ? 164 ARG A N   1 
ATOM   1166 C  CA  . ARG A 1 164 ? -15.461 10.067  -2.815  1.00 85.74  ? 164 ARG A CA  1 
ATOM   1167 C  C   . ARG A 1 164 ? -15.867 8.634   -2.482  1.00 83.89  ? 164 ARG A C   1 
ATOM   1168 O  O   . ARG A 1 164 ? -15.041 7.812   -2.086  1.00 85.28  ? 164 ARG A O   1 
ATOM   1169 C  CB  . ARG A 1 164 ? -14.771 10.118  -4.178  1.00 83.25  ? 164 ARG A CB  1 
ATOM   1170 N  N   . ILE A 1 165 ? -17.158 8.354   -2.579  1.00 81.04  ? 165 ILE A N   1 
ATOM   1171 C  CA  . ILE A 1 165 ? -17.650 7.021   -2.295  1.00 77.55  ? 165 ILE A CA  1 
ATOM   1172 C  C   . ILE A 1 165 ? -17.178 6.074   -3.388  1.00 77.52  ? 165 ILE A C   1 
ATOM   1173 O  O   . ILE A 1 165 ? -17.351 6.340   -4.583  1.00 76.08  ? 165 ILE A O   1 
ATOM   1174 C  CB  . ILE A 1 165 ? -19.195 6.983   -2.231  1.00 76.49  ? 165 ILE A CB  1 
ATOM   1175 C  CG1 . ILE A 1 165 ? -19.707 7.959   -1.168  1.00 77.08  ? 165 ILE A CG1 1 
ATOM   1176 C  CG2 . ILE A 1 165 ? -19.687 5.567   -1.958  1.00 72.99  ? 165 ILE A CG2 1 
ATOM   1177 C  CD1 . ILE A 1 165 ? -19.120 7.751   0.212   1.00 77.79  ? 165 ILE A CD1 1 
ATOM   1178 N  N   . VAL A 1 166 ? -16.523 5.000   -2.969  1.00 77.34  ? 166 VAL A N   1 
ATOM   1179 C  CA  . VAL A 1 166 ? -16.042 3.980   -3.890  1.00 75.81  ? 166 VAL A CA  1 
ATOM   1180 C  C   . VAL A 1 166 ? -17.064 2.845   -3.818  1.00 73.57  ? 166 VAL A C   1 
ATOM   1181 O  O   . VAL A 1 166 ? -17.407 2.227   -4.835  1.00 71.51  ? 166 VAL A O   1 
ATOM   1182 C  CB  . VAL A 1 166 ? -14.643 3.465   -3.484  1.00 77.42  ? 166 VAL A CB  1 
ATOM   1183 C  CG1 . VAL A 1 166 ? -14.096 2.525   -4.557  1.00 78.12  ? 166 VAL A CG1 1 
ATOM   1184 C  CG2 . VAL A 1 166 ? -13.698 4.638   -3.258  1.00 76.07  ? 166 VAL A CG2 1 
ATOM   1185 N  N   . GLN A 1 167 ? -17.566 2.599   -2.607  1.00 71.34  ? 167 GLN A N   1 
ATOM   1186 C  CA  . GLN A 1 167 ? -18.570 1.570   -2.384  1.00 68.90  ? 167 GLN A CA  1 
ATOM   1187 C  C   . GLN A 1 167 ? -19.340 1.730   -1.081  1.00 64.22  ? 167 GLN A C   1 
ATOM   1188 O  O   . GLN A 1 167 ? -18.824 2.253   -0.094  1.00 59.64  ? 167 GLN A O   1 
ATOM   1189 C  CB  . GLN A 1 167 ? -17.968 0.169   -2.497  1.00 70.92  ? 167 GLN A CB  1 
ATOM   1190 C  CG  . GLN A 1 167 ? -16.728 -0.057  -1.671  1.00 74.95  ? 167 GLN A CG  1 
ATOM   1191 C  CD  . GLN A 1 167 ? -16.033 -1.364  -2.011  1.00 78.04  ? 167 GLN A CD  1 
ATOM   1192 O  OE1 . GLN A 1 167 ? -14.983 -1.685  -1.448  1.00 80.19  ? 167 GLN A OE1 1 
ATOM   1193 N  NE2 . GLN A 1 167 ? -16.604 -2.122  -2.945  1.00 78.38  ? 167 GLN A NE2 1 
ATOM   1194 N  N   . ILE A 1 168 ? -20.607 1.327   -1.137  1.00 63.33  ? 168 ILE A N   1 
ATOM   1195 C  CA  . ILE A 1 168 ? -21.548 1.397   -0.019  1.00 62.73  ? 168 ILE A CA  1 
ATOM   1196 C  C   . ILE A 1 168 ? -21.694 0.016   0.634   1.00 62.60  ? 168 ILE A C   1 
ATOM   1197 O  O   . ILE A 1 168 ? -21.707 -0.113  1.862   1.00 61.88  ? 168 ILE A O   1 
ATOM   1198 C  CB  . ILE A 1 168 ? -22.968 1.865   -0.507  1.00 58.46  ? 168 ILE A CB  1 
ATOM   1199 C  CG1 . ILE A 1 168 ? -22.880 3.172   -1.306  1.00 54.56  ? 168 ILE A CG1 1 
ATOM   1200 C  CG2 . ILE A 1 168 ? -23.895 2.062   0.678   1.00 57.55  ? 168 ILE A CG2 1 
ATOM   1201 C  CD1 . ILE A 1 168 ? -22.539 4.388   -0.478  1.00 49.24  ? 168 ILE A CD1 1 
ATOM   1202 N  N   . ASN A 1 169 ? -21.817 -1.008  -0.207  1.00 62.79  ? 169 ASN A N   1 
ATOM   1203 C  CA  . ASN A 1 169 ? -21.978 -2.389  0.242   1.00 64.70  ? 169 ASN A CA  1 
ATOM   1204 C  C   . ASN A 1 169 ? -23.325 -2.636  0.911   1.00 63.77  ? 169 ASN A C   1 
ATOM   1205 O  O   . ASN A 1 169 ? -23.398 -3.244  1.976   1.00 64.40  ? 169 ASN A O   1 
ATOM   1206 C  CB  . ASN A 1 169 ? -20.835 -2.809  1.181   1.00 67.80  ? 169 ASN A CB  1 
ATOM   1207 C  CG  . ASN A 1 169 ? -19.502 -2.934  0.464   1.00 69.94  ? 169 ASN A CG  1 
ATOM   1208 O  OD1 . ASN A 1 169 ? -19.432 -3.470  -0.649  1.00 69.00  ? 169 ASN A OD1 1 
ATOM   1209 N  ND2 . ASN A 1 169 ? -18.434 -2.438  1.093   1.00 68.96  ? 169 ASN A ND2 1 
ATOM   1210 N  N   . GLU A 1 170 ? -24.400 -2.189  0.266   1.00 63.04  ? 170 GLU A N   1 
ATOM   1211 C  CA  . GLU A 1 170 ? -25.746 -2.383  0.802   1.00 60.31  ? 170 GLU A CA  1 
ATOM   1212 C  C   . GLU A 1 170 ? -26.008 -3.864  0.983   1.00 57.87  ? 170 GLU A C   1 
ATOM   1213 O  O   . GLU A 1 170 ? -26.762 -4.257  1.865   1.00 57.99  ? 170 GLU A O   1 
ATOM   1214 C  CB  . GLU A 1 170 ? -26.829 -1.847  -0.149  1.00 59.76  ? 170 GLU A CB  1 
ATOM   1215 C  CG  . GLU A 1 170 ? -26.720 -0.383  -0.520  1.00 63.87  ? 170 GLU A CG  1 
ATOM   1216 C  CD  . GLU A 1 170 ? -25.967 -0.150  -1.818  1.00 66.08  ? 170 GLU A CD  1 
ATOM   1217 O  OE1 . GLU A 1 170 ? -25.445 -1.126  -2.397  1.00 66.61  ? 170 GLU A OE1 1 
ATOM   1218 O  OE2 . GLU A 1 170 ? -25.905 1.016   -2.269  1.00 69.11  ? 170 GLU A OE2 1 
ATOM   1219 N  N   . ILE A 1 171 ? -25.386 -4.681  0.138   1.00 54.29  ? 171 ILE A N   1 
ATOM   1220 C  CA  . ILE A 1 171 ? -25.589 -6.118  0.185   1.00 52.15  ? 171 ILE A CA  1 
ATOM   1221 C  C   . ILE A 1 171 ? -25.091 -6.775  1.460   1.00 52.82  ? 171 ILE A C   1 
ATOM   1222 O  O   . ILE A 1 171 ? -25.471 -7.914  1.757   1.00 53.53  ? 171 ILE A O   1 
ATOM   1223 C  CB  . ILE A 1 171 ? -24.973 -6.816  -1.036  1.00 50.56  ? 171 ILE A CB  1 
ATOM   1224 C  CG1 . ILE A 1 171 ? -25.604 -8.201  -1.205  1.00 50.14  ? 171 ILE A CG1 1 
ATOM   1225 C  CG2 . ILE A 1 171 ? -23.457 -6.907  -0.888  1.00 47.10  ? 171 ILE A CG2 1 
ATOM   1226 C  CD1 . ILE A 1 171 ? -25.404 -8.798  -2.571  1.00 50.38  ? 171 ILE A CD1 1 
ATOM   1227 N  N   . PHE A 1 172 ? -24.245 -6.062  2.206   1.00 51.64  ? 172 PHE A N   1 
ATOM   1228 C  CA  . PHE A 1 172 ? -23.693 -6.562  3.466   1.00 50.63  ? 172 PHE A CA  1 
ATOM   1229 C  C   . PHE A 1 172 ? -24.371 -5.938  4.687   1.00 52.53  ? 172 PHE A C   1 
ATOM   1230 O  O   . PHE A 1 172 ? -23.969 -6.178  5.836   1.00 50.92  ? 172 PHE A O   1 
ATOM   1231 C  CB  . PHE A 1 172 ? -22.187 -6.317  3.496   1.00 47.66  ? 172 PHE A CB  1 
ATOM   1232 C  CG  . PHE A 1 172 ? -21.448 -7.115  2.480   1.00 45.40  ? 172 PHE A CG  1 
ATOM   1233 C  CD1 . PHE A 1 172 ? -21.637 -8.493  2.398   1.00 43.58  ? 172 PHE A CD1 1 
ATOM   1234 C  CD2 . PHE A 1 172 ? -20.600 -6.503  1.583   1.00 43.04  ? 172 PHE A CD2 1 
ATOM   1235 C  CE1 . PHE A 1 172 ? -20.994 -9.252  1.442   1.00 42.37  ? 172 PHE A CE1 1 
ATOM   1236 C  CE2 . PHE A 1 172 ? -19.952 -7.260  0.619   1.00 43.84  ? 172 PHE A CE2 1 
ATOM   1237 C  CZ  . PHE A 1 172 ? -20.152 -8.641  0.551   1.00 41.40  ? 172 PHE A CZ  1 
ATOM   1238 N  N   . GLN A 1 173 ? -25.438 -5.182  4.426   1.00 55.96  ? 173 GLN A N   1 
ATOM   1239 C  CA  . GLN A 1 173 ? -26.193 -4.504  5.470   1.00 56.67  ? 173 GLN A CA  1 
ATOM   1240 C  C   . GLN A 1 173 ? -27.375 -5.237  6.062   1.00 57.44  ? 173 GLN A C   1 
ATOM   1241 O  O   . GLN A 1 173 ? -28.268 -5.708  5.362   1.00 55.35  ? 173 GLN A O   1 
ATOM   1242 C  CB  . GLN A 1 173 ? -26.631 -3.121  5.008   1.00 55.45  ? 173 GLN A CB  1 
ATOM   1243 C  CG  . GLN A 1 173 ? -25.487 -2.153  4.991   1.00 56.53  ? 173 GLN A CG  1 
ATOM   1244 C  CD  . GLN A 1 173 ? -24.668 -2.244  6.258   1.00 55.19  ? 173 GLN A CD  1 
ATOM   1245 O  OE1 . GLN A 1 173 ? -25.208 -2.218  7.372   1.00 54.18  ? 173 GLN A OE1 1 
ATOM   1246 N  NE2 . GLN A 1 173 ? -23.362 -2.388  6.097   1.00 53.28  ? 173 GLN A NE2 1 
ATOM   1247 N  N   . VAL A 1 174 ? -27.326 -5.362  7.379   1.00 60.40  ? 174 VAL A N   1 
ATOM   1248 C  CA  . VAL A 1 174 ? -28.376 -6.003  8.136   1.00 63.02  ? 174 VAL A CA  1 
ATOM   1249 C  C   . VAL A 1 174 ? -29.319 -4.865  8.525   1.00 68.10  ? 174 VAL A C   1 
ATOM   1250 O  O   . VAL A 1 174 ? -30.537 -5.037  8.593   1.00 69.14  ? 174 VAL A O   1 
ATOM   1251 C  CB  . VAL A 1 174 ? -27.785 -6.692  9.374   1.00 60.08  ? 174 VAL A CB  1 
ATOM   1252 C  CG1 . VAL A 1 174 ? -28.875 -7.075  10.342  1.00 59.36  ? 174 VAL A CG1 1 
ATOM   1253 C  CG2 . VAL A 1 174 ? -27.011 -7.921  8.949   1.00 57.08  ? 174 VAL A CG2 1 
ATOM   1254 N  N   . GLU A 1 175 ? -28.740 -3.682  8.714   1.00 73.34  ? 175 GLU A N   1 
ATOM   1255 C  CA  . GLU A 1 175 ? -29.487 -2.484  9.084   1.00 76.11  ? 175 GLU A CA  1 
ATOM   1256 C  C   . GLU A 1 175 ? -29.877 -1.755  7.797   1.00 75.79  ? 175 GLU A C   1 
ATOM   1257 O  O   . GLU A 1 175 ? -29.005 -1.334  7.034   1.00 75.90  ? 175 GLU A O   1 
ATOM   1258 C  CB  . GLU A 1 175 ? -28.600 -1.581  9.947   1.00 79.62  ? 175 GLU A CB  1 
ATOM   1259 C  CG  . GLU A 1 175 ? -29.324 -0.912  11.104  1.00 84.61  ? 175 GLU A CG  1 
ATOM   1260 C  CD  . GLU A 1 175 ? -29.898 -1.906  12.101  1.00 86.04  ? 175 GLU A CD  1 
ATOM   1261 O  OE1 . GLU A 1 175 ? -29.312 -2.997  12.277  1.00 85.65  ? 175 GLU A OE1 1 
ATOM   1262 O  OE2 . GLU A 1 175 ? -30.943 -1.590  12.711  1.00 91.16  ? 175 GLU A OE2 1 
ATOM   1263 N  N   . THR A 1 176 ? -31.175 -1.591  7.555   1.00 74.97  ? 176 THR A N   1 
ATOM   1264 C  CA  . THR A 1 176 ? -31.619 -0.923  6.333   1.00 74.62  ? 176 THR A CA  1 
ATOM   1265 C  C   . THR A 1 176 ? -32.311 0.419   6.528   1.00 74.13  ? 176 THR A C   1 
ATOM   1266 O  O   . THR A 1 176 ? -32.899 0.956   5.585   1.00 74.48  ? 176 THR A O   1 
ATOM   1267 C  CB  . THR A 1 176 ? -32.529 -1.833  5.498   1.00 73.87  ? 176 THR A CB  1 
ATOM   1268 O  OG1 . THR A 1 176 ? -33.693 -2.181  6.254   1.00 72.77  ? 176 THR A OG1 1 
ATOM   1269 C  CG2 . THR A 1 176 ? -31.789 -3.099  5.098   1.00 75.66  ? 176 THR A CG2 1 
ATOM   1270 N  N   . ASP A 1 177 ? -32.187 0.984   7.727   1.00 75.03  ? 177 ASP A N   1 
ATOM   1271 C  CA  . ASP A 1 177 ? -32.806 2.271   8.055   1.00 75.00  ? 177 ASP A CA  1 
ATOM   1272 C  C   . ASP A 1 177 ? -32.179 3.444   7.295   1.00 72.00  ? 177 ASP A C   1 
ATOM   1273 O  O   . ASP A 1 177 ? -32.889 4.343   6.838   1.00 71.09  ? 177 ASP A O   1 
ATOM   1274 C  CB  . ASP A 1 177 ? -32.699 2.559   9.564   1.00 80.77  ? 177 ASP A CB  1 
ATOM   1275 C  CG  . ASP A 1 177 ? -33.230 1.424   10.426  1.00 85.40  ? 177 ASP A CG  1 
ATOM   1276 O  OD1 . ASP A 1 177 ? -34.461 1.196   10.422  1.00 88.25  ? 177 ASP A OD1 1 
ATOM   1277 O  OD2 . ASP A 1 177 ? -32.413 0.773   11.120  1.00 86.11  ? 177 ASP A OD2 1 
ATOM   1278 N  N   . GLN A 1 178 ? -30.854 3.420   7.145   1.00 67.07  ? 178 GLN A N   1 
ATOM   1279 C  CA  . GLN A 1 178 ? -30.139 4.500   6.479   1.00 62.69  ? 178 GLN A CA  1 
ATOM   1280 C  C   . GLN A 1 178 ? -29.998 4.470   4.970   1.00 59.16  ? 178 GLN A C   1 
ATOM   1281 O  O   . GLN A 1 178 ? -29.329 5.334   4.404   1.00 57.93  ? 178 GLN A O   1 
ATOM   1282 C  CB  . GLN A 1 178 ? -28.781 4.713   7.131   1.00 64.93  ? 178 GLN A CB  1 
ATOM   1283 C  CG  . GLN A 1 178 ? -28.905 5.259   8.542   1.00 71.04  ? 178 GLN A CG  1 
ATOM   1284 C  CD  . GLN A 1 178 ? -27.577 5.365   9.246   1.00 72.58  ? 178 GLN A CD  1 
ATOM   1285 O  OE1 . GLN A 1 178 ? -26.722 4.494   9.100   1.00 78.46  ? 178 GLN A OE1 1 
ATOM   1286 N  NE2 . GLN A 1 178 ? -27.398 6.422   10.026  1.00 69.87  ? 178 GLN A NE2 1 
ATOM   1287 N  N   . PHE A 1 179 ? -30.641 3.506   4.315   1.00 56.72  ? 179 PHE A N   1 
ATOM   1288 C  CA  . PHE A 1 179 ? -30.602 3.404   2.859   1.00 54.38  ? 179 PHE A CA  1 
ATOM   1289 C  C   . PHE A 1 179 ? -31.284 4.615   2.233   1.00 54.65  ? 179 PHE A C   1 
ATOM   1290 O  O   . PHE A 1 179 ? -30.698 5.305   1.399   1.00 53.51  ? 179 PHE A O   1 
ATOM   1291 C  CB  . PHE A 1 179 ? -31.312 2.140   2.374   1.00 56.12  ? 179 PHE A CB  1 
ATOM   1292 C  CG  . PHE A 1 179 ? -30.477 0.898   2.443   1.00 55.57  ? 179 PHE A CG  1 
ATOM   1293 C  CD1 . PHE A 1 179 ? -29.129 0.957   2.793   1.00 56.40  ? 179 PHE A CD1 1 
ATOM   1294 C  CD2 . PHE A 1 179 ? -31.045 -0.342  2.158   1.00 56.27  ? 179 PHE A CD2 1 
ATOM   1295 C  CE1 . PHE A 1 179 ? -28.362 -0.204  2.858   1.00 57.63  ? 179 PHE A CE1 1 
ATOM   1296 C  CE2 . PHE A 1 179 ? -30.287 -1.513  2.219   1.00 56.24  ? 179 PHE A CE2 1 
ATOM   1297 C  CZ  . PHE A 1 179 ? -28.946 -1.444  2.570   1.00 57.70  ? 179 PHE A CZ  1 
ATOM   1298 N  N   . THR A 1 180 ? -32.524 4.875   2.632   1.00 56.87  ? 180 THR A N   1 
ATOM   1299 C  CA  . THR A 1 180 ? -33.263 6.013   2.087   1.00 58.71  ? 180 THR A CA  1 
ATOM   1300 C  C   . THR A 1 180 ? -32.563 7.328   2.436   1.00 58.01  ? 180 THR A C   1 
ATOM   1301 O  O   . THR A 1 180 ? -32.516 8.236   1.613   1.00 58.39  ? 180 THR A O   1 
ATOM   1302 C  CB  . THR A 1 180 ? -34.766 6.005   2.530   1.00 57.76  ? 180 THR A CB  1 
ATOM   1303 O  OG1 . THR A 1 180 ? -35.424 4.868   1.953   1.00 53.61  ? 180 THR A OG1 1 
ATOM   1304 C  CG2 . THR A 1 180 ? -35.488 7.254   2.061   1.00 55.19  ? 180 THR A CG2 1 
ATOM   1305 N  N   . GLN A 1 181 ? -31.967 7.401   3.624   1.00 58.32  ? 181 GLN A N   1 
ATOM   1306 C  CA  . GLN A 1 181 ? -31.248 8.600   4.043   1.00 58.77  ? 181 GLN A CA  1 
ATOM   1307 C  C   . GLN A 1 181 ? -30.107 8.875   3.080   1.00 57.31  ? 181 GLN A C   1 
ATOM   1308 O  O   . GLN A 1 181 ? -29.903 10.017  2.675   1.00 59.03  ? 181 GLN A O   1 
ATOM   1309 C  CB  . GLN A 1 181 ? -30.696 8.452   5.455   1.00 60.55  ? 181 GLN A CB  1 
ATOM   1310 C  CG  . GLN A 1 181 ? -31.729 8.618   6.543   1.00 66.77  ? 181 GLN A CG  1 
ATOM   1311 C  CD  . GLN A 1 181 ? -31.117 8.545   7.933   1.00 71.74  ? 181 GLN A CD  1 
ATOM   1312 O  OE1 . GLN A 1 181 ? -31.435 7.646   8.710   1.00 73.90  ? 181 GLN A OE1 1 
ATOM   1313 N  NE2 . GLN A 1 181 ? -30.234 9.492   8.254   1.00 75.69  ? 181 GLN A NE2 1 
ATOM   1314 N  N   . LEU A 1 182 ? -29.359 7.835   2.724   1.00 54.63  ? 182 LEU A N   1 
ATOM   1315 C  CA  . LEU A 1 182 ? -28.255 7.982   1.778   1.00 55.03  ? 182 LEU A CA  1 
ATOM   1316 C  C   . LEU A 1 182 ? -28.828 8.521   0.474   1.00 53.44  ? 182 LEU A C   1 
ATOM   1317 O  O   . LEU A 1 182 ? -28.312 9.481   -0.092  1.00 54.14  ? 182 LEU A O   1 
ATOM   1318 C  CB  . LEU A 1 182 ? -27.571 6.630   1.509   1.00 57.85  ? 182 LEU A CB  1 
ATOM   1319 C  CG  . LEU A 1 182 ? -26.808 5.941   2.649   1.00 58.60  ? 182 LEU A CG  1 
ATOM   1320 C  CD1 . LEU A 1 182 ? -26.435 4.524   2.252   1.00 55.97  ? 182 LEU A CD1 1 
ATOM   1321 C  CD2 . LEU A 1 182 ? -25.570 6.747   3.006   1.00 60.49  ? 182 LEU A CD2 1 
ATOM   1322 N  N   . LEU A 1 183 ? -29.920 7.911   0.026   1.00 52.94  ? 183 LEU A N   1 
ATOM   1323 C  CA  . LEU A 1 183 ? -30.592 8.306   -1.206  1.00 53.98  ? 183 LEU A CA  1 
ATOM   1324 C  C   . LEU A 1 183 ? -31.050 9.767   -1.176  1.00 57.06  ? 183 LEU A C   1 
ATOM   1325 O  O   . LEU A 1 183 ? -30.856 10.517  -2.141  1.00 55.55  ? 183 LEU A O   1 
ATOM   1326 C  CB  . LEU A 1 183 ? -31.785 7.377   -1.468  1.00 50.59  ? 183 LEU A CB  1 
ATOM   1327 C  CG  . LEU A 1 183 ? -31.455 5.962   -1.960  1.00 47.07  ? 183 LEU A CG  1 
ATOM   1328 C  CD1 . LEU A 1 183 ? -32.664 5.078   -1.883  1.00 49.50  ? 183 LEU A CD1 1 
ATOM   1329 C  CD2 . LEU A 1 183 ? -30.956 5.996   -3.382  1.00 43.15  ? 183 LEU A CD2 1 
ATOM   1330 N  N   . ASP A 1 184 ? -31.627 10.177  -0.052  1.00 61.54  ? 184 ASP A N   1 
ATOM   1331 C  CA  . ASP A 1 184 ? -32.119 11.542  0.111   1.00 66.92  ? 184 ASP A CA  1 
ATOM   1332 C  C   . ASP A 1 184 ? -30.998 12.559  0.078   1.00 70.49  ? 184 ASP A C   1 
ATOM   1333 O  O   . ASP A 1 184 ? -31.166 13.652  -0.460  1.00 74.71  ? 184 ASP A O   1 
ATOM   1334 C  CB  . ASP A 1 184 ? -32.888 11.693  1.423   1.00 65.99  ? 184 ASP A CB  1 
ATOM   1335 C  CG  . ASP A 1 184 ? -34.104 10.809  1.487   1.00 67.10  ? 184 ASP A CG  1 
ATOM   1336 O  OD1 . ASP A 1 184 ? -34.687 10.517  0.416   1.00 64.78  ? 184 ASP A OD1 1 
ATOM   1337 O  OD2 . ASP A 1 184 ? -34.468 10.404  2.614   1.00 70.84  ? 184 ASP A OD2 1 
ATOM   1338 N  N   . ALA A 1 185 ? -29.856 12.201  0.656   1.00 72.28  ? 185 ALA A N   1 
ATOM   1339 C  CA  . ALA A 1 185 ? -28.707 13.094  0.691   1.00 72.68  ? 185 ALA A CA  1 
ATOM   1340 C  C   . ALA A 1 185 ? -27.884 13.004  -0.593  1.00 73.48  ? 185 ALA A C   1 
ATOM   1341 O  O   . ALA A 1 185 ? -26.769 13.517  -0.656  1.00 72.08  ? 185 ALA A O   1 
ATOM   1342 C  CB  . ALA A 1 185 ? -27.849 12.777  1.895   1.00 72.37  ? 185 ALA A CB  1 
ATOM   1343 N  N   . ASP A 1 186 ? -28.452 12.365  -1.616  1.00 76.77  ? 186 ASP A N   1 
ATOM   1344 C  CA  . ASP A 1 186 ? -27.800 12.187  -2.912  1.00 80.55  ? 186 ASP A CA  1 
ATOM   1345 C  C   . ASP A 1 186 ? -26.427 11.562  -2.725  1.00 80.81  ? 186 ASP A C   1 
ATOM   1346 O  O   . ASP A 1 186 ? -25.459 11.974  -3.370  1.00 83.00  ? 186 ASP A O   1 
ATOM   1347 C  CB  . ASP A 1 186 ? -27.649 13.525  -3.657  1.00 88.27  ? 186 ASP A CB  1 
ATOM   1348 C  CG  . ASP A 1 186 ? -28.986 14.180  -3.996  1.00 94.10  ? 186 ASP A CG  1 
ATOM   1349 O  OD1 . ASP A 1 186 ? -29.957 13.455  -4.311  1.00 97.10  ? 186 ASP A OD1 1 
ATOM   1350 O  OD2 . ASP A 1 186 ? -29.055 15.433  -3.966  1.00 96.75  ? 186 ASP A OD2 1 
ATOM   1351 N  N   . ILE A 1 187 ? -26.337 10.614  -1.798  1.00 78.42  ? 187 ILE A N   1 
ATOM   1352 C  CA  . ILE A 1 187 ? -25.084 9.925   -1.513  1.00 75.48  ? 187 ILE A CA  1 
ATOM   1353 C  C   . ILE A 1 187 ? -25.106 8.549   -2.176  1.00 76.48  ? 187 ILE A C   1 
ATOM   1354 O  O   . ILE A 1 187 ? -25.974 7.718   -1.891  1.00 76.93  ? 187 ILE A O   1 
ATOM   1355 C  CB  . ILE A 1 187 ? -24.865 9.777   -0.003  1.00 72.58  ? 187 ILE A CB  1 
ATOM   1356 C  CG1 . ILE A 1 187 ? -24.847 11.150  0.647   1.00 69.85  ? 187 ILE A CG1 1 
ATOM   1357 C  CG2 . ILE A 1 187 ? -23.557 9.061   0.281   1.00 70.90  ? 187 ILE A CG2 1 
ATOM   1358 C  CD1 . ILE A 1 187 ? -24.754 11.094  2.142   1.00 73.18  ? 187 ILE A CD1 1 
ATOM   1359 N  N   . ARG A 1 188 ? -24.140 8.316   -3.058  1.00 76.87  ? 188 ARG A N   1 
ATOM   1360 C  CA  . ARG A 1 188 ? -24.037 7.059   -3.787  1.00 77.05  ? 188 ARG A CA  1 
ATOM   1361 C  C   . ARG A 1 188 ? -22.584 6.801   -4.178  1.00 77.28  ? 188 ARG A C   1 
ATOM   1362 O  O   . ARG A 1 188 ? -21.682 7.526   -3.763  1.00 74.45  ? 188 ARG A O   1 
ATOM   1363 C  CB  . ARG A 1 188 ? -24.928 7.104   -5.029  1.00 74.34  ? 188 ARG A CB  1 
ATOM   1364 N  N   . VAL A 1 189 ? -22.359 5.750   -4.957  1.00 79.65  ? 189 VAL A N   1 
ATOM   1365 C  CA  . VAL A 1 189 ? -21.014 5.407   -5.399  1.00 83.56  ? 189 VAL A CA  1 
ATOM   1366 C  C   . VAL A 1 189 ? -20.544 6.420   -6.449  1.00 86.41  ? 189 VAL A C   1 
ATOM   1367 O  O   . VAL A 1 189 ? -21.208 6.634   -7.468  1.00 86.52  ? 189 VAL A O   1 
ATOM   1368 C  CB  . VAL A 1 189 ? -20.962 3.964   -5.959  1.00 83.08  ? 189 VAL A CB  1 
ATOM   1369 C  CG1 . VAL A 1 189 ? -19.567 3.627   -6.448  1.00 83.26  ? 189 VAL A CG1 1 
ATOM   1370 C  CG2 . VAL A 1 189 ? -21.378 2.980   -4.883  1.00 83.64  ? 189 VAL A CG2 1 
ATOM   1371 N  N   . GLY A 1 190 ? -19.403 7.049   -6.181  1.00 88.39  ? 190 GLY A N   1 
ATOM   1372 C  CA  . GLY A 1 190 ? -18.860 8.047   -7.084  1.00 89.61  ? 190 GLY A CA  1 
ATOM   1373 C  C   . GLY A 1 190 ? -19.272 9.440   -6.643  1.00 90.69  ? 190 GLY A C   1 
ATOM   1374 O  O   . GLY A 1 190 ? -18.993 10.435  -7.315  1.00 90.65  ? 190 GLY A O   1 
ATOM   1375 N  N   . SER A 1 191 ? -19.910 9.515   -5.482  1.00 90.97  ? 191 SER A N   1 
ATOM   1376 C  CA  . SER A 1 191 ? -20.372 10.779  -4.948  1.00 91.33  ? 191 SER A CA  1 
ATOM   1377 C  C   . SER A 1 191 ? -19.388 11.346  -3.949  1.00 92.32  ? 191 SER A C   1 
ATOM   1378 O  O   . SER A 1 191 ? -19.069 10.703  -2.947  1.00 92.98  ? 191 SER A O   1 
ATOM   1379 C  CB  . SER A 1 191 ? -21.724 10.588  -4.269  1.00 90.90  ? 191 SER A CB  1 
ATOM   1380 O  OG  . SER A 1 191 ? -22.632 9.935   -5.136  1.00 92.67  ? 191 SER A OG  1 
ATOM   1381 N  N   . GLU A 1 192 ? -18.904 12.551  -4.223  1.00 94.02  ? 192 GLU A N   1 
ATOM   1382 C  CA  . GLU A 1 192 ? -17.969 13.212  -3.322  1.00 95.89  ? 192 GLU A CA  1 
ATOM   1383 C  C   . GLU A 1 192 ? -18.710 13.731  -2.086  1.00 94.97  ? 192 GLU A C   1 
ATOM   1384 O  O   . GLU A 1 192 ? -19.663 14.508  -2.192  1.00 95.99  ? 192 GLU A O   1 
ATOM   1385 C  CB  . GLU A 1 192 ? -17.225 14.347  -4.040  1.00 98.13  ? 192 GLU A CB  1 
ATOM   1386 C  CG  . GLU A 1 192 ? -16.222 13.872  -5.097  1.00 99.14  ? 192 GLU A CG  1 
ATOM   1387 C  CD  . GLU A 1 192 ? -16.550 14.363  -6.504  1.00 99.99  ? 192 GLU A CD  1 
ATOM   1388 O  OE1 . GLU A 1 192 ? -16.668 15.595  -6.697  1.00 100.00 ? 192 GLU A OE1 1 
ATOM   1389 O  OE2 . GLU A 1 192 ? -16.684 13.519  -7.419  1.00 99.99  ? 192 GLU A OE2 1 
ATOM   1390 N  N   . VAL A 1 193 ? -18.316 13.236  -0.922  1.00 93.66  ? 193 VAL A N   1 
ATOM   1391 C  CA  . VAL A 1 193 ? -18.936 13.626  0.332   1.00 92.14  ? 193 VAL A CA  1 
ATOM   1392 C  C   . VAL A 1 193 ? -17.873 14.293  1.192   1.00 90.92  ? 193 VAL A C   1 
ATOM   1393 O  O   . VAL A 1 193 ? -16.830 14.692  0.683   1.00 90.93  ? 193 VAL A O   1 
ATOM   1394 C  CB  . VAL A 1 193 ? -19.501 12.395  1.034   1.00 92.43  ? 193 VAL A CB  1 
ATOM   1395 N  N   . GLU A 1 194 ? -18.136 14.416  2.489   1.00 90.60  ? 194 GLU A N   1 
ATOM   1396 C  CA  . GLU A 1 194 ? -17.186 15.022  3.419   1.00 91.59  ? 194 GLU A CA  1 
ATOM   1397 C  C   . GLU A 1 194 ? -17.318 14.321  4.756   1.00 92.24  ? 194 GLU A C   1 
ATOM   1398 O  O   . GLU A 1 194 ? -18.400 14.296  5.340   1.00 92.62  ? 194 GLU A O   1 
ATOM   1399 C  CB  . GLU A 1 194 ? -17.457 16.506  3.580   1.00 94.29  ? 194 GLU A CB  1 
ATOM   1400 N  N   . ILE A 1 195 ? -16.210 13.774  5.245   1.00 92.77  ? 195 ILE A N   1 
ATOM   1401 C  CA  . ILE A 1 195 ? -16.207 13.036  6.503   1.00 91.70  ? 195 ILE A CA  1 
ATOM   1402 C  C   . ILE A 1 195 ? -15.560 13.776  7.667   1.00 90.96  ? 195 ILE A C   1 
ATOM   1403 O  O   . ILE A 1 195 ? -14.542 14.446  7.507   1.00 92.18  ? 195 ILE A O   1 
ATOM   1404 C  CB  . ILE A 1 195 ? -15.528 11.680  6.302   1.00 92.71  ? 195 ILE A CB  1 
ATOM   1405 N  N   . VAL A 1 196 ? -16.162 13.630  8.838   1.00 88.78  ? 196 VAL A N   1 
ATOM   1406 C  CA  . VAL A 1 196 ? -15.671 14.240  10.057  1.00 87.86  ? 196 VAL A CA  1 
ATOM   1407 C  C   . VAL A 1 196 ? -16.200 13.344  11.150  1.00 89.06  ? 196 VAL A C   1 
ATOM   1408 O  O   . VAL A 1 196 ? -17.399 13.340  11.421  1.00 89.31  ? 196 VAL A O   1 
ATOM   1409 C  CB  . VAL A 1 196 ? -16.229 15.633  10.212  1.00 85.99  ? 196 VAL A CB  1 
ATOM   1410 N  N   . ASP A 1 197 ? -15.332 12.505  11.696  1.00 90.67  ? 197 ASP A N   1 
ATOM   1411 C  CA  . ASP A 1 197 ? -15.731 11.596  12.757  1.00 93.05  ? 197 ASP A CA  1 
ATOM   1412 C  C   . ASP A 1 197 ? -15.307 12.129  14.125  1.00 95.24  ? 197 ASP A C   1 
ATOM   1413 O  O   . ASP A 1 197 ? -14.187 11.795  14.569  1.00 98.46  ? 197 ASP A O   1 
ATOM   1414 C  CB  . ASP A 1 197 ? -15.144 10.224  12.516  1.00 91.21  ? 197 ASP A CB  1 
ATOM   1415 N  N   . HIS A 1 201 ? -22.344 7.872   15.170  1.00 96.96  ? 201 HIS A N   1 
ATOM   1416 C  CA  . HIS A 1 201 ? -20.987 8.400   15.492  1.00 96.75  ? 201 HIS A CA  1 
ATOM   1417 C  C   . HIS A 1 201 ? -20.435 9.240   14.357  1.00 95.95  ? 201 HIS A C   1 
ATOM   1418 O  O   . HIS A 1 201 ? -20.441 10.467  14.429  1.00 94.52  ? 201 HIS A O   1 
ATOM   1419 N  N   . ILE A 1 202 ? -19.978 8.567   13.302  1.00 95.43  ? 202 ILE A N   1 
ATOM   1420 C  CA  . ILE A 1 202 ? -19.424 9.224   12.119  1.00 92.60  ? 202 ILE A CA  1 
ATOM   1421 C  C   . ILE A 1 202 ? -20.501 9.971   11.333  1.00 90.93  ? 202 ILE A C   1 
ATOM   1422 O  O   . ILE A 1 202 ? -21.643 9.517   11.227  1.00 89.43  ? 202 ILE A O   1 
ATOM   1423 C  CB  . ILE A 1 202 ? -18.709 8.197   11.195  1.00 93.35  ? 202 ILE A CB  1 
ATOM   1424 C  CG1 . ILE A 1 202 ? -17.369 7.788   11.817  1.00 92.35  ? 202 ILE A CG1 1 
ATOM   1425 C  CG2 . ILE A 1 202 ? -18.533 8.748   9.776   1.00 93.26  ? 202 ILE A CG2 1 
ATOM   1426 C  CD1 . ILE A 1 202 ? -16.506 6.934   10.920  1.00 93.03  ? 202 ILE A CD1 1 
ATOM   1427 N  N   . THR A 1 203 ? -20.121 11.115  10.784  1.00 88.64  ? 203 THR A N   1 
ATOM   1428 C  CA  . THR A 1 203 ? -21.035 11.938  10.023  1.00 87.68  ? 203 THR A CA  1 
ATOM   1429 C  C   . THR A 1 203 ? -20.428 12.240  8.660   1.00 89.19  ? 203 THR A C   1 
ATOM   1430 O  O   . THR A 1 203 ? -19.228 12.505  8.557   1.00 90.19  ? 203 THR A O   1 
ATOM   1431 C  CB  . THR A 1 203 ? -21.269 13.271  10.755  1.00 86.38  ? 203 THR A CB  1 
ATOM   1432 O  OG1 . THR A 1 203 ? -21.459 13.019  12.152  1.00 85.23  ? 203 THR A OG1 1 
ATOM   1433 C  CG2 . THR A 1 203 ? -22.494 13.983  10.208  1.00 85.54  ? 203 THR A CG2 1 
ATOM   1434 N  N   . LEU A 1 204 ? -21.237 12.113  7.611   1.00 90.12  ? 204 LEU A N   1 
ATOM   1435 C  CA  . LEU A 1 204 ? -20.795 12.427  6.257   1.00 90.15  ? 204 LEU A CA  1 
ATOM   1436 C  C   . LEU A 1 204 ? -21.888 13.279  5.626   1.00 89.82  ? 204 LEU A C   1 
ATOM   1437 O  O   . LEU A 1 204 ? -23.072 12.928  5.656   1.00 89.09  ? 204 LEU A O   1 
ATOM   1438 C  CB  . LEU A 1 204 ? -20.494 11.171  5.431   1.00 91.47  ? 204 LEU A CB  1 
ATOM   1439 C  CG  . LEU A 1 204 ? -21.584 10.329  4.774   1.00 94.34  ? 204 LEU A CG  1 
ATOM   1440 C  CD1 . LEU A 1 204 ? -20.928 9.176   4.023   1.00 94.45  ? 204 LEU A CD1 1 
ATOM   1441 C  CD2 . LEU A 1 204 ? -22.550 9.800   5.813   1.00 96.79  ? 204 LEU A CD2 1 
ATOM   1442 N  N   . SER A 1 205 ? -21.484 14.441  5.135   1.00 90.23  ? 205 SER A N   1 
ATOM   1443 C  CA  . SER A 1 205 ? -22.408 15.394  4.545   1.00 89.67  ? 205 SER A CA  1 
ATOM   1444 C  C   . SER A 1 205 ? -22.379 15.437  3.023   1.00 89.85  ? 205 SER A C   1 
ATOM   1445 O  O   . SER A 1 205 ? -21.404 15.035  2.393   1.00 90.45  ? 205 SER A O   1 
ATOM   1446 C  CB  . SER A 1 205 ? -22.109 16.790  5.094   1.00 88.45  ? 205 SER A CB  1 
ATOM   1447 O  OG  . SER A 1 205 ? -21.842 16.747  6.488   1.00 88.20  ? 205 SER A OG  1 
ATOM   1448 N  N   . HIS A 1 206 ? -23.469 15.917  2.442   1.00 91.47  ? 206 HIS A N   1 
ATOM   1449 C  CA  . HIS A 1 206 ? -23.576 16.062  1.000   1.00 94.04  ? 206 HIS A CA  1 
ATOM   1450 C  C   . HIS A 1 206 ? -24.675 17.084  0.728   1.00 97.09  ? 206 HIS A C   1 
ATOM   1451 O  O   . HIS A 1 206 ? -25.871 16.793  0.869   1.00 95.83  ? 206 HIS A O   1 
ATOM   1452 C  CB  . HIS A 1 206 ? -23.878 14.728  0.321   1.00 93.93  ? 206 HIS A CB  1 
ATOM   1453 C  CG  . HIS A 1 206 ? -23.782 14.780  -1.171  1.00 93.65  ? 206 HIS A CG  1 
ATOM   1454 N  ND1 . HIS A 1 206 ? -22.578 14.763  -1.840  1.00 94.16  ? 206 HIS A ND1 1 
ATOM   1455 C  CD2 . HIS A 1 206 ? -24.739 14.866  -2.125  1.00 94.12  ? 206 HIS A CD2 1 
ATOM   1456 C  CE1 . HIS A 1 206 ? -22.796 14.834  -3.141  1.00 94.09  ? 206 HIS A CE1 1 
ATOM   1457 N  NE2 . HIS A 1 206 ? -24.100 14.897  -3.340  1.00 94.56  ? 206 HIS A NE2 1 
ATOM   1458 N  N   . ASN A 1 207 ? -24.236 18.298  0.389   1.00 99.46  ? 207 ASN A N   1 
ATOM   1459 C  CA  . ASN A 1 207 ? -25.112 19.442  0.113   1.00 99.99  ? 207 ASN A CA  1 
ATOM   1460 C  C   . ASN A 1 207 ? -25.787 19.951  1.400   1.00 99.97  ? 207 ASN A C   1 
ATOM   1461 O  O   . ASN A 1 207 ? -26.941 20.380  1.381   1.00 100.00 ? 207 ASN A O   1 
ATOM   1462 C  CB  . ASN A 1 207 ? -26.161 19.083  -0.954  1.00 100.00 ? 207 ASN A CB  1 
ATOM   1463 N  N   . GLY A 1 208 ? -25.038 19.943  2.504   1.00 99.97  ? 208 GLY A N   1 
ATOM   1464 C  CA  . GLY A 1 208 ? -25.584 20.384  3.779   1.00 99.75  ? 208 GLY A CA  1 
ATOM   1465 C  C   . GLY A 1 208 ? -26.429 19.306  4.448   1.00 99.55  ? 208 GLY A C   1 
ATOM   1466 O  O   . GLY A 1 208 ? -27.053 19.558  5.484   1.00 100.00 ? 208 GLY A O   1 
ATOM   1467 N  N   . LYS A 1 209 ? -26.453 18.111  3.850   1.00 97.74  ? 209 LYS A N   1 
ATOM   1468 C  CA  . LYS A 1 209 ? -27.210 16.972  4.370   1.00 93.86  ? 209 LYS A CA  1 
ATOM   1469 C  C   . LYS A 1 209 ? -26.264 16.083  5.162   1.00 91.14  ? 209 LYS A C   1 
ATOM   1470 O  O   . LYS A 1 209 ? -25.311 15.545  4.613   1.00 88.26  ? 209 LYS A O   1 
ATOM   1471 C  CB  . LYS A 1 209 ? -27.837 16.192  3.222   1.00 93.58  ? 209 LYS A CB  1 
ATOM   1472 N  N   . ASP A 1 210 ? -26.527 15.945  6.455   1.00 91.08  ? 210 ASP A N   1 
ATOM   1473 C  CA  . ASP A 1 210 ? -25.677 15.145  7.331   1.00 93.22  ? 210 ASP A CA  1 
ATOM   1474 C  C   . ASP A 1 210 ? -26.264 13.784  7.704   1.00 92.41  ? 210 ASP A C   1 
ATOM   1475 O  O   . ASP A 1 210 ? -27.324 13.710  8.333   1.00 92.84  ? 210 ASP A O   1 
ATOM   1476 C  CB  . ASP A 1 210 ? -25.381 15.917  8.625   1.00 97.76  ? 210 ASP A CB  1 
ATOM   1477 C  CG  . ASP A 1 210 ? -24.589 17.202  8.397   1.00 99.71  ? 210 ASP A CG  1 
ATOM   1478 O  OD1 . ASP A 1 210 ? -24.473 17.665  7.239   1.00 99.98  ? 210 ASP A OD1 1 
ATOM   1479 O  OD2 . ASP A 1 210 ? -24.086 17.754  9.401   1.00 100.00 ? 210 ASP A OD2 1 
ATOM   1480 N  N   . VAL A 1 211 ? -25.548 12.716  7.359   1.00 89.12  ? 211 VAL A N   1 
ATOM   1481 C  CA  . VAL A 1 211 ? -25.986 11.357  7.675   1.00 85.39  ? 211 VAL A CA  1 
ATOM   1482 C  C   . VAL A 1 211 ? -25.071 10.761  8.741   1.00 85.72  ? 211 VAL A C   1 
ATOM   1483 O  O   . VAL A 1 211 ? -23.956 10.332  8.430   1.00 86.45  ? 211 VAL A O   1 
ATOM   1484 C  CB  . VAL A 1 211 ? -25.929 10.447  6.435   1.00 82.18  ? 211 VAL A CB  1 
ATOM   1485 C  CG1 . VAL A 1 211 ? -26.526 9.085   6.750   1.00 80.01  ? 211 VAL A CG1 1 
ATOM   1486 C  CG2 . VAL A 1 211 ? -26.639 11.100  5.276   1.00 81.02  ? 211 VAL A CG2 1 
ATOM   1487 N  N   . GLU A 1 212 ? -25.523 10.754  9.995   1.00 84.47  ? 212 GLU A N   1 
ATOM   1488 C  CA  . GLU A 1 212 ? -24.720 10.199  11.085  1.00 84.32  ? 212 GLU A CA  1 
ATOM   1489 C  C   . GLU A 1 212 ? -24.778 8.676   11.005  1.00 81.61  ? 212 GLU A C   1 
ATOM   1490 O  O   . GLU A 1 212 ? -25.747 8.044   11.433  1.00 81.48  ? 212 GLU A O   1 
ATOM   1491 C  CB  . GLU A 1 212 ? -25.213 10.701  12.445  1.00 89.48  ? 212 GLU A CB  1 
ATOM   1492 C  CG  . GLU A 1 212 ? -24.226 10.456  13.598  1.00 94.77  ? 212 GLU A CG  1 
ATOM   1493 C  CD  . GLU A 1 212 ? -24.586 11.213  14.887  1.00 99.19  ? 212 GLU A CD  1 
ATOM   1494 O  OE1 . GLU A 1 212 ? -25.484 12.093  14.844  1.00 98.21  ? 212 GLU A OE1 1 
ATOM   1495 O  OE2 . GLU A 1 212 ? -23.959 10.930  15.941  1.00 99.83  ? 212 GLU A OE2 1 
ATOM   1496 N  N   . LEU A 1 213 ? -23.724 8.102   10.447  1.00 77.66  ? 213 LEU A N   1 
ATOM   1497 C  CA  . LEU A 1 213 ? -23.636 6.671   10.244  1.00 73.24  ? 213 LEU A CA  1 
ATOM   1498 C  C   . LEU A 1 213 ? -23.620 5.773   11.473  1.00 73.06  ? 213 LEU A C   1 
ATOM   1499 O  O   . LEU A 1 213 ? -23.118 6.138   12.549  1.00 72.70  ? 213 LEU A O   1 
ATOM   1500 C  CB  . LEU A 1 213 ? -22.440 6.344   9.347   1.00 68.44  ? 213 LEU A CB  1 
ATOM   1501 C  CG  . LEU A 1 213 ? -22.355 7.021   7.975   1.00 65.14  ? 213 LEU A CG  1 
ATOM   1502 C  CD1 . LEU A 1 213 ? -21.174 6.436   7.216   1.00 61.40  ? 213 LEU A CD1 1 
ATOM   1503 C  CD2 . LEU A 1 213 ? -23.652 6.834   7.190   1.00 60.02  ? 213 LEU A CD2 1 
ATOM   1504 N  N   . LEU A 1 214 ? -24.208 4.594   11.285  1.00 74.04  ? 214 LEU A N   1 
ATOM   1505 C  CA  . LEU A 1 214 ? -24.286 3.550   12.294  1.00 75.29  ? 214 LEU A CA  1 
ATOM   1506 C  C   . LEU A 1 214 ? -23.047 2.697   12.052  1.00 74.60  ? 214 LEU A C   1 
ATOM   1507 O  O   . LEU A 1 214 ? -22.582 2.574   10.915  1.00 74.02  ? 214 LEU A O   1 
ATOM   1508 C  CB  . LEU A 1 214 ? -25.544 2.696   12.087  1.00 80.14  ? 214 LEU A CB  1 
ATOM   1509 C  CG  . LEU A 1 214 ? -26.902 3.411   11.983  1.00 85.81  ? 214 LEU A CG  1 
ATOM   1510 C  CD1 . LEU A 1 214 ? -28.013 2.433   11.599  1.00 87.41  ? 214 LEU A CD1 1 
ATOM   1511 C  CD2 . LEU A 1 214 ? -27.237 4.122   13.286  1.00 88.29  ? 214 LEU A CD2 1 
ATOM   1512 N  N   . ASP A 1 215 ? -22.536 2.086   13.112  1.00 72.48  ? 215 ASP A N   1 
ATOM   1513 C  CA  . ASP A 1 215 ? -21.338 1.257   13.040  1.00 70.07  ? 215 ASP A CA  1 
ATOM   1514 C  C   . ASP A 1 215 ? -21.164 0.374   11.830  1.00 68.18  ? 215 ASP A C   1 
ATOM   1515 O  O   . ASP A 1 215 ? -20.094 0.358   11.222  1.00 65.96  ? 215 ASP A O   1 
ATOM   1516 C  CB  . ASP A 1 215 ? -21.241 0.395   14.274  1.00 73.88  ? 215 ASP A CB  1 
ATOM   1517 C  CG  . ASP A 1 215 ? -20.809 1.174   15.458  1.00 77.65  ? 215 ASP A CG  1 
ATOM   1518 O  OD1 . ASP A 1 215 ? -19.791 1.888   15.316  1.00 80.44  ? 215 ASP A OD1 1 
ATOM   1519 O  OD2 . ASP A 1 215 ? -21.493 1.097   16.505  1.00 81.31  ? 215 ASP A OD2 1 
ATOM   1520 N  N   . ASP A 1 216 ? -22.187 -0.415  11.529  1.00 65.96  ? 216 ASP A N   1 
ATOM   1521 C  CA  . ASP A 1 216 ? -22.126 -1.313  10.392  1.00 64.17  ? 216 ASP A CA  1 
ATOM   1522 C  C   . ASP A 1 216 ? -21.802 -0.528  9.120   1.00 61.37  ? 216 ASP A C   1 
ATOM   1523 O  O   . ASP A 1 216 ? -20.852 -0.866  8.422   1.00 61.16  ? 216 ASP A O   1 
ATOM   1524 C  CB  . ASP A 1 216 ? -23.436 -2.111  10.256  1.00 67.95  ? 216 ASP A CB  1 
ATOM   1525 C  CG  . ASP A 1 216 ? -23.511 -3.330  11.207  1.00 68.15  ? 216 ASP A CG  1 
ATOM   1526 O  OD1 . ASP A 1 216 ? -23.273 -3.195  12.430  1.00 67.67  ? 216 ASP A OD1 1 
ATOM   1527 O  OD2 . ASP A 1 216 ? -23.844 -4.430  10.722  1.00 69.16  ? 216 ASP A OD2 1 
ATOM   1528 N  N   . LEU A 1 217 ? -22.519 0.568   8.878   1.00 59.18  ? 217 LEU A N   1 
ATOM   1529 C  CA  . LEU A 1 217 ? -22.280 1.389   7.690   1.00 59.29  ? 217 LEU A CA  1 
ATOM   1530 C  C   . LEU A 1 217 ? -20.870 1.968   7.678   1.00 59.27  ? 217 LEU A C   1 
ATOM   1531 O  O   . LEU A 1 217 ? -20.214 2.020   6.637   1.00 58.19  ? 217 LEU A O   1 
ATOM   1532 C  CB  . LEU A 1 217 ? -23.293 2.535   7.596   1.00 60.31  ? 217 LEU A CB  1 
ATOM   1533 C  CG  . LEU A 1 217 ? -24.630 2.265   6.914   1.00 60.01  ? 217 LEU A CG  1 
ATOM   1534 C  CD1 . LEU A 1 217 ? -24.376 1.776   5.495   1.00 59.91  ? 217 LEU A CD1 1 
ATOM   1535 C  CD2 . LEU A 1 217 ? -25.419 1.234   7.717   1.00 65.77  ? 217 LEU A CD2 1 
ATOM   1536 N  N   . ALA A 1 218 ? -20.416 2.417   8.841   1.00 59.81  ? 218 ALA A N   1 
ATOM   1537 C  CA  . ALA A 1 218 ? -19.084 2.991   8.965   1.00 60.69  ? 218 ALA A CA  1 
ATOM   1538 C  C   . ALA A 1 218 ? -18.016 1.920   8.714   1.00 61.00  ? 218 ALA A C   1 
ATOM   1539 O  O   . ALA A 1 218 ? -16.939 2.212   8.188   1.00 60.34  ? 218 ALA A O   1 
ATOM   1540 C  CB  . ALA A 1 218 ? -18.907 3.629   10.356  1.00 56.70  ? 218 ALA A CB  1 
ATOM   1541 N  N   . HIS A 1 219 ? -18.340 0.675   9.048   1.00 61.49  ? 219 HIS A N   1 
ATOM   1542 C  CA  . HIS A 1 219 ? -17.410 -0.428  8.881   1.00 61.35  ? 219 HIS A CA  1 
ATOM   1543 C  C   . HIS A 1 219 ? -17.347 -0.996  7.480   1.00 60.95  ? 219 HIS A C   1 
ATOM   1544 O  O   . HIS A 1 219 ? -16.458 -1.803  7.201   1.00 62.41  ? 219 HIS A O   1 
ATOM   1545 C  CB  . HIS A 1 219 ? -17.712 -1.550  9.881   1.00 63.27  ? 219 HIS A CB  1 
ATOM   1546 C  CG  . HIS A 1 219 ? -17.044 -1.376  11.213  1.00 68.62  ? 219 HIS A CG  1 
ATOM   1547 N  ND1 . HIS A 1 219 ? -17.572 -0.600  12.224  1.00 70.82  ? 219 HIS A ND1 1 
ATOM   1548 C  CD2 . HIS A 1 219 ? -15.887 -1.886  11.702  1.00 69.71  ? 219 HIS A CD2 1 
ATOM   1549 C  CE1 . HIS A 1 219 ? -16.773 -0.638  13.275  1.00 70.95  ? 219 HIS A CE1 1 
ATOM   1550 N  NE2 . HIS A 1 219 ? -15.744 -1.412  12.986  1.00 70.17  ? 219 HIS A NE2 1 
ATOM   1551 N  N   . THR A 1 220 ? -18.255 -0.573  6.598   1.00 60.19  ? 220 THR A N   1 
ATOM   1552 C  CA  . THR A 1 220 ? -18.286 -1.092  5.219   1.00 60.41  ? 220 THR A CA  1 
ATOM   1553 C  C   . THR A 1 220 ? -18.252 -0.087  4.074   1.00 59.07  ? 220 THR A C   1 
ATOM   1554 O  O   . THR A 1 220 ? -17.955 -0.461  2.937   1.00 59.53  ? 220 THR A O   1 
ATOM   1555 C  CB  . THR A 1 220 ? -19.503 -2.040  4.957   1.00 58.57  ? 220 THR A CB  1 
ATOM   1556 O  OG1 . THR A 1 220 ? -20.671 -1.543  5.624   1.00 58.29  ? 220 THR A OG1 1 
ATOM   1557 C  CG2 . THR A 1 220 ? -19.203 -3.458  5.400   1.00 56.96  ? 220 THR A CG2 1 
ATOM   1558 N  N   . ILE A 1 221 ? -18.632 1.156   4.342   1.00 59.91  ? 221 ILE A N   1 
ATOM   1559 C  CA  . ILE A 1 221 ? -18.624 2.174   3.304   1.00 61.04  ? 221 ILE A CA  1 
ATOM   1560 C  C   . ILE A 1 221 ? -17.175 2.575   3.011   1.00 65.24  ? 221 ILE A C   1 
ATOM   1561 O  O   . ILE A 1 221 ? -16.423 2.917   3.936   1.00 62.98  ? 221 ILE A O   1 
ATOM   1562 C  CB  . ILE A 1 221 ? -19.432 3.398   3.736   1.00 58.02  ? 221 ILE A CB  1 
ATOM   1563 C  CG1 . ILE A 1 221 ? -20.903 3.021   3.897   1.00 55.24  ? 221 ILE A CG1 1 
ATOM   1564 C  CG2 . ILE A 1 221 ? -19.294 4.497   2.706   1.00 63.42  ? 221 ILE A CG2 1 
ATOM   1565 C  CD1 . ILE A 1 221 ? -21.795 4.205   4.165   1.00 50.29  ? 221 ILE A CD1 1 
ATOM   1566 N  N   . ARG A 1 222 ? -16.779 2.513   1.737   1.00 69.91  ? 222 ARG A N   1 
ATOM   1567 C  CA  . ARG A 1 222 ? -15.410 2.850   1.333   1.00 73.85  ? 222 ARG A CA  1 
ATOM   1568 C  C   . ARG A 1 222 ? -15.197 4.206   0.675   1.00 75.40  ? 222 ARG A C   1 
ATOM   1569 O  O   . ARG A 1 222 ? -15.520 4.385   -0.498  1.00 73.80  ? 222 ARG A O   1 
ATOM   1570 C  CB  . ARG A 1 222 ? -14.819 1.760   0.431   1.00 74.48  ? 222 ARG A CB  1 
ATOM   1571 C  CG  . ARG A 1 222 ? -14.187 0.602   1.184   1.00 77.16  ? 222 ARG A CG  1 
ATOM   1572 C  CD  . ARG A 1 222 ? -15.119 -0.594  1.297   1.00 82.00  ? 222 ARG A CD  1 
ATOM   1573 N  NE  . ARG A 1 222 ? -14.734 -1.515  2.367   1.00 87.69  ? 222 ARG A NE  1 
ATOM   1574 C  CZ  . ARG A 1 222 ? -13.526 -2.056  2.525   1.00 88.82  ? 222 ARG A CZ  1 
ATOM   1575 N  NH1 . ARG A 1 222 ? -12.537 -1.791  1.678   1.00 87.87  ? 222 ARG A NH1 1 
ATOM   1576 N  NH2 . ARG A 1 222 ? -13.305 -2.859  3.553   1.00 89.75  ? 222 ARG A NH2 1 
ATOM   1577 N  N   . ILE A 1 223 ? -14.636 5.145   1.438   1.00 79.26  ? 223 ILE A N   1 
ATOM   1578 C  CA  . ILE A 1 223 ? -14.327 6.488   0.947   1.00 82.78  ? 223 ILE A CA  1 
ATOM   1579 C  C   . ILE A 1 223 ? -12.838 6.564   0.647   1.00 85.44  ? 223 ILE A C   1 
ATOM   1580 O  O   . ILE A 1 223 ? -12.004 6.688   1.555   1.00 84.66  ? 223 ILE A O   1 
ATOM   1581 C  CB  . ILE A 1 223 ? -14.694 7.620   1.959   1.00 82.45  ? 223 ILE A CB  1 
ATOM   1582 C  CG1 . ILE A 1 223 ? -14.023 7.393   3.319   1.00 82.93  ? 223 ILE A CG1 1 
ATOM   1583 C  CG2 . ILE A 1 223 ? -16.199 7.748   2.086   1.00 82.39  ? 223 ILE A CG2 1 
ATOM   1584 C  CD1 . ILE A 1 223 ? -14.166 8.556   4.288   1.00 84.26  ? 223 ILE A CD1 1 
ATOM   1585 N  N   . GLU A 1 224 ? -12.504 6.412   -0.625  1.00 88.51  ? 224 GLU A N   1 
ATOM   1586 C  CA  . GLU A 1 224 ? -11.118 6.473   -1.045  1.00 92.55  ? 224 GLU A CA  1 
ATOM   1587 C  C   . GLU A 1 224 ? -10.971 7.618   -2.041  1.00 93.82  ? 224 GLU A C   1 
ATOM   1588 O  O   . GLU A 1 224 ? -11.264 7.393   -3.235  1.00 94.82  ? 224 GLU A O   1 
ATOM   1589 C  CB  . GLU A 1 224 ? -10.692 5.147   -1.669  1.00 94.05  ? 224 GLU A CB  1 
HETATM 1590 CD CD  . CD  B 2 .   ? 16.207  0.139   -7.625  1.00 40.67  ? 290 CD  A CD  1 
HETATM 1591 S  S   . SO4 C 3 .   ? 15.119  -2.274  -8.009  0.50 45.61  ? 303 SO4 A S   1 
HETATM 1592 O  O1  . SO4 C 3 .   ? 14.259  -3.217  -7.185  0.50 45.44  ? 303 SO4 A O1  1 
HETATM 1593 O  O2  . SO4 C 3 .   ? 14.271  -1.163  -8.610  0.50 40.50  ? 303 SO4 A O2  1 
HETATM 1594 O  O3  . SO4 C 3 .   ? 16.169  -1.669  -7.109  0.50 45.69  ? 303 SO4 A O3  1 
HETATM 1595 O  O4  . SO4 C 3 .   ? 15.773  -3.064  -9.125  0.50 46.01  ? 303 SO4 A O4  1 
HETATM 1596 O  O   . HOH D 4 .   ? 8.438   -16.373 -2.236  1.00 44.17  ? 401 HOH A O   1 
HETATM 1597 O  O   . HOH D 4 .   ? 22.562  8.683   -3.235  1.00 49.08  ? 403 HOH A O   1 
HETATM 1598 O  O   . HOH D 4 .   ? 7.663   1.198   3.511   1.00 43.79  ? 404 HOH A O   1 
HETATM 1599 O  O   . HOH D 4 .   ? 2.839   -8.230  -6.438  1.00 60.57  ? 405 HOH A O   1 
HETATM 1600 O  O   . HOH D 4 .   ? 2.908   4.103   5.178   1.00 50.00  ? 406 HOH A O   1 
HETATM 1601 O  O   . HOH D 4 .   ? 26.683  -11.731 11.705  1.00 41.76  ? 407 HOH A O   1 
HETATM 1602 O  O   . HOH D 4 .   ? 23.358  14.609  -8.751  1.00 42.89  ? 408 HOH A O   1 
HETATM 1603 O  O   . HOH D 4 .   ? 0.983   -4.080  -1.629  1.00 72.96  ? 409 HOH A O   1 
HETATM 1604 O  O   . HOH D 4 .   ? -29.089 -5.636  2.611   1.00 62.32  ? 410 HOH A O   1 
HETATM 1605 O  O   . HOH D 4 .   ? 22.397  -12.818 -4.385  1.00 56.75  ? 411 HOH A O   1 
HETATM 1606 O  O   . HOH D 4 .   ? -28.642 1.741   7.695   1.00 59.77  ? 412 HOH A O   1 
HETATM 1607 O  O   . HOH D 4 .   ? 14.676  -7.494  -9.715  1.00 74.59  ? 413 HOH A O   1 
HETATM 1608 O  O   . HOH D 4 .   ? 10.822  -20.190 12.979  1.00 72.30  ? 414 HOH A O   1 
HETATM 1609 O  O   . HOH D 4 .   ? -30.849 12.190  3.852   1.00 68.71  ? 415 HOH A O   1 
HETATM 1610 O  O   . HOH D 4 .   ? 5.010   -18.954 11.889  1.00 49.26  ? 416 HOH A O   1 
HETATM 1611 O  O   . HOH D 4 .   ? 7.550   -14.353 16.810  1.00 74.81  ? 418 HOH A O   1 
HETATM 1612 O  O   . HOH D 4 .   ? 22.674  3.922   -6.810  1.00 40.84  ? 419 HOH A O   1 
HETATM 1613 O  O   . HOH D 4 .   ? -9.441  -3.534  5.064   1.00 47.51  ? 420 HOH A O   1 
HETATM 1614 O  O   . HOH D 4 .   ? 7.140   -6.951  -10.778 1.00 48.84  ? 421 HOH A O   1 
HETATM 1615 O  O   . HOH D 4 .   ? 21.147  3.864   -9.489  1.00 32.13  ? 422 HOH A O   1 
HETATM 1616 O  O   . HOH D 4 .   ? 8.071   -11.225 -7.863  1.00 48.28  ? 423 HOH A O   1 
HETATM 1617 O  O   . HOH D 4 .   ? -23.938 -3.999  -2.305  1.00 71.52  ? 424 HOH A O   1 
HETATM 1618 O  O   . HOH D 4 .   ? 15.495  15.276  -15.002 1.00 58.88  ? 425 HOH A O   1 
HETATM 1619 O  O   . HOH D 4 .   ? 14.958  5.439   -17.979 1.00 41.25  ? 426 HOH A O   1 
HETATM 1620 O  O   . HOH D 4 .   ? -34.219 -2.146  9.872   1.00 61.36  ? 427 HOH A O   1 
HETATM 1621 O  O   . HOH D 4 .   ? -0.641  -1.863  -0.277  1.00 70.70  ? 428 HOH A O   1 
HETATM 1622 O  O   . HOH D 4 .   ? 16.383  -1.046  2.097   1.00 58.40  ? 429 HOH A O   1 
HETATM 1623 O  O   . HOH D 4 .   ? 12.306  6.764   -18.141 1.00 61.64  ? 430 HOH A O   1 
HETATM 1624 O  O   . HOH D 4 .   ? 8.208   17.342  -14.435 1.00 57.65  ? 431 HOH A O   1 
HETATM 1625 O  O   . HOH D 4 .   ? 5.048   -24.847 1.996   1.00 43.42  ? 432 HOH A O   1 
HETATM 1626 O  O   . HOH D 4 .   ? -34.778 6.311   5.640   1.00 77.59  ? 433 HOH A O   1 
HETATM 1627 O  O   . HOH D 4 .   ? 22.807  -5.148  10.067  1.00 73.85  ? 434 HOH A O   1 
HETATM 1628 O  O   . HOH D 4 .   ? 22.841  10.273  2.975   1.00 43.96  ? 435 HOH A O   1 
HETATM 1629 O  O   . HOH D 4 .   ? 16.407  -5.363  -10.433 1.00 67.83  ? 436 HOH A O   1 
HETATM 1630 O  O   . HOH D 4 .   ? 9.892   8.892   -18.807 1.00 57.86  ? 437 HOH A O   1 
HETATM 1631 O  O   . HOH D 4 .   ? 6.971   2.361   -20.396 1.00 54.02  ? 438 HOH A O   1 
HETATM 1632 O  O   . HOH D 4 .   ? 0.452   19.302  -6.825  1.00 52.66  ? 439 HOH A O   1 
HETATM 1633 O  O   . HOH D 4 .   ? 11.394  -6.538  -15.053 1.00 83.12  ? 440 HOH A O   1 
HETATM 1634 O  O   . HOH D 4 .   ? 24.140  -4.341  -0.707  1.00 82.53  ? 441 HOH A O   1 
HETATM 1635 O  O   . HOH D 4 .   ? -27.617 16.700  -1.792  1.00 62.08  ? 442 HOH A O   1 
HETATM 1636 O  O   . HOH D 4 .   ? 23.835  0.765   -5.780  1.00 64.19  ? 443 HOH A O   1 
HETATM 1637 O  O   . HOH D 4 .   ? 18.596  -21.151 1.508   1.00 56.47  ? 444 HOH A O   1 
HETATM 1638 O  O   . HOH D 4 .   ? 18.564  -6.003  -8.592  1.00 86.59  ? 445 HOH A O   1 
HETATM 1639 O  O   . HOH D 4 .   ? 6.142   -19.923 14.385  1.00 83.16  ? 446 HOH A O   1 
HETATM 1640 O  O   . HOH D 4 .   ? 1.636   -12.668 13.102  1.00 82.38  ? 447 HOH A O   1 
HETATM 1641 O  O   . HOH D 4 .   ? 22.559  -11.573 -6.685  1.00 62.83  ? 448 HOH A O   1 
HETATM 1642 O  O   . HOH D 4 .   ? 19.310  -4.620  -6.259  1.00 79.25  ? 449 HOH A O   1 
HETATM 1643 O  O   . HOH D 4 .   ? 7.617   -8.447  -13.102 1.00 69.86  ? 450 HOH A O   1 
HETATM 1644 O  O   . HOH D 4 .   ? 0.485   5.742   5.309   1.00 67.87  ? 451 HOH A O   1 
HETATM 1645 O  O   . HOH D 4 .   ? 14.445  -1.175  -11.257 1.00 44.19  ? 452 HOH A O   1 
HETATM 1646 O  O   . HOH D 4 .   ? 8.673   1.737   7.113   1.00 61.72  ? 453 HOH A O   1 
HETATM 1647 O  O   . HOH D 4 .   ? 22.029  -4.749  4.921   1.00 60.43  ? 454 HOH A O   1 
HETATM 1648 O  O   . HOH D 4 .   ? 27.313  -8.519  -3.092  1.00 66.04  ? 455 HOH A O   1 
HETATM 1649 O  O   . HOH D 4 .   ? -11.658 -1.407  11.570  1.00 57.40  ? 456 HOH A O   1 
HETATM 1650 O  O   . HOH D 4 .   ? -35.418 0.114   6.986   1.00 77.54  ? 457 HOH A O   1 
HETATM 1651 O  O   . HOH D 4 .   ? 12.177  -17.746 -8.177  1.00 51.34  ? 458 HOH A O   1 
HETATM 1652 O  O   . HOH D 4 .   ? 24.263  17.399  -7.305  1.00 64.97  ? 459 HOH A O   1 
HETATM 1653 O  O   . HOH D 4 .   ? -36.621 -3.982  7.652   1.00 85.98  ? 460 HOH A O   1 
HETATM 1654 O  O   . HOH D 4 .   ? -20.917 -0.114  -3.404  1.00 60.14  ? 461 HOH A O   1 
HETATM 1655 O  O   . HOH D 4 .   ? 2.745   -4.960  -12.103 1.00 91.97  ? 463 HOH A O   1 
HETATM 1656 O  O   . HOH D 4 .   ? 5.281   0.166   -21.189 1.00 65.82  ? 464 HOH A O   1 
HETATM 1657 O  O   . HOH D 4 .   ? 9.138   -17.767 -5.371  1.00 81.46  ? 465 HOH A O   1 
HETATM 1658 O  O   . HOH D 4 .   ? 16.176  -19.010 7.917   1.00 70.12  ? 466 HOH A O   1 
HETATM 1659 O  O   . HOH D 4 .   ? -33.170 -3.504  11.996  1.00 69.34  ? 467 HOH A O   1 
HETATM 1660 O  O   . HOH D 4 .   ? 6.400   3.632   4.553   1.00 52.08  ? 468 HOH A O   1 
HETATM 1661 O  O   . HOH D 4 .   ? 17.275  -0.548  -9.691  1.00 69.55  ? 469 HOH A O   1 
HETATM 1662 O  O   . HOH D 4 .   ? 25.513  -15.231 -7.284  1.00 59.24  ? 470 HOH A O   1 
HETATM 1663 O  O   . HOH D 4 .   ? 6.749   13.713  -14.594 1.00 79.44  ? 471 HOH A O   1 
HETATM 1664 O  O   . HOH D 4 .   ? 9.691   -16.229 -10.467 1.00 63.18  ? 472 HOH A O   1 
HETATM 1665 O  O   . HOH D 4 .   ? 10.752  18.231  -13.767 1.00 64.96  ? 473 HOH A O   1 
HETATM 1666 O  O   . HOH D 4 .   ? -27.250 3.480   -3.707  1.00 58.01  ? 474 HOH A O   1 
# 
